data_1Z0F
# 
_entry.id   1Z0F 
# 
_audit_conform.dict_name       mmcif_pdbx.dic 
_audit_conform.dict_version    5.389 
_audit_conform.dict_location   http://mmcif.pdb.org/dictionaries/ascii/mmcif_pdbx.dic 
# 
loop_
_database_2.database_id 
_database_2.database_code 
_database_2.pdbx_database_accession 
_database_2.pdbx_DOI 
PDB   1Z0F         pdb_00001z0f 10.2210/pdb1z0f/pdb 
RCSB  RCSB032140   ?            ?                   
WWPDB D_1000032140 ?            ?                   
# 
loop_
_pdbx_audit_revision_history.ordinal 
_pdbx_audit_revision_history.data_content_type 
_pdbx_audit_revision_history.major_revision 
_pdbx_audit_revision_history.minor_revision 
_pdbx_audit_revision_history.revision_date 
1 'Structure model' 1 0 2005-07-26 
2 'Structure model' 1 1 2008-04-30 
3 'Structure model' 1 2 2011-07-13 
4 'Structure model' 1 3 2024-02-14 
5 'Structure model' 1 4 2024-04-03 
# 
_pdbx_audit_revision_details.ordinal             1 
_pdbx_audit_revision_details.revision_ordinal    1 
_pdbx_audit_revision_details.data_content_type   'Structure model' 
_pdbx_audit_revision_details.provider            repository 
_pdbx_audit_revision_details.type                'Initial release' 
_pdbx_audit_revision_details.description         ? 
_pdbx_audit_revision_details.details             ? 
# 
loop_
_pdbx_audit_revision_group.ordinal 
_pdbx_audit_revision_group.revision_ordinal 
_pdbx_audit_revision_group.data_content_type 
_pdbx_audit_revision_group.group 
1 2 'Structure model' 'Version format compliance' 
2 3 'Structure model' 'Version format compliance' 
3 4 'Structure model' 'Data collection'           
4 4 'Structure model' 'Database references'       
5 4 'Structure model' 'Derived calculations'      
6 5 'Structure model' 'Refinement description'    
# 
loop_
_pdbx_audit_revision_category.ordinal 
_pdbx_audit_revision_category.revision_ordinal 
_pdbx_audit_revision_category.data_content_type 
_pdbx_audit_revision_category.category 
1 4 'Structure model' chem_comp_atom                
2 4 'Structure model' chem_comp_bond                
3 4 'Structure model' database_2                    
4 4 'Structure model' pdbx_struct_conn_angle        
5 4 'Structure model' struct_conn                   
6 4 'Structure model' struct_ref_seq_dif            
7 4 'Structure model' struct_site                   
8 5 'Structure model' pdbx_initial_refinement_model 
# 
loop_
_pdbx_audit_revision_item.ordinal 
_pdbx_audit_revision_item.revision_ordinal 
_pdbx_audit_revision_item.data_content_type 
_pdbx_audit_revision_item.item 
1  4 'Structure model' '_database_2.pdbx_DOI'                        
2  4 'Structure model' '_database_2.pdbx_database_accession'         
3  4 'Structure model' '_pdbx_struct_conn_angle.ptnr1_auth_comp_id'  
4  4 'Structure model' '_pdbx_struct_conn_angle.ptnr1_auth_seq_id'   
5  4 'Structure model' '_pdbx_struct_conn_angle.ptnr1_label_asym_id' 
6  4 'Structure model' '_pdbx_struct_conn_angle.ptnr1_label_atom_id' 
7  4 'Structure model' '_pdbx_struct_conn_angle.ptnr1_label_comp_id' 
8  4 'Structure model' '_pdbx_struct_conn_angle.ptnr1_label_seq_id'  
9  4 'Structure model' '_pdbx_struct_conn_angle.ptnr3_auth_comp_id'  
10 4 'Structure model' '_pdbx_struct_conn_angle.ptnr3_auth_seq_id'   
11 4 'Structure model' '_pdbx_struct_conn_angle.ptnr3_label_asym_id' 
12 4 'Structure model' '_pdbx_struct_conn_angle.ptnr3_label_atom_id' 
13 4 'Structure model' '_pdbx_struct_conn_angle.ptnr3_label_comp_id' 
14 4 'Structure model' '_pdbx_struct_conn_angle.ptnr3_label_seq_id'  
15 4 'Structure model' '_pdbx_struct_conn_angle.value'               
16 4 'Structure model' '_struct_conn.pdbx_dist_value'                
17 4 'Structure model' '_struct_conn.ptnr1_auth_comp_id'             
18 4 'Structure model' '_struct_conn.ptnr1_auth_seq_id'              
19 4 'Structure model' '_struct_conn.ptnr1_label_asym_id'            
20 4 'Structure model' '_struct_conn.ptnr1_label_atom_id'            
21 4 'Structure model' '_struct_conn.ptnr1_label_comp_id'            
22 4 'Structure model' '_struct_conn.ptnr1_label_seq_id'             
23 4 'Structure model' '_struct_conn.ptnr2_auth_comp_id'             
24 4 'Structure model' '_struct_conn.ptnr2_auth_seq_id'              
25 4 'Structure model' '_struct_conn.ptnr2_label_asym_id'            
26 4 'Structure model' '_struct_conn.ptnr2_label_atom_id'            
27 4 'Structure model' '_struct_conn.ptnr2_label_comp_id'            
28 4 'Structure model' '_struct_conn.ptnr2_label_seq_id'             
29 4 'Structure model' '_struct_ref_seq_dif.details'                 
30 4 'Structure model' '_struct_site.pdbx_auth_asym_id'              
31 4 'Structure model' '_struct_site.pdbx_auth_comp_id'              
32 4 'Structure model' '_struct_site.pdbx_auth_seq_id'               
# 
_pdbx_database_status.status_code                     REL 
_pdbx_database_status.entry_id                        1Z0F 
_pdbx_database_status.recvd_initial_deposition_date   2005-03-01 
_pdbx_database_status.deposit_site                    RCSB 
_pdbx_database_status.process_site                    RCSB 
_pdbx_database_status.status_code_sf                  REL 
_pdbx_database_status.status_code_mr                  ? 
_pdbx_database_status.SG_entry                        ? 
_pdbx_database_status.pdb_format_compatible           Y 
_pdbx_database_status.status_code_cs                  ? 
_pdbx_database_status.status_code_nmr_data            ? 
_pdbx_database_status.methods_development_category    ? 
# 
loop_
_audit_author.name 
_audit_author.pdbx_ordinal 
'Eathiraj, S.'    1 
'Pan, X.'         2 
'Ritacco, C.'     3 
'Lambright, D.G.' 4 
# 
_citation.id                        primary 
_citation.title                     'Structural basis of family-wide Rab GTPase recognition by rabenosyn-5.' 
_citation.journal_abbrev            Nature 
_citation.journal_volume            436 
_citation.page_first                415 
_citation.page_last                 419 
_citation.year                      2005 
_citation.journal_id_ASTM           NATUAS 
_citation.country                   UK 
_citation.journal_id_ISSN           0028-0836 
_citation.journal_id_CSD            0006 
_citation.book_publisher            ? 
_citation.pdbx_database_id_PubMed   16034420 
_citation.pdbx_database_id_DOI      10.1038/nature03798 
# 
loop_
_citation_author.citation_id 
_citation_author.name 
_citation_author.ordinal 
_citation_author.identifier_ORCID 
primary 'Eathiraj, S.'    1 ? 
primary 'Pan, X.'         2 ? 
primary 'Ritacco, C.'     3 ? 
primary 'Lambright, D.G.' 4 ? 
# 
loop_
_entity.id 
_entity.type 
_entity.src_method 
_entity.pdbx_description 
_entity.formula_weight 
_entity.pdbx_number_of_molecules 
_entity.pdbx_ec 
_entity.pdbx_mutation 
_entity.pdbx_fragment 
_entity.details 
1 polymer     man 'RAB14, member RAS oncogene family' 20098.721 1  ? ? ? ? 
2 non-polymer syn 'MAGNESIUM ION'                     24.305    1  ? ? ? ? 
3 non-polymer syn "GUANOSINE-5'-DIPHOSPHATE"          443.201   1  ? ? ? ? 
4 water       nat water                               18.015    88 ? ? ? ? 
# 
_entity_poly.entity_id                      1 
_entity_poly.type                           'polypeptide(L)' 
_entity_poly.nstd_linkage                   no 
_entity_poly.nstd_monomer                   no 
_entity_poly.pdbx_seq_one_letter_code       
;GPLGSATAPYNYSYIFKYIIIGDMGVGKSCLLHQFTEKKFMADCPHTIGVEFGTRIIEVSGQKIKLQIWDTAGQERFRAV
TRSYYRGAAGALMVYDITRRSTYNHLSSWLTDARNLTNPNTVIILIGNKADLEAQRDVTYEEAKQFAEENGLLFLEASAK
TGENVEDAFLEAAKKIYQN
;
_entity_poly.pdbx_seq_one_letter_code_can   
;GPLGSATAPYNYSYIFKYIIIGDMGVGKSCLLHQFTEKKFMADCPHTIGVEFGTRIIEVSGQKIKLQIWDTAGQERFRAV
TRSYYRGAAGALMVYDITRRSTYNHLSSWLTDARNLTNPNTVIILIGNKADLEAQRDVTYEEAKQFAEENGLLFLEASAK
TGENVEDAFLEAAKKIYQN
;
_entity_poly.pdbx_strand_id                 A 
_entity_poly.pdbx_target_identifier         ? 
# 
loop_
_pdbx_entity_nonpoly.entity_id 
_pdbx_entity_nonpoly.name 
_pdbx_entity_nonpoly.comp_id 
2 'MAGNESIUM ION'            MG  
3 "GUANOSINE-5'-DIPHOSPHATE" GDP 
4 water                      HOH 
# 
loop_
_entity_poly_seq.entity_id 
_entity_poly_seq.num 
_entity_poly_seq.mon_id 
_entity_poly_seq.hetero 
1 1   GLY n 
1 2   PRO n 
1 3   LEU n 
1 4   GLY n 
1 5   SER n 
1 6   ALA n 
1 7   THR n 
1 8   ALA n 
1 9   PRO n 
1 10  TYR n 
1 11  ASN n 
1 12  TYR n 
1 13  SER n 
1 14  TYR n 
1 15  ILE n 
1 16  PHE n 
1 17  LYS n 
1 18  TYR n 
1 19  ILE n 
1 20  ILE n 
1 21  ILE n 
1 22  GLY n 
1 23  ASP n 
1 24  MET n 
1 25  GLY n 
1 26  VAL n 
1 27  GLY n 
1 28  LYS n 
1 29  SER n 
1 30  CYS n 
1 31  LEU n 
1 32  LEU n 
1 33  HIS n 
1 34  GLN n 
1 35  PHE n 
1 36  THR n 
1 37  GLU n 
1 38  LYS n 
1 39  LYS n 
1 40  PHE n 
1 41  MET n 
1 42  ALA n 
1 43  ASP n 
1 44  CYS n 
1 45  PRO n 
1 46  HIS n 
1 47  THR n 
1 48  ILE n 
1 49  GLY n 
1 50  VAL n 
1 51  GLU n 
1 52  PHE n 
1 53  GLY n 
1 54  THR n 
1 55  ARG n 
1 56  ILE n 
1 57  ILE n 
1 58  GLU n 
1 59  VAL n 
1 60  SER n 
1 61  GLY n 
1 62  GLN n 
1 63  LYS n 
1 64  ILE n 
1 65  LYS n 
1 66  LEU n 
1 67  GLN n 
1 68  ILE n 
1 69  TRP n 
1 70  ASP n 
1 71  THR n 
1 72  ALA n 
1 73  GLY n 
1 74  GLN n 
1 75  GLU n 
1 76  ARG n 
1 77  PHE n 
1 78  ARG n 
1 79  ALA n 
1 80  VAL n 
1 81  THR n 
1 82  ARG n 
1 83  SER n 
1 84  TYR n 
1 85  TYR n 
1 86  ARG n 
1 87  GLY n 
1 88  ALA n 
1 89  ALA n 
1 90  GLY n 
1 91  ALA n 
1 92  LEU n 
1 93  MET n 
1 94  VAL n 
1 95  TYR n 
1 96  ASP n 
1 97  ILE n 
1 98  THR n 
1 99  ARG n 
1 100 ARG n 
1 101 SER n 
1 102 THR n 
1 103 TYR n 
1 104 ASN n 
1 105 HIS n 
1 106 LEU n 
1 107 SER n 
1 108 SER n 
1 109 TRP n 
1 110 LEU n 
1 111 THR n 
1 112 ASP n 
1 113 ALA n 
1 114 ARG n 
1 115 ASN n 
1 116 LEU n 
1 117 THR n 
1 118 ASN n 
1 119 PRO n 
1 120 ASN n 
1 121 THR n 
1 122 VAL n 
1 123 ILE n 
1 124 ILE n 
1 125 LEU n 
1 126 ILE n 
1 127 GLY n 
1 128 ASN n 
1 129 LYS n 
1 130 ALA n 
1 131 ASP n 
1 132 LEU n 
1 133 GLU n 
1 134 ALA n 
1 135 GLN n 
1 136 ARG n 
1 137 ASP n 
1 138 VAL n 
1 139 THR n 
1 140 TYR n 
1 141 GLU n 
1 142 GLU n 
1 143 ALA n 
1 144 LYS n 
1 145 GLN n 
1 146 PHE n 
1 147 ALA n 
1 148 GLU n 
1 149 GLU n 
1 150 ASN n 
1 151 GLY n 
1 152 LEU n 
1 153 LEU n 
1 154 PHE n 
1 155 LEU n 
1 156 GLU n 
1 157 ALA n 
1 158 SER n 
1 159 ALA n 
1 160 LYS n 
1 161 THR n 
1 162 GLY n 
1 163 GLU n 
1 164 ASN n 
1 165 VAL n 
1 166 GLU n 
1 167 ASP n 
1 168 ALA n 
1 169 PHE n 
1 170 LEU n 
1 171 GLU n 
1 172 ALA n 
1 173 ALA n 
1 174 LYS n 
1 175 LYS n 
1 176 ILE n 
1 177 TYR n 
1 178 GLN n 
1 179 ASN n 
# 
_entity_src_gen.entity_id                          1 
_entity_src_gen.pdbx_src_id                        1 
_entity_src_gen.pdbx_alt_source_flag               sample 
_entity_src_gen.pdbx_seq_type                      ? 
_entity_src_gen.pdbx_beg_seq_num                   ? 
_entity_src_gen.pdbx_end_seq_num                   ? 
_entity_src_gen.gene_src_common_name               human 
_entity_src_gen.gene_src_genus                     Homo 
_entity_src_gen.pdbx_gene_src_gene                 ? 
_entity_src_gen.gene_src_species                   ? 
_entity_src_gen.gene_src_strain                    ? 
_entity_src_gen.gene_src_tissue                    ? 
_entity_src_gen.gene_src_tissue_fraction           ? 
_entity_src_gen.gene_src_details                   ? 
_entity_src_gen.pdbx_gene_src_fragment             ? 
_entity_src_gen.pdbx_gene_src_scientific_name      'Homo sapiens' 
_entity_src_gen.pdbx_gene_src_ncbi_taxonomy_id     9606 
_entity_src_gen.pdbx_gene_src_variant              ? 
_entity_src_gen.pdbx_gene_src_cell_line            ? 
_entity_src_gen.pdbx_gene_src_atcc                 ? 
_entity_src_gen.pdbx_gene_src_organ                ? 
_entity_src_gen.pdbx_gene_src_organelle            ? 
_entity_src_gen.pdbx_gene_src_cell                 ? 
_entity_src_gen.pdbx_gene_src_cellular_location    ? 
_entity_src_gen.host_org_common_name               ? 
_entity_src_gen.pdbx_host_org_scientific_name      'Escherichia coli' 
_entity_src_gen.pdbx_host_org_ncbi_taxonomy_id     562 
_entity_src_gen.host_org_genus                     Escherichia 
_entity_src_gen.pdbx_host_org_gene                 ? 
_entity_src_gen.pdbx_host_org_organ                ? 
_entity_src_gen.host_org_species                   ? 
_entity_src_gen.pdbx_host_org_tissue               ? 
_entity_src_gen.pdbx_host_org_tissue_fraction      ? 
_entity_src_gen.pdbx_host_org_strain               'BL21 (DE3) Codon Plus-RIL Cells' 
_entity_src_gen.pdbx_host_org_variant              ? 
_entity_src_gen.pdbx_host_org_cell_line            ? 
_entity_src_gen.pdbx_host_org_atcc                 ? 
_entity_src_gen.pdbx_host_org_culture_collection   ? 
_entity_src_gen.pdbx_host_org_cell                 ? 
_entity_src_gen.pdbx_host_org_organelle            ? 
_entity_src_gen.pdbx_host_org_cellular_location    ? 
_entity_src_gen.pdbx_host_org_vector_type          'GST fusion, pGEX' 
_entity_src_gen.pdbx_host_org_vector               ? 
_entity_src_gen.host_org_details                   ? 
_entity_src_gen.expression_system_id               ? 
_entity_src_gen.plasmid_name                       pGEX6P1 
_entity_src_gen.plasmid_details                    ? 
_entity_src_gen.pdbx_description                   ? 
# 
loop_
_chem_comp.id 
_chem_comp.type 
_chem_comp.mon_nstd_flag 
_chem_comp.name 
_chem_comp.pdbx_synonyms 
_chem_comp.formula 
_chem_comp.formula_weight 
ALA 'L-peptide linking' y ALANINE                    ? 'C3 H7 N O2'        89.093  
ARG 'L-peptide linking' y ARGININE                   ? 'C6 H15 N4 O2 1'    175.209 
ASN 'L-peptide linking' y ASPARAGINE                 ? 'C4 H8 N2 O3'       132.118 
ASP 'L-peptide linking' y 'ASPARTIC ACID'            ? 'C4 H7 N O4'        133.103 
CYS 'L-peptide linking' y CYSTEINE                   ? 'C3 H7 N O2 S'      121.158 
GDP 'RNA linking'       n "GUANOSINE-5'-DIPHOSPHATE" ? 'C10 H15 N5 O11 P2' 443.201 
GLN 'L-peptide linking' y GLUTAMINE                  ? 'C5 H10 N2 O3'      146.144 
GLU 'L-peptide linking' y 'GLUTAMIC ACID'            ? 'C5 H9 N O4'        147.129 
GLY 'peptide linking'   y GLYCINE                    ? 'C2 H5 N O2'        75.067  
HIS 'L-peptide linking' y HISTIDINE                  ? 'C6 H10 N3 O2 1'    156.162 
HOH non-polymer         . WATER                      ? 'H2 O'              18.015  
ILE 'L-peptide linking' y ISOLEUCINE                 ? 'C6 H13 N O2'       131.173 
LEU 'L-peptide linking' y LEUCINE                    ? 'C6 H13 N O2'       131.173 
LYS 'L-peptide linking' y LYSINE                     ? 'C6 H15 N2 O2 1'    147.195 
MET 'L-peptide linking' y METHIONINE                 ? 'C5 H11 N O2 S'     149.211 
MG  non-polymer         . 'MAGNESIUM ION'            ? 'Mg 2'              24.305  
PHE 'L-peptide linking' y PHENYLALANINE              ? 'C9 H11 N O2'       165.189 
PRO 'L-peptide linking' y PROLINE                    ? 'C5 H9 N O2'        115.130 
SER 'L-peptide linking' y SERINE                     ? 'C3 H7 N O3'        105.093 
THR 'L-peptide linking' y THREONINE                  ? 'C4 H9 N O3'        119.119 
TRP 'L-peptide linking' y TRYPTOPHAN                 ? 'C11 H12 N2 O2'     204.225 
TYR 'L-peptide linking' y TYROSINE                   ? 'C9 H11 N O3'       181.189 
VAL 'L-peptide linking' y VALINE                     ? 'C5 H11 N O2'       117.146 
# 
loop_
_pdbx_poly_seq_scheme.asym_id 
_pdbx_poly_seq_scheme.entity_id 
_pdbx_poly_seq_scheme.seq_id 
_pdbx_poly_seq_scheme.mon_id 
_pdbx_poly_seq_scheme.ndb_seq_num 
_pdbx_poly_seq_scheme.pdb_seq_num 
_pdbx_poly_seq_scheme.auth_seq_num 
_pdbx_poly_seq_scheme.pdb_mon_id 
_pdbx_poly_seq_scheme.auth_mon_id 
_pdbx_poly_seq_scheme.pdb_strand_id 
_pdbx_poly_seq_scheme.pdb_ins_code 
_pdbx_poly_seq_scheme.hetero 
A 1 1   GLY 1   -3  ?   ?   ?   A . n 
A 1 2   PRO 2   -2  ?   ?   ?   A . n 
A 1 3   LEU 3   -1  ?   ?   ?   A . n 
A 1 4   GLY 4   0   ?   ?   ?   A . n 
A 1 5   SER 5   1   ?   ?   ?   A . n 
A 1 6   ALA 6   2   ?   ?   ?   A . n 
A 1 7   THR 7   3   ?   ?   ?   A . n 
A 1 8   ALA 8   4   ?   ?   ?   A . n 
A 1 9   PRO 9   5   ?   ?   ?   A . n 
A 1 10  TYR 10  6   ?   ?   ?   A . n 
A 1 11  ASN 11  7   7   ASN ASN A . n 
A 1 12  TYR 12  8   8   TYR TYR A . n 
A 1 13  SER 13  9   9   SER SER A . n 
A 1 14  TYR 14  10  10  TYR ALA A . n 
A 1 15  ILE 15  11  11  ILE ILE A . n 
A 1 16  PHE 16  12  12  PHE PHE A . n 
A 1 17  LYS 17  13  13  LYS LYS A . n 
A 1 18  TYR 18  14  14  TYR TYR A . n 
A 1 19  ILE 19  15  15  ILE ILE A . n 
A 1 20  ILE 20  16  16  ILE ILE A . n 
A 1 21  ILE 21  17  17  ILE ILE A . n 
A 1 22  GLY 22  18  18  GLY GLY A . n 
A 1 23  ASP 23  19  19  ASP ASP A . n 
A 1 24  MET 24  20  20  MET MET A . n 
A 1 25  GLY 25  21  21  GLY GLY A . n 
A 1 26  VAL 26  22  22  VAL VAL A . n 
A 1 27  GLY 27  23  23  GLY GLY A . n 
A 1 28  LYS 28  24  24  LYS LYS A . n 
A 1 29  SER 29  25  25  SER SER A . n 
A 1 30  CYS 30  26  26  CYS CYS A . n 
A 1 31  LEU 31  27  27  LEU LEU A . n 
A 1 32  LEU 32  28  28  LEU LEU A . n 
A 1 33  HIS 33  29  29  HIS HIS A . n 
A 1 34  GLN 34  30  30  GLN GLN A . n 
A 1 35  PHE 35  31  31  PHE PHE A . n 
A 1 36  THR 36  32  32  THR THR A . n 
A 1 37  GLU 37  33  33  GLU ALA A . n 
A 1 38  LYS 38  34  34  LYS ALA A . n 
A 1 39  LYS 39  35  35  LYS ALA A . n 
A 1 40  PHE 40  36  36  PHE PHE A . n 
A 1 41  MET 41  37  37  MET MET A . n 
A 1 42  ALA 42  38  38  ALA ALA A . n 
A 1 43  ASP 43  39  39  ASP ALA A . n 
A 1 44  CYS 44  40  40  CYS CYS A . n 
A 1 45  PRO 45  41  41  PRO PRO A . n 
A 1 46  HIS 46  42  42  HIS HIS A . n 
A 1 47  THR 47  43  43  THR THR A . n 
A 1 48  ILE 48  44  44  ILE ILE A . n 
A 1 49  GLY 49  45  45  GLY GLY A . n 
A 1 50  VAL 50  46  46  VAL VAL A . n 
A 1 51  GLU 51  47  47  GLU GLU A . n 
A 1 52  PHE 52  48  48  PHE PHE A . n 
A 1 53  GLY 53  49  49  GLY GLY A . n 
A 1 54  THR 54  50  50  THR THR A . n 
A 1 55  ARG 55  51  51  ARG ARG A . n 
A 1 56  ILE 56  52  52  ILE ILE A . n 
A 1 57  ILE 57  53  53  ILE ILE A . n 
A 1 58  GLU 58  54  54  GLU ALA A . n 
A 1 59  VAL 59  55  55  VAL VAL A . n 
A 1 60  SER 60  56  56  SER SER A . n 
A 1 61  GLY 61  57  57  GLY GLY A . n 
A 1 62  GLN 62  58  58  GLN ALA A . n 
A 1 63  LYS 63  59  59  LYS ALA A . n 
A 1 64  ILE 64  60  60  ILE ILE A . n 
A 1 65  LYS 65  61  61  LYS LYS A . n 
A 1 66  LEU 66  62  62  LEU LEU A . n 
A 1 67  GLN 67  63  63  GLN GLN A . n 
A 1 68  ILE 68  64  64  ILE ILE A . n 
A 1 69  TRP 69  65  65  TRP TRP A . n 
A 1 70  ASP 70  66  66  ASP ASP A . n 
A 1 71  THR 71  67  67  THR THR A . n 
A 1 72  ALA 72  68  68  ALA ALA A . n 
A 1 73  GLY 73  69  69  GLY GLY A . n 
A 1 74  GLN 74  70  70  GLN GLN A . n 
A 1 75  GLU 75  71  71  GLU ALA A . n 
A 1 76  ARG 76  72  72  ARG ALA A . n 
A 1 77  PHE 77  73  73  PHE ALA A . n 
A 1 78  ARG 78  74  74  ARG ALA A . n 
A 1 79  ALA 79  75  75  ALA ALA A . n 
A 1 80  VAL 80  76  76  VAL VAL A . n 
A 1 81  THR 81  77  77  THR THR A . n 
A 1 82  ARG 82  78  78  ARG ARG A . n 
A 1 83  SER 83  79  79  SER SER A . n 
A 1 84  TYR 84  80  80  TYR TYR A . n 
A 1 85  TYR 85  81  81  TYR TYR A . n 
A 1 86  ARG 86  82  82  ARG ARG A . n 
A 1 87  GLY 87  83  83  GLY GLY A . n 
A 1 88  ALA 88  84  84  ALA ALA A . n 
A 1 89  ALA 89  85  85  ALA ALA A . n 
A 1 90  GLY 90  86  86  GLY GLY A . n 
A 1 91  ALA 91  87  87  ALA ALA A . n 
A 1 92  LEU 92  88  88  LEU LEU A . n 
A 1 93  MET 93  89  89  MET MET A . n 
A 1 94  VAL 94  90  90  VAL VAL A . n 
A 1 95  TYR 95  91  91  TYR TYR A . n 
A 1 96  ASP 96  92  92  ASP ASP A . n 
A 1 97  ILE 97  93  93  ILE ILE A . n 
A 1 98  THR 98  94  94  THR THR A . n 
A 1 99  ARG 99  95  95  ARG ARG A . n 
A 1 100 ARG 100 96  96  ARG ARG A . n 
A 1 101 SER 101 97  97  SER SER A . n 
A 1 102 THR 102 98  98  THR THR A . n 
A 1 103 TYR 103 99  99  TYR TYR A . n 
A 1 104 ASN 104 100 100 ASN ASN A . n 
A 1 105 HIS 105 101 101 HIS HIS A . n 
A 1 106 LEU 106 102 102 LEU LEU A . n 
A 1 107 SER 107 103 103 SER SER A . n 
A 1 108 SER 108 104 104 SER ALA A . n 
A 1 109 TRP 109 105 105 TRP TRP A . n 
A 1 110 LEU 110 106 106 LEU LEU A . n 
A 1 111 THR 111 107 107 THR THR A . n 
A 1 112 ASP 112 108 108 ASP ASP A . n 
A 1 113 ALA 113 109 109 ALA ALA A . n 
A 1 114 ARG 114 110 110 ARG ARG A . n 
A 1 115 ASN 115 111 111 ASN ASN A . n 
A 1 116 LEU 116 112 112 LEU LEU A . n 
A 1 117 THR 117 113 113 THR THR A . n 
A 1 118 ASN 118 114 114 ASN ASN A . n 
A 1 119 PRO 119 115 115 PRO PRO A . n 
A 1 120 ASN 120 116 116 ASN ASN A . n 
A 1 121 THR 121 117 117 THR THR A . n 
A 1 122 VAL 122 118 118 VAL VAL A . n 
A 1 123 ILE 123 119 119 ILE ILE A . n 
A 1 124 ILE 124 120 120 ILE ILE A . n 
A 1 125 LEU 125 121 121 LEU LEU A . n 
A 1 126 ILE 126 122 122 ILE ILE A . n 
A 1 127 GLY 127 123 123 GLY GLY A . n 
A 1 128 ASN 128 124 124 ASN ASN A . n 
A 1 129 LYS 129 125 125 LYS LYS A . n 
A 1 130 ALA 130 126 126 ALA ALA A . n 
A 1 131 ASP 131 127 127 ASP ASP A . n 
A 1 132 LEU 132 128 128 LEU LEU A . n 
A 1 133 GLU 133 129 129 GLU GLU A . n 
A 1 134 ALA 134 130 130 ALA ALA A . n 
A 1 135 GLN 135 131 131 GLN GLN A . n 
A 1 136 ARG 136 132 132 ARG ARG A . n 
A 1 137 ASP 137 133 133 ASP ASP A . n 
A 1 138 VAL 138 134 134 VAL VAL A . n 
A 1 139 THR 139 135 135 THR THR A . n 
A 1 140 TYR 140 136 136 TYR TYR A . n 
A 1 141 GLU 141 137 137 GLU GLU A . n 
A 1 142 GLU 142 138 138 GLU GLU A . n 
A 1 143 ALA 143 139 139 ALA ALA A . n 
A 1 144 LYS 144 140 140 LYS ALA A . n 
A 1 145 GLN 145 141 141 GLN ALA A . n 
A 1 146 PHE 146 142 142 PHE PHE A . n 
A 1 147 ALA 147 143 143 ALA ALA A . n 
A 1 148 GLU 148 144 144 GLU ALA A . n 
A 1 149 GLU 149 145 145 GLU GLU A . n 
A 1 150 ASN 150 146 146 ASN ASN A . n 
A 1 151 GLY 151 147 147 GLY GLY A . n 
A 1 152 LEU 152 148 148 LEU LEU A . n 
A 1 153 LEU 153 149 149 LEU LEU A . n 
A 1 154 PHE 154 150 150 PHE PHE A . n 
A 1 155 LEU 155 151 151 LEU LEU A . n 
A 1 156 GLU 156 152 152 GLU GLU A . n 
A 1 157 ALA 157 153 153 ALA ALA A . n 
A 1 158 SER 158 154 154 SER SER A . n 
A 1 159 ALA 159 155 155 ALA ALA A . n 
A 1 160 LYS 160 156 156 LYS LYS A . n 
A 1 161 THR 161 157 157 THR THR A . n 
A 1 162 GLY 162 158 158 GLY GLY A . n 
A 1 163 GLU 163 159 159 GLU GLU A . n 
A 1 164 ASN 164 160 160 ASN ASN A . n 
A 1 165 VAL 165 161 161 VAL VAL A . n 
A 1 166 GLU 166 162 162 GLU GLU A . n 
A 1 167 ASP 167 163 163 ASP ASP A . n 
A 1 168 ALA 168 164 164 ALA ALA A . n 
A 1 169 PHE 169 165 165 PHE PHE A . n 
A 1 170 LEU 170 166 166 LEU ALA A . n 
A 1 171 GLU 171 167 167 GLU GLU A . n 
A 1 172 ALA 172 168 168 ALA ALA A . n 
A 1 173 ALA 173 169 169 ALA ALA A . n 
A 1 174 LYS 174 170 170 LYS ALA A . n 
A 1 175 LYS 175 171 171 LYS ALA A . n 
A 1 176 ILE 176 172 172 ILE ILE A . n 
A 1 177 TYR 177 173 173 TYR ALA A . n 
A 1 178 GLN 178 174 ?   ?   ?   A . n 
A 1 179 ASN 179 175 ?   ?   ?   A . n 
# 
loop_
_pdbx_nonpoly_scheme.asym_id 
_pdbx_nonpoly_scheme.entity_id 
_pdbx_nonpoly_scheme.mon_id 
_pdbx_nonpoly_scheme.ndb_seq_num 
_pdbx_nonpoly_scheme.pdb_seq_num 
_pdbx_nonpoly_scheme.auth_seq_num 
_pdbx_nonpoly_scheme.pdb_mon_id 
_pdbx_nonpoly_scheme.auth_mon_id 
_pdbx_nonpoly_scheme.pdb_strand_id 
_pdbx_nonpoly_scheme.pdb_ins_code 
B 2 MG  1  201 201 MG  MG  A . 
C 3 GDP 1  200 200 GDP GDP A . 
D 4 HOH 1  202 1   HOH HOH A . 
D 4 HOH 2  203 2   HOH HOH A . 
D 4 HOH 3  204 3   HOH HOH A . 
D 4 HOH 4  205 4   HOH HOH A . 
D 4 HOH 5  206 5   HOH HOH A . 
D 4 HOH 6  207 6   HOH HOH A . 
D 4 HOH 7  208 7   HOH HOH A . 
D 4 HOH 8  209 8   HOH HOH A . 
D 4 HOH 9  210 9   HOH HOH A . 
D 4 HOH 10 211 10  HOH HOH A . 
D 4 HOH 11 212 12  HOH HOH A . 
D 4 HOH 12 213 13  HOH HOH A . 
D 4 HOH 13 214 14  HOH HOH A . 
D 4 HOH 14 215 15  HOH HOH A . 
D 4 HOH 15 216 16  HOH HOH A . 
D 4 HOH 16 217 17  HOH HOH A . 
D 4 HOH 17 218 18  HOH HOH A . 
D 4 HOH 18 219 19  HOH HOH A . 
D 4 HOH 19 220 20  HOH HOH A . 
D 4 HOH 20 221 21  HOH HOH A . 
D 4 HOH 21 222 23  HOH HOH A . 
D 4 HOH 22 223 24  HOH HOH A . 
D 4 HOH 23 224 27  HOH HOH A . 
D 4 HOH 24 225 28  HOH HOH A . 
D 4 HOH 25 226 29  HOH HOH A . 
D 4 HOH 26 227 30  HOH HOH A . 
D 4 HOH 27 228 31  HOH HOH A . 
D 4 HOH 28 229 32  HOH HOH A . 
D 4 HOH 29 230 34  HOH HOH A . 
D 4 HOH 30 231 36  HOH HOH A . 
D 4 HOH 31 232 39  HOH HOH A . 
D 4 HOH 32 233 40  HOH HOH A . 
D 4 HOH 33 234 41  HOH HOH A . 
D 4 HOH 34 235 42  HOH HOH A . 
D 4 HOH 35 236 43  HOH HOH A . 
D 4 HOH 36 237 44  HOH HOH A . 
D 4 HOH 37 238 45  HOH HOH A . 
D 4 HOH 38 239 46  HOH HOH A . 
D 4 HOH 39 240 48  HOH HOH A . 
D 4 HOH 40 241 49  HOH HOH A . 
D 4 HOH 41 242 50  HOH HOH A . 
D 4 HOH 42 243 51  HOH HOH A . 
D 4 HOH 43 244 53  HOH HOH A . 
D 4 HOH 44 245 54  HOH HOH A . 
D 4 HOH 45 246 56  HOH HOH A . 
D 4 HOH 46 247 57  HOH HOH A . 
D 4 HOH 47 248 58  HOH HOH A . 
D 4 HOH 48 249 61  HOH HOH A . 
D 4 HOH 49 250 62  HOH HOH A . 
D 4 HOH 50 251 63  HOH HOH A . 
D 4 HOH 51 252 64  HOH HOH A . 
D 4 HOH 52 253 65  HOH HOH A . 
D 4 HOH 53 254 66  HOH HOH A . 
D 4 HOH 54 255 67  HOH HOH A . 
D 4 HOH 55 256 68  HOH HOH A . 
D 4 HOH 56 257 69  HOH HOH A . 
D 4 HOH 57 258 70  HOH HOH A . 
D 4 HOH 58 259 71  HOH HOH A . 
D 4 HOH 59 260 73  HOH HOH A . 
D 4 HOH 60 261 74  HOH HOH A . 
D 4 HOH 61 262 75  HOH HOH A . 
D 4 HOH 62 263 76  HOH HOH A . 
D 4 HOH 63 264 77  HOH HOH A . 
D 4 HOH 64 265 80  HOH HOH A . 
D 4 HOH 65 266 81  HOH HOH A . 
D 4 HOH 66 267 84  HOH HOH A . 
D 4 HOH 67 268 85  HOH HOH A . 
D 4 HOH 68 269 87  HOH HOH A . 
D 4 HOH 69 270 89  HOH HOH A . 
D 4 HOH 70 271 90  HOH HOH A . 
D 4 HOH 71 272 91  HOH HOH A . 
D 4 HOH 72 273 92  HOH HOH A . 
D 4 HOH 73 274 93  HOH HOH A . 
D 4 HOH 74 275 94  HOH HOH A . 
D 4 HOH 75 276 98  HOH HOH A . 
D 4 HOH 76 277 99  HOH HOH A . 
D 4 HOH 77 278 100 HOH HOH A . 
D 4 HOH 78 279 101 HOH HOH A . 
D 4 HOH 79 280 102 HOH HOH A . 
D 4 HOH 80 281 105 HOH HOH A . 
D 4 HOH 81 282 106 HOH HOH A . 
D 4 HOH 82 283 108 HOH HOH A . 
D 4 HOH 83 284 109 HOH HOH A . 
D 4 HOH 84 285 111 HOH HOH A . 
D 4 HOH 85 286 112 HOH HOH A . 
D 4 HOH 86 287 113 HOH HOH A . 
D 4 HOH 87 288 114 HOH HOH A . 
D 4 HOH 88 289 115 HOH HOH A . 
# 
loop_
_pdbx_unobs_or_zero_occ_atoms.id 
_pdbx_unobs_or_zero_occ_atoms.PDB_model_num 
_pdbx_unobs_or_zero_occ_atoms.polymer_flag 
_pdbx_unobs_or_zero_occ_atoms.occupancy_flag 
_pdbx_unobs_or_zero_occ_atoms.auth_asym_id 
_pdbx_unobs_or_zero_occ_atoms.auth_comp_id 
_pdbx_unobs_or_zero_occ_atoms.auth_seq_id 
_pdbx_unobs_or_zero_occ_atoms.PDB_ins_code 
_pdbx_unobs_or_zero_occ_atoms.auth_atom_id 
_pdbx_unobs_or_zero_occ_atoms.label_alt_id 
_pdbx_unobs_or_zero_occ_atoms.label_asym_id 
_pdbx_unobs_or_zero_occ_atoms.label_comp_id 
_pdbx_unobs_or_zero_occ_atoms.label_seq_id 
_pdbx_unobs_or_zero_occ_atoms.label_atom_id 
1  1 Y 1 A TYR 10  ? CG  ? A TYR 14  CG  
2  1 Y 1 A TYR 10  ? CD1 ? A TYR 14  CD1 
3  1 Y 1 A TYR 10  ? CD2 ? A TYR 14  CD2 
4  1 Y 1 A TYR 10  ? CE1 ? A TYR 14  CE1 
5  1 Y 1 A TYR 10  ? CE2 ? A TYR 14  CE2 
6  1 Y 1 A TYR 10  ? CZ  ? A TYR 14  CZ  
7  1 Y 1 A TYR 10  ? OH  ? A TYR 14  OH  
8  1 Y 1 A GLU 33  ? CG  ? A GLU 37  CG  
9  1 Y 1 A GLU 33  ? CD  ? A GLU 37  CD  
10 1 Y 1 A GLU 33  ? OE1 ? A GLU 37  OE1 
11 1 Y 1 A GLU 33  ? OE2 ? A GLU 37  OE2 
12 1 Y 1 A LYS 34  ? CG  ? A LYS 38  CG  
13 1 Y 1 A LYS 34  ? CD  ? A LYS 38  CD  
14 1 Y 1 A LYS 34  ? CE  ? A LYS 38  CE  
15 1 Y 1 A LYS 34  ? NZ  ? A LYS 38  NZ  
16 1 Y 1 A LYS 35  ? CG  ? A LYS 39  CG  
17 1 Y 1 A LYS 35  ? CD  ? A LYS 39  CD  
18 1 Y 1 A LYS 35  ? CE  ? A LYS 39  CE  
19 1 Y 1 A LYS 35  ? NZ  ? A LYS 39  NZ  
20 1 Y 1 A ASP 39  ? CG  ? A ASP 43  CG  
21 1 Y 1 A ASP 39  ? OD1 ? A ASP 43  OD1 
22 1 Y 1 A ASP 39  ? OD2 ? A ASP 43  OD2 
23 1 Y 1 A GLU 54  ? CG  ? A GLU 58  CG  
24 1 Y 1 A GLU 54  ? CD  ? A GLU 58  CD  
25 1 Y 1 A GLU 54  ? OE1 ? A GLU 58  OE1 
26 1 Y 1 A GLU 54  ? OE2 ? A GLU 58  OE2 
27 1 Y 1 A GLN 58  ? CG  ? A GLN 62  CG  
28 1 Y 1 A GLN 58  ? CD  ? A GLN 62  CD  
29 1 Y 1 A GLN 58  ? OE1 ? A GLN 62  OE1 
30 1 Y 1 A GLN 58  ? NE2 ? A GLN 62  NE2 
31 1 Y 1 A LYS 59  ? CG  ? A LYS 63  CG  
32 1 Y 1 A LYS 59  ? CD  ? A LYS 63  CD  
33 1 Y 1 A LYS 59  ? CE  ? A LYS 63  CE  
34 1 Y 1 A LYS 59  ? NZ  ? A LYS 63  NZ  
35 1 Y 1 A GLU 71  ? CG  ? A GLU 75  CG  
36 1 Y 1 A GLU 71  ? CD  ? A GLU 75  CD  
37 1 Y 1 A GLU 71  ? OE1 ? A GLU 75  OE1 
38 1 Y 1 A GLU 71  ? OE2 ? A GLU 75  OE2 
39 1 Y 1 A ARG 72  ? CG  ? A ARG 76  CG  
40 1 Y 1 A ARG 72  ? CD  ? A ARG 76  CD  
41 1 Y 1 A ARG 72  ? NE  ? A ARG 76  NE  
42 1 Y 1 A ARG 72  ? CZ  ? A ARG 76  CZ  
43 1 Y 1 A ARG 72  ? NH1 ? A ARG 76  NH1 
44 1 Y 1 A ARG 72  ? NH2 ? A ARG 76  NH2 
45 1 Y 1 A PHE 73  ? CG  ? A PHE 77  CG  
46 1 Y 1 A PHE 73  ? CD1 ? A PHE 77  CD1 
47 1 Y 1 A PHE 73  ? CD2 ? A PHE 77  CD2 
48 1 Y 1 A PHE 73  ? CE1 ? A PHE 77  CE1 
49 1 Y 1 A PHE 73  ? CE2 ? A PHE 77  CE2 
50 1 Y 1 A PHE 73  ? CZ  ? A PHE 77  CZ  
51 1 Y 1 A ARG 74  ? CG  ? A ARG 78  CG  
52 1 Y 1 A ARG 74  ? CD  ? A ARG 78  CD  
53 1 Y 1 A ARG 74  ? NE  ? A ARG 78  NE  
54 1 Y 1 A ARG 74  ? CZ  ? A ARG 78  CZ  
55 1 Y 1 A ARG 74  ? NH1 ? A ARG 78  NH1 
56 1 Y 1 A ARG 74  ? NH2 ? A ARG 78  NH2 
57 1 Y 1 A SER 104 ? OG  ? A SER 108 OG  
58 1 Y 1 A LYS 140 ? CG  ? A LYS 144 CG  
59 1 Y 1 A LYS 140 ? CD  ? A LYS 144 CD  
60 1 Y 1 A LYS 140 ? CE  ? A LYS 144 CE  
61 1 Y 1 A LYS 140 ? NZ  ? A LYS 144 NZ  
62 1 Y 1 A GLN 141 ? CG  ? A GLN 145 CG  
63 1 Y 1 A GLN 141 ? CD  ? A GLN 145 CD  
64 1 Y 1 A GLN 141 ? OE1 ? A GLN 145 OE1 
65 1 Y 1 A GLN 141 ? NE2 ? A GLN 145 NE2 
66 1 Y 1 A GLU 144 ? CG  ? A GLU 148 CG  
67 1 Y 1 A GLU 144 ? CD  ? A GLU 148 CD  
68 1 Y 1 A GLU 144 ? OE1 ? A GLU 148 OE1 
69 1 Y 1 A GLU 144 ? OE2 ? A GLU 148 OE2 
70 1 Y 1 A LEU 166 ? CG  ? A LEU 170 CG  
71 1 Y 1 A LEU 166 ? CD1 ? A LEU 170 CD1 
72 1 Y 1 A LEU 166 ? CD2 ? A LEU 170 CD2 
73 1 Y 1 A LYS 170 ? CG  ? A LYS 174 CG  
74 1 Y 1 A LYS 170 ? CD  ? A LYS 174 CD  
75 1 Y 1 A LYS 170 ? CE  ? A LYS 174 CE  
76 1 Y 1 A LYS 170 ? NZ  ? A LYS 174 NZ  
77 1 Y 1 A LYS 171 ? CG  ? A LYS 175 CG  
78 1 Y 1 A LYS 171 ? CD  ? A LYS 175 CD  
79 1 Y 1 A LYS 171 ? CE  ? A LYS 175 CE  
80 1 Y 1 A LYS 171 ? NZ  ? A LYS 175 NZ  
81 1 Y 1 A TYR 173 ? CG  ? A TYR 177 CG  
82 1 Y 1 A TYR 173 ? CD1 ? A TYR 177 CD1 
83 1 Y 1 A TYR 173 ? CD2 ? A TYR 177 CD2 
84 1 Y 1 A TYR 173 ? CE1 ? A TYR 177 CE1 
85 1 Y 1 A TYR 173 ? CE2 ? A TYR 177 CE2 
86 1 Y 1 A TYR 173 ? CZ  ? A TYR 177 CZ  
87 1 Y 1 A TYR 173 ? OH  ? A TYR 177 OH  
# 
loop_
_software.name 
_software.classification 
_software.version 
_software.citation_id 
_software.pdbx_ordinal 
REFMAC    refinement       5.2.0005 ? 1 
DENZO     'data reduction' .        ? 2 
SCALEPACK 'data scaling'   .        ? 3 
AMoRE     phasing          .        ? 4 
# 
_cell.entry_id           1Z0F 
_cell.length_a           43.065 
_cell.length_b           40.780 
_cell.length_c           47.678 
_cell.angle_alpha        90.00 
_cell.angle_beta         108.45 
_cell.angle_gamma        90.00 
_cell.Z_PDB              2 
_cell.pdbx_unique_axis   ? 
# 
_symmetry.entry_id                         1Z0F 
_symmetry.space_group_name_H-M             'P 1 21 1' 
_symmetry.pdbx_full_space_group_name_H-M   ? 
_symmetry.cell_setting                     ? 
_symmetry.Int_Tables_number                4 
_symmetry.space_group_name_Hall            ? 
# 
_exptl.entry_id          1Z0F 
_exptl.method            'X-RAY DIFFRACTION' 
_exptl.crystals_number   1 
# 
_exptl_crystal.id                    1 
_exptl_crystal.density_meas          ? 
_exptl_crystal.density_Matthews      2.22 
_exptl_crystal.density_percent_sol   44.28 
_exptl_crystal.description           ? 
_exptl_crystal.F_000                 ? 
_exptl_crystal.preparation           ? 
# 
_exptl_crystal_grow.crystal_id      1 
_exptl_crystal_grow.method          'VAPOR DIFFUSION, HANGING DROP' 
_exptl_crystal_grow.temp            291 
_exptl_crystal_grow.temp_details    ? 
_exptl_crystal_grow.pH              7.0 
_exptl_crystal_grow.pdbx_details    
'7% PEG 6000, 100mM Calcium Chloride, 50mM HEPES, pH 7.0, VAPOR DIFFUSION, HANGING DROP, temperature 291K' 
_exptl_crystal_grow.pdbx_pH_range   . 
# 
_diffrn.id                     1 
_diffrn.ambient_temp           100 
_diffrn.ambient_temp_details   ? 
_diffrn.crystal_id             1 
# 
_diffrn_detector.diffrn_id              1 
_diffrn_detector.detector               'IMAGE PLATE' 
_diffrn_detector.type                   'MAR scanner 300 mm plate' 
_diffrn_detector.pdbx_collection_date   2004-03-22 
_diffrn_detector.details                'Osmic mirror' 
# 
_diffrn_radiation.diffrn_id                        1 
_diffrn_radiation.wavelength_id                    1 
_diffrn_radiation.pdbx_monochromatic_or_laue_m_l   M 
_diffrn_radiation.monochromator                    ? 
_diffrn_radiation.pdbx_diffrn_protocol             'SINGLE WAVELENGTH' 
_diffrn_radiation.pdbx_scattering_type             x-ray 
# 
_diffrn_radiation_wavelength.id           1 
_diffrn_radiation_wavelength.wavelength   1.5418 
_diffrn_radiation_wavelength.wt           1.0 
# 
_diffrn_source.diffrn_id                   1 
_diffrn_source.source                      'ROTATING ANODE' 
_diffrn_source.type                        'RIGAKU RUH3R' 
_diffrn_source.pdbx_synchrotron_site       ? 
_diffrn_source.pdbx_synchrotron_beamline   ? 
_diffrn_source.pdbx_wavelength             1.5418 
_diffrn_source.pdbx_wavelength_list        ? 
# 
_reflns.entry_id                     1Z0F 
_reflns.observed_criterion_sigma_F   0 
_reflns.observed_criterion_sigma_I   0 
_reflns.d_resolution_high            2.15 
_reflns.d_resolution_low             50 
_reflns.number_all                   ? 
_reflns.number_obs                   8450 
_reflns.percent_possible_obs         97.4 
_reflns.pdbx_Rmerge_I_obs            ? 
_reflns.pdbx_Rsym_value              0.122 
_reflns.pdbx_netI_over_sigmaI        16.1 
_reflns.B_iso_Wilson_estimate        36.1 
_reflns.pdbx_redundancy              4 
_reflns.R_free_details               ? 
_reflns.limit_h_max                  ? 
_reflns.limit_h_min                  ? 
_reflns.limit_k_max                  ? 
_reflns.limit_k_min                  ? 
_reflns.limit_l_max                  ? 
_reflns.limit_l_min                  ? 
_reflns.observed_criterion_F_max     ? 
_reflns.observed_criterion_F_min     ? 
_reflns.pdbx_chi_squared             ? 
_reflns.pdbx_scaling_rejects         ? 
_reflns.pdbx_diffrn_id               1 
_reflns.pdbx_ordinal                 1 
# 
_reflns_shell.d_res_high             2.15 
_reflns_shell.d_res_low              2.21 
_reflns_shell.percent_possible_all   84.9 
_reflns_shell.Rmerge_I_obs           ? 
_reflns_shell.pdbx_Rsym_value        0.386 
_reflns_shell.meanI_over_sigI_obs    3.6 
_reflns_shell.pdbx_redundancy        4 
_reflns_shell.percent_possible_obs   ? 
_reflns_shell.number_unique_all      596 
_reflns_shell.number_measured_all    ? 
_reflns_shell.number_measured_obs    ? 
_reflns_shell.number_unique_obs      ? 
_reflns_shell.pdbx_chi_squared       ? 
_reflns_shell.pdbx_diffrn_id         ? 
_reflns_shell.pdbx_ordinal           1 
# 
_refine.entry_id                                 1Z0F 
_refine.ls_number_reflns_obs                     7998 
_refine.ls_number_reflns_all                     8469 
_refine.pdbx_ls_sigma_I                          0 
_refine.pdbx_ls_sigma_F                          0 
_refine.pdbx_data_cutoff_high_absF               ? 
_refine.pdbx_data_cutoff_low_absF                ? 
_refine.pdbx_data_cutoff_high_rms_absF           ? 
_refine.ls_d_res_low                             12.00 
_refine.ls_d_res_high                            2.15 
_refine.ls_percent_reflns_obs                    97.38 
_refine.ls_R_factor_obs                          0.20953 
_refine.ls_R_factor_all                          0.225 
_refine.ls_R_factor_R_work                       0.20737 
_refine.ls_R_factor_R_free                       0.2572 
_refine.ls_R_factor_R_free_error                 ? 
_refine.ls_R_factor_R_free_error_details         ? 
_refine.ls_percent_reflns_R_free                 4.8 
_refine.ls_number_reflns_R_free                  401 
_refine.ls_number_parameters                     ? 
_refine.ls_number_restraints                     ? 
_refine.occupancy_min                            ? 
_refine.occupancy_max                            ? 
_refine.correlation_coeff_Fo_to_Fc               0.941 
_refine.correlation_coeff_Fo_to_Fc_free          0.906 
_refine.B_iso_mean                               28.305 
_refine.aniso_B[1][1]                            -1.33 
_refine.aniso_B[2][2]                            -0.82 
_refine.aniso_B[3][3]                            3.13 
_refine.aniso_B[1][2]                            0.00 
_refine.aniso_B[1][3]                            1.55 
_refine.aniso_B[2][3]                            0.00 
_refine.solvent_model_details                    'BABINET MODEL WITH MASK' 
_refine.solvent_model_param_ksol                 ? 
_refine.solvent_model_param_bsol                 ? 
_refine.pdbx_solvent_vdw_probe_radii             1.20 
_refine.pdbx_solvent_ion_probe_radii             0.80 
_refine.pdbx_solvent_shrinkage_radii             0.80 
_refine.pdbx_ls_cross_valid_method               THROUGHOUT 
_refine.details                                  'HYDROGENS HAVE BEEN ADDED IN THE RIDING POSITIONS' 
_refine.pdbx_starting_model                      'Polyalanine Rab4A' 
_refine.pdbx_method_to_determine_struct          'MOLECULAR REPLACEMENT' 
_refine.pdbx_isotropic_thermal_model             ? 
_refine.pdbx_stereochemistry_target_values       'MAXIMUM LIKELIHOOD' 
_refine.pdbx_stereochem_target_val_spec_case     ? 
_refine.pdbx_R_Free_selection_details            RANDOM 
_refine.pdbx_overall_ESU_R                       0.335 
_refine.pdbx_overall_ESU_R_Free                  0.234 
_refine.overall_SU_ML                            0.160 
_refine.overall_SU_B                             6.357 
_refine.ls_redundancy_reflns_obs                 ? 
_refine.B_iso_min                                ? 
_refine.B_iso_max                                ? 
_refine.overall_SU_R_Cruickshank_DPI             ? 
_refine.overall_SU_R_free                        ? 
_refine.ls_wR_factor_R_free                      ? 
_refine.ls_wR_factor_R_work                      ? 
_refine.overall_FOM_free_R_set                   ? 
_refine.overall_FOM_work_R_set                   ? 
_refine.pdbx_refine_id                           'X-RAY DIFFRACTION' 
_refine.pdbx_diffrn_id                           1 
_refine.pdbx_TLS_residual_ADP_flag               ? 
_refine.pdbx_overall_phase_error                 ? 
_refine.pdbx_overall_SU_R_free_Cruickshank_DPI   ? 
_refine.pdbx_overall_SU_R_Blow_DPI               ? 
_refine.pdbx_overall_SU_R_free_Blow_DPI          ? 
# 
_refine_hist.pdbx_refine_id                   'X-RAY DIFFRACTION' 
_refine_hist.cycle_id                         LAST 
_refine_hist.pdbx_number_atoms_protein        1246 
_refine_hist.pdbx_number_atoms_nucleic_acid   0 
_refine_hist.pdbx_number_atoms_ligand         29 
_refine_hist.number_atoms_solvent             88 
_refine_hist.number_atoms_total               1363 
_refine_hist.d_res_high                       2.15 
_refine_hist.d_res_low                        12.00 
# 
loop_
_refine_ls_restr.type 
_refine_ls_restr.dev_ideal 
_refine_ls_restr.dev_ideal_target 
_refine_ls_restr.weight 
_refine_ls_restr.number 
_refine_ls_restr.pdbx_refine_id 
_refine_ls_restr.pdbx_restraint_function 
r_bond_refined_d             0.008  0.022  ? 1298 'X-RAY DIFFRACTION' ? 
r_bond_other_d               ?      ?      ? ?    'X-RAY DIFFRACTION' ? 
r_angle_refined_deg          1.175  1.957  ? 1770 'X-RAY DIFFRACTION' ? 
r_angle_other_deg            ?      ?      ? ?    'X-RAY DIFFRACTION' ? 
r_dihedral_angle_1_deg       5.337  5.000  ? 166  'X-RAY DIFFRACTION' ? 
r_dihedral_angle_2_deg       35.713 23.889 ? 54   'X-RAY DIFFRACTION' ? 
r_dihedral_angle_3_deg       13.652 15.000 ? 192  'X-RAY DIFFRACTION' ? 
r_dihedral_angle_4_deg       23.745 15.000 ? 7    'X-RAY DIFFRACTION' ? 
r_chiral_restr               0.071  0.200  ? 204  'X-RAY DIFFRACTION' ? 
r_gen_planes_refined         0.003  0.020  ? 974  'X-RAY DIFFRACTION' ? 
r_gen_planes_other           ?      ?      ? ?    'X-RAY DIFFRACTION' ? 
r_nbd_refined                0.188  0.200  ? 524  'X-RAY DIFFRACTION' ? 
r_nbd_other                  ?      ?      ? ?    'X-RAY DIFFRACTION' ? 
r_nbtor_refined              0.294  0.200  ? 880  'X-RAY DIFFRACTION' ? 
r_nbtor_other                ?      ?      ? ?    'X-RAY DIFFRACTION' ? 
r_xyhbond_nbd_refined        0.142  0.200  ? 79   'X-RAY DIFFRACTION' ? 
r_xyhbond_nbd_other          ?      ?      ? ?    'X-RAY DIFFRACTION' ? 
r_metal_ion_refined          ?      ?      ? ?    'X-RAY DIFFRACTION' ? 
r_metal_ion_other            ?      ?      ? ?    'X-RAY DIFFRACTION' ? 
r_symmetry_vdw_refined       0.109  0.200  ? 27   'X-RAY DIFFRACTION' ? 
r_symmetry_vdw_other         ?      ?      ? ?    'X-RAY DIFFRACTION' ? 
r_symmetry_hbond_refined     0.160  0.200  ? 9    'X-RAY DIFFRACTION' ? 
r_symmetry_hbond_other       ?      ?      ? ?    'X-RAY DIFFRACTION' ? 
r_symmetry_metal_ion_refined ?      ?      ? ?    'X-RAY DIFFRACTION' ? 
r_symmetry_metal_ion_other   ?      ?      ? ?    'X-RAY DIFFRACTION' ? 
r_mcbond_it                  0.442  1.500  ? 856  'X-RAY DIFFRACTION' ? 
r_mcbond_other               ?      ?      ? ?    'X-RAY DIFFRACTION' ? 
r_mcangle_it                 0.755  2.000  ? 1301 'X-RAY DIFFRACTION' ? 
r_scbond_it                  0.797  3.000  ? 534  'X-RAY DIFFRACTION' ? 
r_scangle_it                 1.259  4.500  ? 469  'X-RAY DIFFRACTION' ? 
r_rigid_bond_restr           ?      ?      ? ?    'X-RAY DIFFRACTION' ? 
r_sphericity_free            ?      ?      ? ?    'X-RAY DIFFRACTION' ? 
r_sphericity_bonded          ?      ?      ? ?    'X-RAY DIFFRACTION' ? 
# 
_refine_ls_shell.pdbx_total_number_of_bins_used   20 
_refine_ls_shell.d_res_high                       2.150 
_refine_ls_shell.d_res_low                        2.204 
_refine_ls_shell.number_reflns_R_work             459 
_refine_ls_shell.R_factor_R_work                  0.277 
_refine_ls_shell.percent_reflns_obs               82.82 
_refine_ls_shell.R_factor_R_free                  0.333 
_refine_ls_shell.R_factor_R_free_error            ? 
_refine_ls_shell.percent_reflns_R_free            ? 
_refine_ls_shell.number_reflns_R_free             28 
_refine_ls_shell.number_reflns_obs                ? 
_refine_ls_shell.redundancy_reflns_obs            ? 
_refine_ls_shell.number_reflns_all                ? 
_refine_ls_shell.pdbx_refine_id                   'X-RAY DIFFRACTION' 
_refine_ls_shell.R_factor_all                     ? 
# 
_struct.entry_id                  1Z0F 
_struct.title                     'GDP-Bound Rab14 GTPase' 
_struct.pdbx_model_details        ? 
_struct.pdbx_CASP_flag            ? 
_struct.pdbx_model_type_details   ? 
# 
_struct_keywords.entry_id        1Z0F 
_struct_keywords.pdbx_keywords   'PROTEIN TRANSPORT' 
_struct_keywords.text            'Rab GTPase, Rab14, Vesicular trafficking, Protein transport' 
# 
loop_
_struct_asym.id 
_struct_asym.pdbx_blank_PDB_chainid_flag 
_struct_asym.pdbx_modified 
_struct_asym.entity_id 
_struct_asym.details 
A N N 1 ? 
B N N 2 ? 
C N N 3 ? 
D N N 4 ? 
# 
_struct_ref.id                         1 
_struct_ref.db_name                    UNP 
_struct_ref.db_code                    RAB14_HUMAN 
_struct_ref.pdbx_db_accession          P61106 
_struct_ref.entity_id                  1 
_struct_ref.pdbx_seq_one_letter_code   
;ATAPYNYSYIFKYIIIGDMGVGKSCLLHQFTEKKFMADCPHTIGVEFGTRIIEVSGQKIKLQIWDTAGQERFRAVTRSYY
RGAAGALMVYDITRRSTYNHLSSWLTDARNLTNPNTVIILIGNKADLEAQRDVTYEEAKQFAEENGLLFLEASAKTGENV
EDAFLEAAKKIYQN
;
_struct_ref.pdbx_align_begin           2 
_struct_ref.pdbx_db_isoform            ? 
# 
_struct_ref_seq.align_id                      1 
_struct_ref_seq.ref_id                        1 
_struct_ref_seq.pdbx_PDB_id_code              1Z0F 
_struct_ref_seq.pdbx_strand_id                A 
_struct_ref_seq.seq_align_beg                 6 
_struct_ref_seq.pdbx_seq_align_beg_ins_code   ? 
_struct_ref_seq.seq_align_end                 179 
_struct_ref_seq.pdbx_seq_align_end_ins_code   ? 
_struct_ref_seq.pdbx_db_accession             P61106 
_struct_ref_seq.db_align_beg                  2 
_struct_ref_seq.pdbx_db_align_beg_ins_code    ? 
_struct_ref_seq.db_align_end                  175 
_struct_ref_seq.pdbx_db_align_end_ins_code    ? 
_struct_ref_seq.pdbx_auth_seq_align_beg       2 
_struct_ref_seq.pdbx_auth_seq_align_end       175 
# 
loop_
_struct_ref_seq_dif.align_id 
_struct_ref_seq_dif.pdbx_pdb_id_code 
_struct_ref_seq_dif.mon_id 
_struct_ref_seq_dif.pdbx_pdb_strand_id 
_struct_ref_seq_dif.seq_num 
_struct_ref_seq_dif.pdbx_pdb_ins_code 
_struct_ref_seq_dif.pdbx_seq_db_name 
_struct_ref_seq_dif.pdbx_seq_db_accession_code 
_struct_ref_seq_dif.db_mon_id 
_struct_ref_seq_dif.pdbx_seq_db_seq_num 
_struct_ref_seq_dif.details 
_struct_ref_seq_dif.pdbx_auth_seq_num 
_struct_ref_seq_dif.pdbx_ordinal 
1 1Z0F GLY A 1 ? UNP P61106 ? ? 'cloning artifact' -3 1 
1 1Z0F PRO A 2 ? UNP P61106 ? ? 'cloning artifact' -2 2 
1 1Z0F LEU A 3 ? UNP P61106 ? ? 'cloning artifact' -1 3 
1 1Z0F GLY A 4 ? UNP P61106 ? ? 'cloning artifact' 0  4 
1 1Z0F SER A 5 ? UNP P61106 ? ? 'cloning artifact' 1  5 
# 
_pdbx_struct_assembly.id                   1 
_pdbx_struct_assembly.details              author_defined_assembly 
_pdbx_struct_assembly.method_details       ? 
_pdbx_struct_assembly.oligomeric_details   monomeric 
_pdbx_struct_assembly.oligomeric_count     1 
# 
_pdbx_struct_assembly_gen.assembly_id       1 
_pdbx_struct_assembly_gen.oper_expression   1 
_pdbx_struct_assembly_gen.asym_id_list      A,B,C,D 
# 
_pdbx_struct_oper_list.id                   1 
_pdbx_struct_oper_list.type                 'identity operation' 
_pdbx_struct_oper_list.name                 1_555 
_pdbx_struct_oper_list.symmetry_operation   x,y,z 
_pdbx_struct_oper_list.matrix[1][1]         1.0000000000 
_pdbx_struct_oper_list.matrix[1][2]         0.0000000000 
_pdbx_struct_oper_list.matrix[1][3]         0.0000000000 
_pdbx_struct_oper_list.vector[1]            0.0000000000 
_pdbx_struct_oper_list.matrix[2][1]         0.0000000000 
_pdbx_struct_oper_list.matrix[2][2]         1.0000000000 
_pdbx_struct_oper_list.matrix[2][3]         0.0000000000 
_pdbx_struct_oper_list.vector[2]            0.0000000000 
_pdbx_struct_oper_list.matrix[3][1]         0.0000000000 
_pdbx_struct_oper_list.matrix[3][2]         0.0000000000 
_pdbx_struct_oper_list.matrix[3][3]         1.0000000000 
_pdbx_struct_oper_list.vector[3]            0.0000000000 
# 
_struct_biol.id                    1 
_struct_biol.pdbx_parent_biol_id   ? 
_struct_biol.details               ? 
# 
loop_
_struct_conf.conf_type_id 
_struct_conf.id 
_struct_conf.pdbx_PDB_helix_id 
_struct_conf.beg_label_comp_id 
_struct_conf.beg_label_asym_id 
_struct_conf.beg_label_seq_id 
_struct_conf.pdbx_beg_PDB_ins_code 
_struct_conf.end_label_comp_id 
_struct_conf.end_label_asym_id 
_struct_conf.end_label_seq_id 
_struct_conf.pdbx_end_PDB_ins_code 
_struct_conf.beg_auth_comp_id 
_struct_conf.beg_auth_asym_id 
_struct_conf.beg_auth_seq_id 
_struct_conf.end_auth_comp_id 
_struct_conf.end_auth_asym_id 
_struct_conf.end_auth_seq_id 
_struct_conf.pdbx_PDB_helix_class 
_struct_conf.details 
_struct_conf.pdbx_PDB_helix_length 
HELX_P HELX_P1 1 GLY A 27  ? LYS A 38  ? GLY A 23  LYS A 34  1 ? 12 
HELX_P HELX_P2 2 GLY A 73  ? PHE A 77  ? GLY A 69  PHE A 73  5 ? 5  
HELX_P HELX_P3 3 ARG A 78  ? GLY A 87  ? ARG A 74  GLY A 83  1 ? 10 
HELX_P HELX_P4 4 ARG A 99  ? HIS A 105 ? ARG A 95  HIS A 101 1 ? 7  
HELX_P HELX_P5 5 HIS A 105 ? THR A 117 ? HIS A 101 THR A 113 1 ? 13 
HELX_P HELX_P6 6 LEU A 132 ? ARG A 136 ? LEU A 128 ARG A 132 5 ? 5  
HELX_P HELX_P7 7 THR A 139 ? ASN A 150 ? THR A 135 ASN A 146 1 ? 12 
HELX_P HELX_P8 8 ASN A 164 ? TYR A 177 ? ASN A 160 TYR A 173 1 ? 14 
# 
_struct_conf_type.id          HELX_P 
_struct_conf_type.criteria    ? 
_struct_conf_type.reference   ? 
# 
loop_
_struct_conn.id 
_struct_conn.conn_type_id 
_struct_conn.pdbx_leaving_atom_flag 
_struct_conn.pdbx_PDB_id 
_struct_conn.ptnr1_label_asym_id 
_struct_conn.ptnr1_label_comp_id 
_struct_conn.ptnr1_label_seq_id 
_struct_conn.ptnr1_label_atom_id 
_struct_conn.pdbx_ptnr1_label_alt_id 
_struct_conn.pdbx_ptnr1_PDB_ins_code 
_struct_conn.pdbx_ptnr1_standard_comp_id 
_struct_conn.ptnr1_symmetry 
_struct_conn.ptnr2_label_asym_id 
_struct_conn.ptnr2_label_comp_id 
_struct_conn.ptnr2_label_seq_id 
_struct_conn.ptnr2_label_atom_id 
_struct_conn.pdbx_ptnr2_label_alt_id 
_struct_conn.pdbx_ptnr2_PDB_ins_code 
_struct_conn.ptnr1_auth_asym_id 
_struct_conn.ptnr1_auth_comp_id 
_struct_conn.ptnr1_auth_seq_id 
_struct_conn.ptnr2_auth_asym_id 
_struct_conn.ptnr2_auth_comp_id 
_struct_conn.ptnr2_auth_seq_id 
_struct_conn.ptnr2_symmetry 
_struct_conn.pdbx_ptnr3_label_atom_id 
_struct_conn.pdbx_ptnr3_label_seq_id 
_struct_conn.pdbx_ptnr3_label_comp_id 
_struct_conn.pdbx_ptnr3_label_asym_id 
_struct_conn.pdbx_ptnr3_label_alt_id 
_struct_conn.pdbx_ptnr3_PDB_ins_code 
_struct_conn.details 
_struct_conn.pdbx_dist_value 
_struct_conn.pdbx_value_order 
_struct_conn.pdbx_role 
metalc1 metalc ? ? A SER 29 OG  ? ? ? 1_555 B MG  . MG ? ? A SER 25  A MG  201 1_555 ? ? ? ? ? ? ? 2.490 ? ? 
metalc2 metalc ? ? A ASP 70 OD2 ? ? ? 1_555 B MG  . MG ? ? A ASP 66  A MG  201 1_555 ? ? ? ? ? ? ? 2.356 ? ? 
metalc3 metalc ? ? C GDP .  O2B ? ? ? 1_555 B MG  . MG ? ? A GDP 200 A MG  201 1_555 ? ? ? ? ? ? ? 2.348 ? ? 
metalc4 metalc ? ? B MG  .  MG  ? ? ? 1_555 D HOH . O  ? ? A MG  201 A HOH 205 1_555 ? ? ? ? ? ? ? 2.358 ? ? 
metalc5 metalc ? ? B MG  .  MG  ? ? ? 1_555 D HOH . O  ? ? A MG  201 A HOH 240 1_555 ? ? ? ? ? ? ? 2.241 ? ? 
metalc6 metalc ? ? B MG  .  MG  ? ? ? 1_555 D HOH . O  ? ? A MG  201 A HOH 247 1_555 ? ? ? ? ? ? ? 2.545 ? ? 
metalc7 metalc ? ? B MG  .  MG  ? ? ? 1_555 D HOH . O  ? ? A MG  201 A HOH 257 1_555 ? ? ? ? ? ? ? 2.880 ? ? 
# 
_struct_conn_type.id          metalc 
_struct_conn_type.criteria    ? 
_struct_conn_type.reference   ? 
# 
loop_
_pdbx_struct_conn_angle.id 
_pdbx_struct_conn_angle.ptnr1_label_atom_id 
_pdbx_struct_conn_angle.ptnr1_label_alt_id 
_pdbx_struct_conn_angle.ptnr1_label_asym_id 
_pdbx_struct_conn_angle.ptnr1_label_comp_id 
_pdbx_struct_conn_angle.ptnr1_label_seq_id 
_pdbx_struct_conn_angle.ptnr1_auth_atom_id 
_pdbx_struct_conn_angle.ptnr1_auth_asym_id 
_pdbx_struct_conn_angle.ptnr1_auth_comp_id 
_pdbx_struct_conn_angle.ptnr1_auth_seq_id 
_pdbx_struct_conn_angle.ptnr1_PDB_ins_code 
_pdbx_struct_conn_angle.ptnr1_symmetry 
_pdbx_struct_conn_angle.ptnr2_label_atom_id 
_pdbx_struct_conn_angle.ptnr2_label_alt_id 
_pdbx_struct_conn_angle.ptnr2_label_asym_id 
_pdbx_struct_conn_angle.ptnr2_label_comp_id 
_pdbx_struct_conn_angle.ptnr2_label_seq_id 
_pdbx_struct_conn_angle.ptnr2_auth_atom_id 
_pdbx_struct_conn_angle.ptnr2_auth_asym_id 
_pdbx_struct_conn_angle.ptnr2_auth_comp_id 
_pdbx_struct_conn_angle.ptnr2_auth_seq_id 
_pdbx_struct_conn_angle.ptnr2_PDB_ins_code 
_pdbx_struct_conn_angle.ptnr2_symmetry 
_pdbx_struct_conn_angle.ptnr3_label_atom_id 
_pdbx_struct_conn_angle.ptnr3_label_alt_id 
_pdbx_struct_conn_angle.ptnr3_label_asym_id 
_pdbx_struct_conn_angle.ptnr3_label_comp_id 
_pdbx_struct_conn_angle.ptnr3_label_seq_id 
_pdbx_struct_conn_angle.ptnr3_auth_atom_id 
_pdbx_struct_conn_angle.ptnr3_auth_asym_id 
_pdbx_struct_conn_angle.ptnr3_auth_comp_id 
_pdbx_struct_conn_angle.ptnr3_auth_seq_id 
_pdbx_struct_conn_angle.ptnr3_PDB_ins_code 
_pdbx_struct_conn_angle.ptnr3_symmetry 
_pdbx_struct_conn_angle.value 
_pdbx_struct_conn_angle.value_esd 
1  OG  ? A SER 29 ? A SER 25  ? 1_555 MG ? B MG . ? A MG 201 ? 1_555 OD2 ? A ASP 70 ? A ASP 66  ? 1_555 78.7  ? 
2  OG  ? A SER 29 ? A SER 25  ? 1_555 MG ? B MG . ? A MG 201 ? 1_555 O2B ? C GDP .  ? A GDP 200 ? 1_555 82.6  ? 
3  OD2 ? A ASP 70 ? A ASP 66  ? 1_555 MG ? B MG . ? A MG 201 ? 1_555 O2B ? C GDP .  ? A GDP 200 ? 1_555 99.2  ? 
4  OG  ? A SER 29 ? A SER 25  ? 1_555 MG ? B MG . ? A MG 201 ? 1_555 O   ? D HOH .  ? A HOH 205 ? 1_555 80.1  ? 
5  OD2 ? A ASP 70 ? A ASP 66  ? 1_555 MG ? B MG . ? A MG 201 ? 1_555 O   ? D HOH .  ? A HOH 205 ? 1_555 157.9 ? 
6  O2B ? C GDP .  ? A GDP 200 ? 1_555 MG ? B MG . ? A MG 201 ? 1_555 O   ? D HOH .  ? A HOH 205 ? 1_555 84.5  ? 
7  OG  ? A SER 29 ? A SER 25  ? 1_555 MG ? B MG . ? A MG 201 ? 1_555 O   ? D HOH .  ? A HOH 240 ? 1_555 83.1  ? 
8  OD2 ? A ASP 70 ? A ASP 66  ? 1_555 MG ? B MG . ? A MG 201 ? 1_555 O   ? D HOH .  ? A HOH 240 ? 1_555 86.6  ? 
9  O2B ? C GDP .  ? A GDP 200 ? 1_555 MG ? B MG . ? A MG 201 ? 1_555 O   ? D HOH .  ? A HOH 240 ? 1_555 163.2 ? 
10 O   ? D HOH .  ? A HOH 205 ? 1_555 MG ? B MG . ? A MG 201 ? 1_555 O   ? D HOH .  ? A HOH 240 ? 1_555 84.5  ? 
11 OG  ? A SER 29 ? A SER 25  ? 1_555 MG ? B MG . ? A MG 201 ? 1_555 O   ? D HOH .  ? A HOH 247 ? 1_555 143.5 ? 
12 OD2 ? A ASP 70 ? A ASP 66  ? 1_555 MG ? B MG . ? A MG 201 ? 1_555 O   ? D HOH .  ? A HOH 247 ? 1_555 127.1 ? 
13 O2B ? C GDP .  ? A GDP 200 ? 1_555 MG ? B MG . ? A MG 201 ? 1_555 O   ? D HOH .  ? A HOH 247 ? 1_555 113.1 ? 
14 O   ? D HOH .  ? A HOH 205 ? 1_555 MG ? B MG . ? A MG 201 ? 1_555 O   ? D HOH .  ? A HOH 247 ? 1_555 69.5  ? 
15 O   ? D HOH .  ? A HOH 240 ? 1_555 MG ? B MG . ? A MG 201 ? 1_555 O   ? D HOH .  ? A HOH 247 ? 1_555 74.5  ? 
16 OG  ? A SER 29 ? A SER 25  ? 1_555 MG ? B MG . ? A MG 201 ? 1_555 O   ? D HOH .  ? A HOH 257 ? 1_555 155.1 ? 
17 OD2 ? A ASP 70 ? A ASP 66  ? 1_555 MG ? B MG . ? A MG 201 ? 1_555 O   ? D HOH .  ? A HOH 257 ? 1_555 76.4  ? 
18 O2B ? C GDP .  ? A GDP 200 ? 1_555 MG ? B MG . ? A MG 201 ? 1_555 O   ? D HOH .  ? A HOH 257 ? 1_555 103.0 ? 
19 O   ? D HOH .  ? A HOH 205 ? 1_555 MG ? B MG . ? A MG 201 ? 1_555 O   ? D HOH .  ? A HOH 257 ? 1_555 124.3 ? 
20 O   ? D HOH .  ? A HOH 240 ? 1_555 MG ? B MG . ? A MG 201 ? 1_555 O   ? D HOH .  ? A HOH 257 ? 1_555 93.6  ? 
21 O   ? D HOH .  ? A HOH 247 ? 1_555 MG ? B MG . ? A MG 201 ? 1_555 O   ? D HOH .  ? A HOH 257 ? 1_555 56.6  ? 
# 
_struct_sheet.id               A 
_struct_sheet.type             ? 
_struct_sheet.number_strands   6 
_struct_sheet.details          ? 
# 
loop_
_struct_sheet_order.sheet_id 
_struct_sheet_order.range_id_1 
_struct_sheet_order.range_id_2 
_struct_sheet_order.offset 
_struct_sheet_order.sense 
A 1 2 ? anti-parallel 
A 2 3 ? parallel      
A 3 4 ? parallel      
A 4 5 ? parallel      
A 5 6 ? parallel      
# 
loop_
_struct_sheet_range.sheet_id 
_struct_sheet_range.id 
_struct_sheet_range.beg_label_comp_id 
_struct_sheet_range.beg_label_asym_id 
_struct_sheet_range.beg_label_seq_id 
_struct_sheet_range.pdbx_beg_PDB_ins_code 
_struct_sheet_range.end_label_comp_id 
_struct_sheet_range.end_label_asym_id 
_struct_sheet_range.end_label_seq_id 
_struct_sheet_range.pdbx_end_PDB_ins_code 
_struct_sheet_range.beg_auth_comp_id 
_struct_sheet_range.beg_auth_asym_id 
_struct_sheet_range.beg_auth_seq_id 
_struct_sheet_range.end_auth_comp_id 
_struct_sheet_range.end_auth_asym_id 
_struct_sheet_range.end_auth_seq_id 
A 1 PHE A 52  ? VAL A 59  ? PHE A 48  VAL A 55  
A 2 GLN A 62  ? ASP A 70  ? GLN A 58  ASP A 66  
A 3 TYR A 14  ? ILE A 21  ? TYR A 10  ILE A 17  
A 4 GLY A 90  ? ASP A 96  ? GLY A 86  ASP A 92  
A 5 VAL A 122 ? ASN A 128 ? VAL A 118 ASN A 124 
A 6 LEU A 153 ? GLU A 156 ? LEU A 149 GLU A 152 
# 
loop_
_pdbx_struct_sheet_hbond.sheet_id 
_pdbx_struct_sheet_hbond.range_id_1 
_pdbx_struct_sheet_hbond.range_id_2 
_pdbx_struct_sheet_hbond.range_1_label_atom_id 
_pdbx_struct_sheet_hbond.range_1_label_comp_id 
_pdbx_struct_sheet_hbond.range_1_label_asym_id 
_pdbx_struct_sheet_hbond.range_1_label_seq_id 
_pdbx_struct_sheet_hbond.range_1_PDB_ins_code 
_pdbx_struct_sheet_hbond.range_1_auth_atom_id 
_pdbx_struct_sheet_hbond.range_1_auth_comp_id 
_pdbx_struct_sheet_hbond.range_1_auth_asym_id 
_pdbx_struct_sheet_hbond.range_1_auth_seq_id 
_pdbx_struct_sheet_hbond.range_2_label_atom_id 
_pdbx_struct_sheet_hbond.range_2_label_comp_id 
_pdbx_struct_sheet_hbond.range_2_label_asym_id 
_pdbx_struct_sheet_hbond.range_2_label_seq_id 
_pdbx_struct_sheet_hbond.range_2_PDB_ins_code 
_pdbx_struct_sheet_hbond.range_2_auth_atom_id 
_pdbx_struct_sheet_hbond.range_2_auth_comp_id 
_pdbx_struct_sheet_hbond.range_2_auth_asym_id 
_pdbx_struct_sheet_hbond.range_2_auth_seq_id 
A 1 2 N ARG A 55  ? N ARG A 51  O LEU A 66  ? O LEU A 62  
A 2 3 O GLN A 67  ? O GLN A 63  N TYR A 18  ? N TYR A 14  
A 3 4 N ILE A 21  ? N ILE A 17  O VAL A 94  ? O VAL A 90  
A 4 5 N ALA A 91  ? N ALA A 87  O ILE A 124 ? O ILE A 120 
A 5 6 N LEU A 125 ? N LEU A 121 O LEU A 153 ? O LEU A 149 
# 
loop_
_struct_site.id 
_struct_site.pdbx_evidence_code 
_struct_site.pdbx_auth_asym_id 
_struct_site.pdbx_auth_comp_id 
_struct_site.pdbx_auth_seq_id 
_struct_site.pdbx_auth_ins_code 
_struct_site.pdbx_num_residues 
_struct_site.details 
AC1 Software A MG  201 ? 7  'BINDING SITE FOR RESIDUE MG A 201'  
AC2 Software A GDP 200 ? 20 'BINDING SITE FOR RESIDUE GDP A 200' 
# 
loop_
_struct_site_gen.id 
_struct_site_gen.site_id 
_struct_site_gen.pdbx_num_res 
_struct_site_gen.label_comp_id 
_struct_site_gen.label_asym_id 
_struct_site_gen.label_seq_id 
_struct_site_gen.pdbx_auth_ins_code 
_struct_site_gen.auth_comp_id 
_struct_site_gen.auth_asym_id 
_struct_site_gen.auth_seq_id 
_struct_site_gen.label_atom_id 
_struct_site_gen.label_alt_id 
_struct_site_gen.symmetry 
_struct_site_gen.details 
1  AC1 7  SER A 29  ? SER A 25  . ? 1_555 ? 
2  AC1 7  ASP A 70  ? ASP A 66  . ? 1_555 ? 
3  AC1 7  GDP C .   ? GDP A 200 . ? 1_555 ? 
4  AC1 7  HOH D .   ? HOH A 205 . ? 1_555 ? 
5  AC1 7  HOH D .   ? HOH A 240 . ? 1_555 ? 
6  AC1 7  HOH D .   ? HOH A 247 . ? 1_555 ? 
7  AC1 7  HOH D .   ? HOH A 257 . ? 1_555 ? 
8  AC2 20 GLY A 25  ? GLY A 21  . ? 1_555 ? 
9  AC2 20 VAL A 26  ? VAL A 22  . ? 1_555 ? 
10 AC2 20 GLY A 27  ? GLY A 23  . ? 1_555 ? 
11 AC2 20 LYS A 28  ? LYS A 24  . ? 1_555 ? 
12 AC2 20 SER A 29  ? SER A 25  . ? 1_555 ? 
13 AC2 20 CYS A 30  ? CYS A 26  . ? 1_555 ? 
14 AC2 20 PHE A 40  ? PHE A 36  . ? 1_555 ? 
15 AC2 20 ASP A 70  ? ASP A 66  . ? 1_555 ? 
16 AC2 20 ASN A 128 ? ASN A 124 . ? 1_555 ? 
17 AC2 20 LYS A 129 ? LYS A 125 . ? 1_555 ? 
18 AC2 20 ASP A 131 ? ASP A 127 . ? 1_555 ? 
19 AC2 20 LEU A 132 ? LEU A 128 . ? 1_555 ? 
20 AC2 20 SER A 158 ? SER A 154 . ? 1_555 ? 
21 AC2 20 ALA A 159 ? ALA A 155 . ? 1_555 ? 
22 AC2 20 LYS A 160 ? LYS A 156 . ? 1_555 ? 
23 AC2 20 MG  B .   ? MG  A 201 . ? 1_555 ? 
24 AC2 20 HOH D .   ? HOH A 205 . ? 1_555 ? 
25 AC2 20 HOH D .   ? HOH A 252 . ? 1_555 ? 
26 AC2 20 HOH D .   ? HOH A 253 . ? 1_555 ? 
27 AC2 20 HOH D .   ? HOH A 268 . ? 1_555 ? 
# 
loop_
_pdbx_validate_torsion.id 
_pdbx_validate_torsion.PDB_model_num 
_pdbx_validate_torsion.auth_comp_id 
_pdbx_validate_torsion.auth_asym_id 
_pdbx_validate_torsion.auth_seq_id 
_pdbx_validate_torsion.PDB_ins_code 
_pdbx_validate_torsion.label_alt_id 
_pdbx_validate_torsion.phi 
_pdbx_validate_torsion.psi 
1 1 MET A 37  ? ? -64.22  -76.11  
2 1 ALA A 38  ? ? 67.78   -22.05  
3 1 THR A 113 ? ? -105.05 -138.76 
# 
loop_
_pdbx_unobs_or_zero_occ_residues.id 
_pdbx_unobs_or_zero_occ_residues.PDB_model_num 
_pdbx_unobs_or_zero_occ_residues.polymer_flag 
_pdbx_unobs_or_zero_occ_residues.occupancy_flag 
_pdbx_unobs_or_zero_occ_residues.auth_asym_id 
_pdbx_unobs_or_zero_occ_residues.auth_comp_id 
_pdbx_unobs_or_zero_occ_residues.auth_seq_id 
_pdbx_unobs_or_zero_occ_residues.PDB_ins_code 
_pdbx_unobs_or_zero_occ_residues.label_asym_id 
_pdbx_unobs_or_zero_occ_residues.label_comp_id 
_pdbx_unobs_or_zero_occ_residues.label_seq_id 
1  1 Y 1 A GLY -3  ? A GLY 1   
2  1 Y 1 A PRO -2  ? A PRO 2   
3  1 Y 1 A LEU -1  ? A LEU 3   
4  1 Y 1 A GLY 0   ? A GLY 4   
5  1 Y 1 A SER 1   ? A SER 5   
6  1 Y 1 A ALA 2   ? A ALA 6   
7  1 Y 1 A THR 3   ? A THR 7   
8  1 Y 1 A ALA 4   ? A ALA 8   
9  1 Y 1 A PRO 5   ? A PRO 9   
10 1 Y 1 A TYR 6   ? A TYR 10  
11 1 Y 1 A GLN 174 ? A GLN 178 
12 1 Y 1 A ASN 175 ? A ASN 179 
# 
loop_
_chem_comp_atom.comp_id 
_chem_comp_atom.atom_id 
_chem_comp_atom.type_symbol 
_chem_comp_atom.pdbx_aromatic_flag 
_chem_comp_atom.pdbx_stereo_config 
_chem_comp_atom.pdbx_ordinal 
ALA N      N  N N 1   
ALA CA     C  N S 2   
ALA C      C  N N 3   
ALA O      O  N N 4   
ALA CB     C  N N 5   
ALA OXT    O  N N 6   
ALA H      H  N N 7   
ALA H2     H  N N 8   
ALA HA     H  N N 9   
ALA HB1    H  N N 10  
ALA HB2    H  N N 11  
ALA HB3    H  N N 12  
ALA HXT    H  N N 13  
ARG N      N  N N 14  
ARG CA     C  N S 15  
ARG C      C  N N 16  
ARG O      O  N N 17  
ARG CB     C  N N 18  
ARG CG     C  N N 19  
ARG CD     C  N N 20  
ARG NE     N  N N 21  
ARG CZ     C  N N 22  
ARG NH1    N  N N 23  
ARG NH2    N  N N 24  
ARG OXT    O  N N 25  
ARG H      H  N N 26  
ARG H2     H  N N 27  
ARG HA     H  N N 28  
ARG HB2    H  N N 29  
ARG HB3    H  N N 30  
ARG HG2    H  N N 31  
ARG HG3    H  N N 32  
ARG HD2    H  N N 33  
ARG HD3    H  N N 34  
ARG HE     H  N N 35  
ARG HH11   H  N N 36  
ARG HH12   H  N N 37  
ARG HH21   H  N N 38  
ARG HH22   H  N N 39  
ARG HXT    H  N N 40  
ASN N      N  N N 41  
ASN CA     C  N S 42  
ASN C      C  N N 43  
ASN O      O  N N 44  
ASN CB     C  N N 45  
ASN CG     C  N N 46  
ASN OD1    O  N N 47  
ASN ND2    N  N N 48  
ASN OXT    O  N N 49  
ASN H      H  N N 50  
ASN H2     H  N N 51  
ASN HA     H  N N 52  
ASN HB2    H  N N 53  
ASN HB3    H  N N 54  
ASN HD21   H  N N 55  
ASN HD22   H  N N 56  
ASN HXT    H  N N 57  
ASP N      N  N N 58  
ASP CA     C  N S 59  
ASP C      C  N N 60  
ASP O      O  N N 61  
ASP CB     C  N N 62  
ASP CG     C  N N 63  
ASP OD1    O  N N 64  
ASP OD2    O  N N 65  
ASP OXT    O  N N 66  
ASP H      H  N N 67  
ASP H2     H  N N 68  
ASP HA     H  N N 69  
ASP HB2    H  N N 70  
ASP HB3    H  N N 71  
ASP HD2    H  N N 72  
ASP HXT    H  N N 73  
CYS N      N  N N 74  
CYS CA     C  N R 75  
CYS C      C  N N 76  
CYS O      O  N N 77  
CYS CB     C  N N 78  
CYS SG     S  N N 79  
CYS OXT    O  N N 80  
CYS H      H  N N 81  
CYS H2     H  N N 82  
CYS HA     H  N N 83  
CYS HB2    H  N N 84  
CYS HB3    H  N N 85  
CYS HG     H  N N 86  
CYS HXT    H  N N 87  
GDP PB     P  N N 88  
GDP O1B    O  N N 89  
GDP O2B    O  N N 90  
GDP O3B    O  N N 91  
GDP O3A    O  N N 92  
GDP PA     P  N N 93  
GDP O1A    O  N N 94  
GDP O2A    O  N N 95  
GDP "O5'"  O  N N 96  
GDP "C5'"  C  N N 97  
GDP "C4'"  C  N R 98  
GDP "O4'"  O  N N 99  
GDP "C3'"  C  N S 100 
GDP "O3'"  O  N N 101 
GDP "C2'"  C  N R 102 
GDP "O2'"  O  N N 103 
GDP "C1'"  C  N R 104 
GDP N9     N  Y N 105 
GDP C8     C  Y N 106 
GDP N7     N  Y N 107 
GDP C5     C  Y N 108 
GDP C6     C  N N 109 
GDP O6     O  N N 110 
GDP N1     N  N N 111 
GDP C2     C  N N 112 
GDP N2     N  N N 113 
GDP N3     N  N N 114 
GDP C4     C  Y N 115 
GDP HOB2   H  N N 116 
GDP HOB3   H  N N 117 
GDP HOA2   H  N N 118 
GDP "H5'"  H  N N 119 
GDP "H5''" H  N N 120 
GDP "H4'"  H  N N 121 
GDP "H3'"  H  N N 122 
GDP "HO3'" H  N N 123 
GDP "H2'"  H  N N 124 
GDP "HO2'" H  N N 125 
GDP "H1'"  H  N N 126 
GDP H8     H  N N 127 
GDP HN1    H  N N 128 
GDP HN21   H  N N 129 
GDP HN22   H  N N 130 
GLN N      N  N N 131 
GLN CA     C  N S 132 
GLN C      C  N N 133 
GLN O      O  N N 134 
GLN CB     C  N N 135 
GLN CG     C  N N 136 
GLN CD     C  N N 137 
GLN OE1    O  N N 138 
GLN NE2    N  N N 139 
GLN OXT    O  N N 140 
GLN H      H  N N 141 
GLN H2     H  N N 142 
GLN HA     H  N N 143 
GLN HB2    H  N N 144 
GLN HB3    H  N N 145 
GLN HG2    H  N N 146 
GLN HG3    H  N N 147 
GLN HE21   H  N N 148 
GLN HE22   H  N N 149 
GLN HXT    H  N N 150 
GLU N      N  N N 151 
GLU CA     C  N S 152 
GLU C      C  N N 153 
GLU O      O  N N 154 
GLU CB     C  N N 155 
GLU CG     C  N N 156 
GLU CD     C  N N 157 
GLU OE1    O  N N 158 
GLU OE2    O  N N 159 
GLU OXT    O  N N 160 
GLU H      H  N N 161 
GLU H2     H  N N 162 
GLU HA     H  N N 163 
GLU HB2    H  N N 164 
GLU HB3    H  N N 165 
GLU HG2    H  N N 166 
GLU HG3    H  N N 167 
GLU HE2    H  N N 168 
GLU HXT    H  N N 169 
GLY N      N  N N 170 
GLY CA     C  N N 171 
GLY C      C  N N 172 
GLY O      O  N N 173 
GLY OXT    O  N N 174 
GLY H      H  N N 175 
GLY H2     H  N N 176 
GLY HA2    H  N N 177 
GLY HA3    H  N N 178 
GLY HXT    H  N N 179 
HIS N      N  N N 180 
HIS CA     C  N S 181 
HIS C      C  N N 182 
HIS O      O  N N 183 
HIS CB     C  N N 184 
HIS CG     C  Y N 185 
HIS ND1    N  Y N 186 
HIS CD2    C  Y N 187 
HIS CE1    C  Y N 188 
HIS NE2    N  Y N 189 
HIS OXT    O  N N 190 
HIS H      H  N N 191 
HIS H2     H  N N 192 
HIS HA     H  N N 193 
HIS HB2    H  N N 194 
HIS HB3    H  N N 195 
HIS HD1    H  N N 196 
HIS HD2    H  N N 197 
HIS HE1    H  N N 198 
HIS HE2    H  N N 199 
HIS HXT    H  N N 200 
HOH O      O  N N 201 
HOH H1     H  N N 202 
HOH H2     H  N N 203 
ILE N      N  N N 204 
ILE CA     C  N S 205 
ILE C      C  N N 206 
ILE O      O  N N 207 
ILE CB     C  N S 208 
ILE CG1    C  N N 209 
ILE CG2    C  N N 210 
ILE CD1    C  N N 211 
ILE OXT    O  N N 212 
ILE H      H  N N 213 
ILE H2     H  N N 214 
ILE HA     H  N N 215 
ILE HB     H  N N 216 
ILE HG12   H  N N 217 
ILE HG13   H  N N 218 
ILE HG21   H  N N 219 
ILE HG22   H  N N 220 
ILE HG23   H  N N 221 
ILE HD11   H  N N 222 
ILE HD12   H  N N 223 
ILE HD13   H  N N 224 
ILE HXT    H  N N 225 
LEU N      N  N N 226 
LEU CA     C  N S 227 
LEU C      C  N N 228 
LEU O      O  N N 229 
LEU CB     C  N N 230 
LEU CG     C  N N 231 
LEU CD1    C  N N 232 
LEU CD2    C  N N 233 
LEU OXT    O  N N 234 
LEU H      H  N N 235 
LEU H2     H  N N 236 
LEU HA     H  N N 237 
LEU HB2    H  N N 238 
LEU HB3    H  N N 239 
LEU HG     H  N N 240 
LEU HD11   H  N N 241 
LEU HD12   H  N N 242 
LEU HD13   H  N N 243 
LEU HD21   H  N N 244 
LEU HD22   H  N N 245 
LEU HD23   H  N N 246 
LEU HXT    H  N N 247 
LYS N      N  N N 248 
LYS CA     C  N S 249 
LYS C      C  N N 250 
LYS O      O  N N 251 
LYS CB     C  N N 252 
LYS CG     C  N N 253 
LYS CD     C  N N 254 
LYS CE     C  N N 255 
LYS NZ     N  N N 256 
LYS OXT    O  N N 257 
LYS H      H  N N 258 
LYS H2     H  N N 259 
LYS HA     H  N N 260 
LYS HB2    H  N N 261 
LYS HB3    H  N N 262 
LYS HG2    H  N N 263 
LYS HG3    H  N N 264 
LYS HD2    H  N N 265 
LYS HD3    H  N N 266 
LYS HE2    H  N N 267 
LYS HE3    H  N N 268 
LYS HZ1    H  N N 269 
LYS HZ2    H  N N 270 
LYS HZ3    H  N N 271 
LYS HXT    H  N N 272 
MET N      N  N N 273 
MET CA     C  N S 274 
MET C      C  N N 275 
MET O      O  N N 276 
MET CB     C  N N 277 
MET CG     C  N N 278 
MET SD     S  N N 279 
MET CE     C  N N 280 
MET OXT    O  N N 281 
MET H      H  N N 282 
MET H2     H  N N 283 
MET HA     H  N N 284 
MET HB2    H  N N 285 
MET HB3    H  N N 286 
MET HG2    H  N N 287 
MET HG3    H  N N 288 
MET HE1    H  N N 289 
MET HE2    H  N N 290 
MET HE3    H  N N 291 
MET HXT    H  N N 292 
MG  MG     MG N N 293 
PHE N      N  N N 294 
PHE CA     C  N S 295 
PHE C      C  N N 296 
PHE O      O  N N 297 
PHE CB     C  N N 298 
PHE CG     C  Y N 299 
PHE CD1    C  Y N 300 
PHE CD2    C  Y N 301 
PHE CE1    C  Y N 302 
PHE CE2    C  Y N 303 
PHE CZ     C  Y N 304 
PHE OXT    O  N N 305 
PHE H      H  N N 306 
PHE H2     H  N N 307 
PHE HA     H  N N 308 
PHE HB2    H  N N 309 
PHE HB3    H  N N 310 
PHE HD1    H  N N 311 
PHE HD2    H  N N 312 
PHE HE1    H  N N 313 
PHE HE2    H  N N 314 
PHE HZ     H  N N 315 
PHE HXT    H  N N 316 
PRO N      N  N N 317 
PRO CA     C  N S 318 
PRO C      C  N N 319 
PRO O      O  N N 320 
PRO CB     C  N N 321 
PRO CG     C  N N 322 
PRO CD     C  N N 323 
PRO OXT    O  N N 324 
PRO H      H  N N 325 
PRO HA     H  N N 326 
PRO HB2    H  N N 327 
PRO HB3    H  N N 328 
PRO HG2    H  N N 329 
PRO HG3    H  N N 330 
PRO HD2    H  N N 331 
PRO HD3    H  N N 332 
PRO HXT    H  N N 333 
SER N      N  N N 334 
SER CA     C  N S 335 
SER C      C  N N 336 
SER O      O  N N 337 
SER CB     C  N N 338 
SER OG     O  N N 339 
SER OXT    O  N N 340 
SER H      H  N N 341 
SER H2     H  N N 342 
SER HA     H  N N 343 
SER HB2    H  N N 344 
SER HB3    H  N N 345 
SER HG     H  N N 346 
SER HXT    H  N N 347 
THR N      N  N N 348 
THR CA     C  N S 349 
THR C      C  N N 350 
THR O      O  N N 351 
THR CB     C  N R 352 
THR OG1    O  N N 353 
THR CG2    C  N N 354 
THR OXT    O  N N 355 
THR H      H  N N 356 
THR H2     H  N N 357 
THR HA     H  N N 358 
THR HB     H  N N 359 
THR HG1    H  N N 360 
THR HG21   H  N N 361 
THR HG22   H  N N 362 
THR HG23   H  N N 363 
THR HXT    H  N N 364 
TRP N      N  N N 365 
TRP CA     C  N S 366 
TRP C      C  N N 367 
TRP O      O  N N 368 
TRP CB     C  N N 369 
TRP CG     C  Y N 370 
TRP CD1    C  Y N 371 
TRP CD2    C  Y N 372 
TRP NE1    N  Y N 373 
TRP CE2    C  Y N 374 
TRP CE3    C  Y N 375 
TRP CZ2    C  Y N 376 
TRP CZ3    C  Y N 377 
TRP CH2    C  Y N 378 
TRP OXT    O  N N 379 
TRP H      H  N N 380 
TRP H2     H  N N 381 
TRP HA     H  N N 382 
TRP HB2    H  N N 383 
TRP HB3    H  N N 384 
TRP HD1    H  N N 385 
TRP HE1    H  N N 386 
TRP HE3    H  N N 387 
TRP HZ2    H  N N 388 
TRP HZ3    H  N N 389 
TRP HH2    H  N N 390 
TRP HXT    H  N N 391 
TYR N      N  N N 392 
TYR CA     C  N S 393 
TYR C      C  N N 394 
TYR O      O  N N 395 
TYR CB     C  N N 396 
TYR CG     C  Y N 397 
TYR CD1    C  Y N 398 
TYR CD2    C  Y N 399 
TYR CE1    C  Y N 400 
TYR CE2    C  Y N 401 
TYR CZ     C  Y N 402 
TYR OH     O  N N 403 
TYR OXT    O  N N 404 
TYR H      H  N N 405 
TYR H2     H  N N 406 
TYR HA     H  N N 407 
TYR HB2    H  N N 408 
TYR HB3    H  N N 409 
TYR HD1    H  N N 410 
TYR HD2    H  N N 411 
TYR HE1    H  N N 412 
TYR HE2    H  N N 413 
TYR HH     H  N N 414 
TYR HXT    H  N N 415 
VAL N      N  N N 416 
VAL CA     C  N S 417 
VAL C      C  N N 418 
VAL O      O  N N 419 
VAL CB     C  N N 420 
VAL CG1    C  N N 421 
VAL CG2    C  N N 422 
VAL OXT    O  N N 423 
VAL H      H  N N 424 
VAL H2     H  N N 425 
VAL HA     H  N N 426 
VAL HB     H  N N 427 
VAL HG11   H  N N 428 
VAL HG12   H  N N 429 
VAL HG13   H  N N 430 
VAL HG21   H  N N 431 
VAL HG22   H  N N 432 
VAL HG23   H  N N 433 
VAL HXT    H  N N 434 
# 
loop_
_chem_comp_bond.comp_id 
_chem_comp_bond.atom_id_1 
_chem_comp_bond.atom_id_2 
_chem_comp_bond.value_order 
_chem_comp_bond.pdbx_aromatic_flag 
_chem_comp_bond.pdbx_stereo_config 
_chem_comp_bond.pdbx_ordinal 
ALA N     CA     sing N N 1   
ALA N     H      sing N N 2   
ALA N     H2     sing N N 3   
ALA CA    C      sing N N 4   
ALA CA    CB     sing N N 5   
ALA CA    HA     sing N N 6   
ALA C     O      doub N N 7   
ALA C     OXT    sing N N 8   
ALA CB    HB1    sing N N 9   
ALA CB    HB2    sing N N 10  
ALA CB    HB3    sing N N 11  
ALA OXT   HXT    sing N N 12  
ARG N     CA     sing N N 13  
ARG N     H      sing N N 14  
ARG N     H2     sing N N 15  
ARG CA    C      sing N N 16  
ARG CA    CB     sing N N 17  
ARG CA    HA     sing N N 18  
ARG C     O      doub N N 19  
ARG C     OXT    sing N N 20  
ARG CB    CG     sing N N 21  
ARG CB    HB2    sing N N 22  
ARG CB    HB3    sing N N 23  
ARG CG    CD     sing N N 24  
ARG CG    HG2    sing N N 25  
ARG CG    HG3    sing N N 26  
ARG CD    NE     sing N N 27  
ARG CD    HD2    sing N N 28  
ARG CD    HD3    sing N N 29  
ARG NE    CZ     sing N N 30  
ARG NE    HE     sing N N 31  
ARG CZ    NH1    sing N N 32  
ARG CZ    NH2    doub N N 33  
ARG NH1   HH11   sing N N 34  
ARG NH1   HH12   sing N N 35  
ARG NH2   HH21   sing N N 36  
ARG NH2   HH22   sing N N 37  
ARG OXT   HXT    sing N N 38  
ASN N     CA     sing N N 39  
ASN N     H      sing N N 40  
ASN N     H2     sing N N 41  
ASN CA    C      sing N N 42  
ASN CA    CB     sing N N 43  
ASN CA    HA     sing N N 44  
ASN C     O      doub N N 45  
ASN C     OXT    sing N N 46  
ASN CB    CG     sing N N 47  
ASN CB    HB2    sing N N 48  
ASN CB    HB3    sing N N 49  
ASN CG    OD1    doub N N 50  
ASN CG    ND2    sing N N 51  
ASN ND2   HD21   sing N N 52  
ASN ND2   HD22   sing N N 53  
ASN OXT   HXT    sing N N 54  
ASP N     CA     sing N N 55  
ASP N     H      sing N N 56  
ASP N     H2     sing N N 57  
ASP CA    C      sing N N 58  
ASP CA    CB     sing N N 59  
ASP CA    HA     sing N N 60  
ASP C     O      doub N N 61  
ASP C     OXT    sing N N 62  
ASP CB    CG     sing N N 63  
ASP CB    HB2    sing N N 64  
ASP CB    HB3    sing N N 65  
ASP CG    OD1    doub N N 66  
ASP CG    OD2    sing N N 67  
ASP OD2   HD2    sing N N 68  
ASP OXT   HXT    sing N N 69  
CYS N     CA     sing N N 70  
CYS N     H      sing N N 71  
CYS N     H2     sing N N 72  
CYS CA    C      sing N N 73  
CYS CA    CB     sing N N 74  
CYS CA    HA     sing N N 75  
CYS C     O      doub N N 76  
CYS C     OXT    sing N N 77  
CYS CB    SG     sing N N 78  
CYS CB    HB2    sing N N 79  
CYS CB    HB3    sing N N 80  
CYS SG    HG     sing N N 81  
CYS OXT   HXT    sing N N 82  
GDP PB    O1B    doub N N 83  
GDP PB    O2B    sing N N 84  
GDP PB    O3B    sing N N 85  
GDP PB    O3A    sing N N 86  
GDP O2B   HOB2   sing N N 87  
GDP O3B   HOB3   sing N N 88  
GDP O3A   PA     sing N N 89  
GDP PA    O1A    doub N N 90  
GDP PA    O2A    sing N N 91  
GDP PA    "O5'"  sing N N 92  
GDP O2A   HOA2   sing N N 93  
GDP "O5'" "C5'"  sing N N 94  
GDP "C5'" "C4'"  sing N N 95  
GDP "C5'" "H5'"  sing N N 96  
GDP "C5'" "H5''" sing N N 97  
GDP "C4'" "O4'"  sing N N 98  
GDP "C4'" "C3'"  sing N N 99  
GDP "C4'" "H4'"  sing N N 100 
GDP "O4'" "C1'"  sing N N 101 
GDP "C3'" "O3'"  sing N N 102 
GDP "C3'" "C2'"  sing N N 103 
GDP "C3'" "H3'"  sing N N 104 
GDP "O3'" "HO3'" sing N N 105 
GDP "C2'" "O2'"  sing N N 106 
GDP "C2'" "C1'"  sing N N 107 
GDP "C2'" "H2'"  sing N N 108 
GDP "O2'" "HO2'" sing N N 109 
GDP "C1'" N9     sing N N 110 
GDP "C1'" "H1'"  sing N N 111 
GDP N9    C8     sing Y N 112 
GDP N9    C4     sing Y N 113 
GDP C8    N7     doub Y N 114 
GDP C8    H8     sing N N 115 
GDP N7    C5     sing Y N 116 
GDP C5    C6     sing N N 117 
GDP C5    C4     doub Y N 118 
GDP C6    O6     doub N N 119 
GDP C6    N1     sing N N 120 
GDP N1    C2     sing N N 121 
GDP N1    HN1    sing N N 122 
GDP C2    N2     sing N N 123 
GDP C2    N3     doub N N 124 
GDP N2    HN21   sing N N 125 
GDP N2    HN22   sing N N 126 
GDP N3    C4     sing N N 127 
GLN N     CA     sing N N 128 
GLN N     H      sing N N 129 
GLN N     H2     sing N N 130 
GLN CA    C      sing N N 131 
GLN CA    CB     sing N N 132 
GLN CA    HA     sing N N 133 
GLN C     O      doub N N 134 
GLN C     OXT    sing N N 135 
GLN CB    CG     sing N N 136 
GLN CB    HB2    sing N N 137 
GLN CB    HB3    sing N N 138 
GLN CG    CD     sing N N 139 
GLN CG    HG2    sing N N 140 
GLN CG    HG3    sing N N 141 
GLN CD    OE1    doub N N 142 
GLN CD    NE2    sing N N 143 
GLN NE2   HE21   sing N N 144 
GLN NE2   HE22   sing N N 145 
GLN OXT   HXT    sing N N 146 
GLU N     CA     sing N N 147 
GLU N     H      sing N N 148 
GLU N     H2     sing N N 149 
GLU CA    C      sing N N 150 
GLU CA    CB     sing N N 151 
GLU CA    HA     sing N N 152 
GLU C     O      doub N N 153 
GLU C     OXT    sing N N 154 
GLU CB    CG     sing N N 155 
GLU CB    HB2    sing N N 156 
GLU CB    HB3    sing N N 157 
GLU CG    CD     sing N N 158 
GLU CG    HG2    sing N N 159 
GLU CG    HG3    sing N N 160 
GLU CD    OE1    doub N N 161 
GLU CD    OE2    sing N N 162 
GLU OE2   HE2    sing N N 163 
GLU OXT   HXT    sing N N 164 
GLY N     CA     sing N N 165 
GLY N     H      sing N N 166 
GLY N     H2     sing N N 167 
GLY CA    C      sing N N 168 
GLY CA    HA2    sing N N 169 
GLY CA    HA3    sing N N 170 
GLY C     O      doub N N 171 
GLY C     OXT    sing N N 172 
GLY OXT   HXT    sing N N 173 
HIS N     CA     sing N N 174 
HIS N     H      sing N N 175 
HIS N     H2     sing N N 176 
HIS CA    C      sing N N 177 
HIS CA    CB     sing N N 178 
HIS CA    HA     sing N N 179 
HIS C     O      doub N N 180 
HIS C     OXT    sing N N 181 
HIS CB    CG     sing N N 182 
HIS CB    HB2    sing N N 183 
HIS CB    HB3    sing N N 184 
HIS CG    ND1    sing Y N 185 
HIS CG    CD2    doub Y N 186 
HIS ND1   CE1    doub Y N 187 
HIS ND1   HD1    sing N N 188 
HIS CD2   NE2    sing Y N 189 
HIS CD2   HD2    sing N N 190 
HIS CE1   NE2    sing Y N 191 
HIS CE1   HE1    sing N N 192 
HIS NE2   HE2    sing N N 193 
HIS OXT   HXT    sing N N 194 
HOH O     H1     sing N N 195 
HOH O     H2     sing N N 196 
ILE N     CA     sing N N 197 
ILE N     H      sing N N 198 
ILE N     H2     sing N N 199 
ILE CA    C      sing N N 200 
ILE CA    CB     sing N N 201 
ILE CA    HA     sing N N 202 
ILE C     O      doub N N 203 
ILE C     OXT    sing N N 204 
ILE CB    CG1    sing N N 205 
ILE CB    CG2    sing N N 206 
ILE CB    HB     sing N N 207 
ILE CG1   CD1    sing N N 208 
ILE CG1   HG12   sing N N 209 
ILE CG1   HG13   sing N N 210 
ILE CG2   HG21   sing N N 211 
ILE CG2   HG22   sing N N 212 
ILE CG2   HG23   sing N N 213 
ILE CD1   HD11   sing N N 214 
ILE CD1   HD12   sing N N 215 
ILE CD1   HD13   sing N N 216 
ILE OXT   HXT    sing N N 217 
LEU N     CA     sing N N 218 
LEU N     H      sing N N 219 
LEU N     H2     sing N N 220 
LEU CA    C      sing N N 221 
LEU CA    CB     sing N N 222 
LEU CA    HA     sing N N 223 
LEU C     O      doub N N 224 
LEU C     OXT    sing N N 225 
LEU CB    CG     sing N N 226 
LEU CB    HB2    sing N N 227 
LEU CB    HB3    sing N N 228 
LEU CG    CD1    sing N N 229 
LEU CG    CD2    sing N N 230 
LEU CG    HG     sing N N 231 
LEU CD1   HD11   sing N N 232 
LEU CD1   HD12   sing N N 233 
LEU CD1   HD13   sing N N 234 
LEU CD2   HD21   sing N N 235 
LEU CD2   HD22   sing N N 236 
LEU CD2   HD23   sing N N 237 
LEU OXT   HXT    sing N N 238 
LYS N     CA     sing N N 239 
LYS N     H      sing N N 240 
LYS N     H2     sing N N 241 
LYS CA    C      sing N N 242 
LYS CA    CB     sing N N 243 
LYS CA    HA     sing N N 244 
LYS C     O      doub N N 245 
LYS C     OXT    sing N N 246 
LYS CB    CG     sing N N 247 
LYS CB    HB2    sing N N 248 
LYS CB    HB3    sing N N 249 
LYS CG    CD     sing N N 250 
LYS CG    HG2    sing N N 251 
LYS CG    HG3    sing N N 252 
LYS CD    CE     sing N N 253 
LYS CD    HD2    sing N N 254 
LYS CD    HD3    sing N N 255 
LYS CE    NZ     sing N N 256 
LYS CE    HE2    sing N N 257 
LYS CE    HE3    sing N N 258 
LYS NZ    HZ1    sing N N 259 
LYS NZ    HZ2    sing N N 260 
LYS NZ    HZ3    sing N N 261 
LYS OXT   HXT    sing N N 262 
MET N     CA     sing N N 263 
MET N     H      sing N N 264 
MET N     H2     sing N N 265 
MET CA    C      sing N N 266 
MET CA    CB     sing N N 267 
MET CA    HA     sing N N 268 
MET C     O      doub N N 269 
MET C     OXT    sing N N 270 
MET CB    CG     sing N N 271 
MET CB    HB2    sing N N 272 
MET CB    HB3    sing N N 273 
MET CG    SD     sing N N 274 
MET CG    HG2    sing N N 275 
MET CG    HG3    sing N N 276 
MET SD    CE     sing N N 277 
MET CE    HE1    sing N N 278 
MET CE    HE2    sing N N 279 
MET CE    HE3    sing N N 280 
MET OXT   HXT    sing N N 281 
PHE N     CA     sing N N 282 
PHE N     H      sing N N 283 
PHE N     H2     sing N N 284 
PHE CA    C      sing N N 285 
PHE CA    CB     sing N N 286 
PHE CA    HA     sing N N 287 
PHE C     O      doub N N 288 
PHE C     OXT    sing N N 289 
PHE CB    CG     sing N N 290 
PHE CB    HB2    sing N N 291 
PHE CB    HB3    sing N N 292 
PHE CG    CD1    doub Y N 293 
PHE CG    CD2    sing Y N 294 
PHE CD1   CE1    sing Y N 295 
PHE CD1   HD1    sing N N 296 
PHE CD2   CE2    doub Y N 297 
PHE CD2   HD2    sing N N 298 
PHE CE1   CZ     doub Y N 299 
PHE CE1   HE1    sing N N 300 
PHE CE2   CZ     sing Y N 301 
PHE CE2   HE2    sing N N 302 
PHE CZ    HZ     sing N N 303 
PHE OXT   HXT    sing N N 304 
PRO N     CA     sing N N 305 
PRO N     CD     sing N N 306 
PRO N     H      sing N N 307 
PRO CA    C      sing N N 308 
PRO CA    CB     sing N N 309 
PRO CA    HA     sing N N 310 
PRO C     O      doub N N 311 
PRO C     OXT    sing N N 312 
PRO CB    CG     sing N N 313 
PRO CB    HB2    sing N N 314 
PRO CB    HB3    sing N N 315 
PRO CG    CD     sing N N 316 
PRO CG    HG2    sing N N 317 
PRO CG    HG3    sing N N 318 
PRO CD    HD2    sing N N 319 
PRO CD    HD3    sing N N 320 
PRO OXT   HXT    sing N N 321 
SER N     CA     sing N N 322 
SER N     H      sing N N 323 
SER N     H2     sing N N 324 
SER CA    C      sing N N 325 
SER CA    CB     sing N N 326 
SER CA    HA     sing N N 327 
SER C     O      doub N N 328 
SER C     OXT    sing N N 329 
SER CB    OG     sing N N 330 
SER CB    HB2    sing N N 331 
SER CB    HB3    sing N N 332 
SER OG    HG     sing N N 333 
SER OXT   HXT    sing N N 334 
THR N     CA     sing N N 335 
THR N     H      sing N N 336 
THR N     H2     sing N N 337 
THR CA    C      sing N N 338 
THR CA    CB     sing N N 339 
THR CA    HA     sing N N 340 
THR C     O      doub N N 341 
THR C     OXT    sing N N 342 
THR CB    OG1    sing N N 343 
THR CB    CG2    sing N N 344 
THR CB    HB     sing N N 345 
THR OG1   HG1    sing N N 346 
THR CG2   HG21   sing N N 347 
THR CG2   HG22   sing N N 348 
THR CG2   HG23   sing N N 349 
THR OXT   HXT    sing N N 350 
TRP N     CA     sing N N 351 
TRP N     H      sing N N 352 
TRP N     H2     sing N N 353 
TRP CA    C      sing N N 354 
TRP CA    CB     sing N N 355 
TRP CA    HA     sing N N 356 
TRP C     O      doub N N 357 
TRP C     OXT    sing N N 358 
TRP CB    CG     sing N N 359 
TRP CB    HB2    sing N N 360 
TRP CB    HB3    sing N N 361 
TRP CG    CD1    doub Y N 362 
TRP CG    CD2    sing Y N 363 
TRP CD1   NE1    sing Y N 364 
TRP CD1   HD1    sing N N 365 
TRP CD2   CE2    doub Y N 366 
TRP CD2   CE3    sing Y N 367 
TRP NE1   CE2    sing Y N 368 
TRP NE1   HE1    sing N N 369 
TRP CE2   CZ2    sing Y N 370 
TRP CE3   CZ3    doub Y N 371 
TRP CE3   HE3    sing N N 372 
TRP CZ2   CH2    doub Y N 373 
TRP CZ2   HZ2    sing N N 374 
TRP CZ3   CH2    sing Y N 375 
TRP CZ3   HZ3    sing N N 376 
TRP CH2   HH2    sing N N 377 
TRP OXT   HXT    sing N N 378 
TYR N     CA     sing N N 379 
TYR N     H      sing N N 380 
TYR N     H2     sing N N 381 
TYR CA    C      sing N N 382 
TYR CA    CB     sing N N 383 
TYR CA    HA     sing N N 384 
TYR C     O      doub N N 385 
TYR C     OXT    sing N N 386 
TYR CB    CG     sing N N 387 
TYR CB    HB2    sing N N 388 
TYR CB    HB3    sing N N 389 
TYR CG    CD1    doub Y N 390 
TYR CG    CD2    sing Y N 391 
TYR CD1   CE1    sing Y N 392 
TYR CD1   HD1    sing N N 393 
TYR CD2   CE2    doub Y N 394 
TYR CD2   HD2    sing N N 395 
TYR CE1   CZ     doub Y N 396 
TYR CE1   HE1    sing N N 397 
TYR CE2   CZ     sing Y N 398 
TYR CE2   HE2    sing N N 399 
TYR CZ    OH     sing N N 400 
TYR OH    HH     sing N N 401 
TYR OXT   HXT    sing N N 402 
VAL N     CA     sing N N 403 
VAL N     H      sing N N 404 
VAL N     H2     sing N N 405 
VAL CA    C      sing N N 406 
VAL CA    CB     sing N N 407 
VAL CA    HA     sing N N 408 
VAL C     O      doub N N 409 
VAL C     OXT    sing N N 410 
VAL CB    CG1    sing N N 411 
VAL CB    CG2    sing N N 412 
VAL CB    HB     sing N N 413 
VAL CG1   HG11   sing N N 414 
VAL CG1   HG12   sing N N 415 
VAL CG1   HG13   sing N N 416 
VAL CG2   HG21   sing N N 417 
VAL CG2   HG22   sing N N 418 
VAL CG2   HG23   sing N N 419 
VAL OXT   HXT    sing N N 420 
# 
_pdbx_initial_refinement_model.accession_code   ? 
_pdbx_initial_refinement_model.id               1 
_pdbx_initial_refinement_model.entity_id_list   ? 
_pdbx_initial_refinement_model.type             'experimental model' 
_pdbx_initial_refinement_model.source_name      Other 
_pdbx_initial_refinement_model.details          'Polyalanine Rab4A' 
# 
_atom_sites.entry_id                    1Z0F 
_atom_sites.fract_transf_matrix[1][1]   0.01161717 
_atom_sites.fract_transf_matrix[1][2]   0.01079973 
_atom_sites.fract_transf_matrix[1][3]   0.01864422 
_atom_sites.fract_transf_matrix[2][1]   0.00054376 
_atom_sites.fract_transf_matrix[2][2]   0.02106548 
_atom_sites.fract_transf_matrix[2][3]   -0.01254107 
_atom_sites.fract_transf_matrix[3][1]   -0.01513575 
_atom_sites.fract_transf_matrix[3][2]   0.00853132 
_atom_sites.fract_transf_matrix[3][3]   0.01367397 
_atom_sites.fract_transf_vector[1]      0.307063 
_atom_sites.fract_transf_vector[2]      -0.005409 
_atom_sites.fract_transf_vector[3]      0.164358 
# 
loop_
_atom_type.symbol 
C  
MG 
N  
O  
P  
S  
# 
loop_
_atom_site.group_PDB 
_atom_site.id 
_atom_site.type_symbol 
_atom_site.label_atom_id 
_atom_site.label_alt_id 
_atom_site.label_comp_id 
_atom_site.label_asym_id 
_atom_site.label_entity_id 
_atom_site.label_seq_id 
_atom_site.pdbx_PDB_ins_code 
_atom_site.Cartn_x 
_atom_site.Cartn_y 
_atom_site.Cartn_z 
_atom_site.occupancy 
_atom_site.B_iso_or_equiv 
_atom_site.pdbx_formal_charge 
_atom_site.auth_seq_id 
_atom_site.auth_comp_id 
_atom_site.auth_asym_id 
_atom_site.auth_atom_id 
_atom_site.pdbx_PDB_model_num 
ATOM   1    N  N     . ASN A 1 11  ? 8.519   13.941  17.276  1.00 32.52  ? 7   ASN A N     1 
ATOM   2    C  CA    . ASN A 1 11  ? 8.968   12.913  18.268  1.00 32.43  ? 7   ASN A CA    1 
ATOM   3    C  C     . ASN A 1 11  ? 8.311   11.554  18.025  1.00 31.97  ? 7   ASN A C     1 
ATOM   4    O  O     . ASN A 1 11  ? 7.148   11.484  17.610  1.00 32.01  ? 7   ASN A O     1 
ATOM   5    C  CB    . ASN A 1 11  ? 8.685   13.386  19.695  1.00 32.67  ? 7   ASN A CB    1 
ATOM   6    C  CG    . ASN A 1 11  ? 9.524   12.657  20.738  1.00 33.85  ? 7   ASN A CG    1 
ATOM   7    O  OD1   . ASN A 1 11  ? 10.715  12.411  20.538  1.00 34.97  ? 7   ASN A OD1   1 
ATOM   8    N  ND2   . ASN A 1 11  ? 8.906   12.326  21.869  1.00 35.27  ? 7   ASN A ND2   1 
ATOM   9    N  N     . TYR A 1 12  ? 9.061   10.484  18.285  1.00 31.11  ? 8   TYR A N     1 
ATOM   10   C  CA    . TYR A 1 12  ? 8.596   9.115   18.043  1.00 30.17  ? 8   TYR A CA    1 
ATOM   11   C  C     . TYR A 1 12  ? 9.464   8.087   18.762  1.00 29.95  ? 8   TYR A C     1 
ATOM   12   O  O     . TYR A 1 12  ? 10.650  8.329   19.025  1.00 29.87  ? 8   TYR A O     1 
ATOM   13   C  CB    . TYR A 1 12  ? 8.529   8.808   16.534  1.00 30.00  ? 8   TYR A CB    1 
ATOM   14   C  CG    . TYR A 1 12  ? 9.845   8.927   15.777  1.00 29.31  ? 8   TYR A CG    1 
ATOM   15   C  CD1   . TYR A 1 12  ? 10.645  7.807   15.552  1.00 28.99  ? 8   TYR A CD1   1 
ATOM   16   C  CD2   . TYR A 1 12  ? 10.275  10.152  15.267  1.00 29.01  ? 8   TYR A CD2   1 
ATOM   17   C  CE1   . TYR A 1 12  ? 11.841  7.905   14.852  1.00 28.89  ? 8   TYR A CE1   1 
ATOM   18   C  CE2   . TYR A 1 12  ? 11.477  10.259  14.563  1.00 28.66  ? 8   TYR A CE2   1 
ATOM   19   C  CZ    . TYR A 1 12  ? 12.253  9.132   14.360  1.00 29.26  ? 8   TYR A CZ    1 
ATOM   20   O  OH    . TYR A 1 12  ? 13.441  9.224   13.663  1.00 28.98  ? 8   TYR A OH    1 
ATOM   21   N  N     . SER A 1 13  ? 8.870   6.934   19.061  1.00 29.48  ? 9   SER A N     1 
ATOM   22   C  CA    . SER A 1 13  ? 9.550   5.882   19.815  1.00 29.18  ? 9   SER A CA    1 
ATOM   23   C  C     . SER A 1 13  ? 9.945   4.687   18.954  1.00 28.79  ? 9   SER A C     1 
ATOM   24   O  O     . SER A 1 13  ? 10.786  3.883   19.354  1.00 28.88  ? 9   SER A O     1 
ATOM   25   C  CB    . SER A 1 13  ? 8.678   5.425   20.988  1.00 29.26  ? 9   SER A CB    1 
ATOM   26   O  OG    . SER A 1 13  ? 8.437   6.501   21.879  1.00 29.97  ? 9   SER A OG    1 
ATOM   27   N  N     . TYR A 1 14  ? 9.336   4.572   17.774  1.00 28.36  ? 10  TYR A N     1 
ATOM   28   C  CA    . TYR A 1 14  ? 9.620   3.466   16.857  1.00 27.70  ? 10  TYR A CA    1 
ATOM   29   C  C     . TYR A 1 14  ? 9.533   3.888   15.388  1.00 27.11  ? 10  TYR A C     1 
ATOM   30   O  O     . TYR A 1 14  ? 8.952   4.928   15.065  1.00 27.03  ? 10  TYR A O     1 
ATOM   31   C  CB    . TYR A 1 14  ? 8.689   2.274   17.146  1.00 27.95  ? 10  TYR A CB    1 
ATOM   32   N  N     . ILE A 1 15  ? 10.127  3.075   14.515  1.00 26.60  ? 11  ILE A N     1 
ATOM   33   C  CA    . ILE A 1 15  ? 10.137  3.302   13.064  1.00 26.04  ? 11  ILE A CA    1 
ATOM   34   C  C     . ILE A 1 15  ? 9.579   2.065   12.341  1.00 25.77  ? 11  ILE A C     1 
ATOM   35   O  O     . ILE A 1 15  ? 10.081  0.954   12.530  1.00 25.72  ? 11  ILE A O     1 
ATOM   36   C  CB    . ILE A 1 15  ? 11.578  3.607   12.551  1.00 26.04  ? 11  ILE A CB    1 
ATOM   37   C  CG1   . ILE A 1 15  ? 12.085  4.935   13.126  1.00 26.12  ? 11  ILE A CG1   1 
ATOM   38   C  CG2   . ILE A 1 15  ? 11.631  3.634   11.023  1.00 25.64  ? 11  ILE A CG2   1 
ATOM   39   C  CD1   . ILE A 1 15  ? 13.601  5.123   13.078  1.00 25.99  ? 11  ILE A CD1   1 
ATOM   40   N  N     . PHE A 1 16  ? 8.536   2.260   11.532  1.00 25.16  ? 12  PHE A N     1 
ATOM   41   C  CA    . PHE A 1 16  ? 7.963   1.180   10.719  1.00 24.55  ? 12  PHE A CA    1 
ATOM   42   C  C     . PHE A 1 16  ? 8.262   1.436   9.237   1.00 24.08  ? 12  PHE A C     1 
ATOM   43   O  O     . PHE A 1 16  ? 7.911   2.490   8.697   1.00 23.57  ? 12  PHE A O     1 
ATOM   44   C  CB    . PHE A 1 16  ? 6.439   1.077   10.919  1.00 24.67  ? 12  PHE A CB    1 
ATOM   45   C  CG    . PHE A 1 16  ? 6.002   0.568   12.287  1.00 24.90  ? 12  PHE A CG    1 
ATOM   46   C  CD1   . PHE A 1 16  ? 4.639   0.393   12.558  1.00 25.38  ? 12  PHE A CD1   1 
ATOM   47   C  CD2   . PHE A 1 16  ? 6.920   0.247   13.286  1.00 24.87  ? 12  PHE A CD2   1 
ATOM   48   C  CE1   . PHE A 1 16  ? 4.201   -0.073  13.807  1.00 25.00  ? 12  PHE A CE1   1 
ATOM   49   C  CE2   . PHE A 1 16  ? 6.495   -0.224  14.535  1.00 25.50  ? 12  PHE A CE2   1 
ATOM   50   C  CZ    . PHE A 1 16  ? 5.130   -0.381  14.797  1.00 24.99  ? 12  PHE A CZ    1 
ATOM   51   N  N     . LYS A 1 17  ? 8.912   0.473   8.587   1.00 23.68  ? 13  LYS A N     1 
ATOM   52   C  CA    . LYS A 1 17  ? 9.150   0.539   7.142   1.00 23.50  ? 13  LYS A CA    1 
ATOM   53   C  C     . LYS A 1 17  ? 8.008   -0.113  6.356   1.00 23.00  ? 13  LYS A C     1 
ATOM   54   O  O     . LYS A 1 17  ? 7.662   -1.275  6.593   1.00 22.85  ? 13  LYS A O     1 
ATOM   55   C  CB    . LYS A 1 17  ? 10.481  -0.131  6.775   1.00 23.77  ? 13  LYS A CB    1 
ATOM   56   C  CG    . LYS A 1 17  ? 11.720  0.568   7.296   1.00 24.61  ? 13  LYS A CG    1 
ATOM   57   C  CD    . LYS A 1 17  ? 12.976  -0.110  6.768   1.00 26.86  ? 13  LYS A CD    1 
ATOM   58   C  CE    . LYS A 1 17  ? 14.228  0.656   7.171   1.00 28.41  ? 13  LYS A CE    1 
ATOM   59   N  NZ    . LYS A 1 17  ? 15.365  0.352   6.252   1.00 30.28  ? 13  LYS A NZ    1 
ATOM   60   N  N     . TYR A 1 18  ? 7.433   0.642   5.424   1.00 22.50  ? 14  TYR A N     1 
ATOM   61   C  CA    . TYR A 1 18  ? 6.383   0.137   4.529   1.00 22.23  ? 14  TYR A CA    1 
ATOM   62   C  C     . TYR A 1 18  ? 6.863   0.099   3.077   1.00 21.53  ? 14  TYR A C     1 
ATOM   63   O  O     . TYR A 1 18  ? 7.538   1.021   2.614   1.00 20.85  ? 14  TYR A O     1 
ATOM   64   C  CB    . TYR A 1 18  ? 5.133   1.029   4.580   1.00 22.70  ? 14  TYR A CB    1 
ATOM   65   C  CG    . TYR A 1 18  ? 4.185   0.854   5.760   1.00 23.42  ? 14  TYR A CG    1 
ATOM   66   C  CD1   . TYR A 1 18  ? 2.804   0.927   5.569   1.00 24.39  ? 14  TYR A CD1   1 
ATOM   67   C  CD2   . TYR A 1 18  ? 4.655   0.652   7.058   1.00 23.75  ? 14  TYR A CD2   1 
ATOM   68   C  CE1   . TYR A 1 18  ? 1.915   0.791   6.633   1.00 24.29  ? 14  TYR A CE1   1 
ATOM   69   C  CE2   . TYR A 1 18  ? 3.770   0.510   8.132   1.00 24.03  ? 14  TYR A CE2   1 
ATOM   70   C  CZ    . TYR A 1 18  ? 2.403   0.583   7.908   1.00 23.93  ? 14  TYR A CZ    1 
ATOM   71   O  OH    . TYR A 1 18  ? 1.514   0.450   8.955   1.00 24.43  ? 14  TYR A OH    1 
ATOM   72   N  N     . ILE A 1 19  ? 6.503   -0.967  2.367   1.00 20.91  ? 15  ILE A N     1 
ATOM   73   C  CA    . ILE A 1 19  ? 6.564   -0.964  0.907   1.00 20.49  ? 15  ILE A CA    1 
ATOM   74   C  C     . ILE A 1 19  ? 5.151   -0.899  0.339   1.00 20.27  ? 15  ILE A C     1 
ATOM   75   O  O     . ILE A 1 19  ? 4.180   -1.288  0.999   1.00 19.97  ? 15  ILE A O     1 
ATOM   76   C  CB    . ILE A 1 19  ? 7.331   -2.182  0.313   1.00 20.55  ? 15  ILE A CB    1 
ATOM   77   C  CG1   . ILE A 1 19  ? 6.663   -3.510  0.708   1.00 20.04  ? 15  ILE A CG1   1 
ATOM   78   C  CG2   . ILE A 1 19  ? 8.797   -2.130  0.720   1.00 20.63  ? 15  ILE A CG2   1 
ATOM   79   C  CD1   . ILE A 1 19  ? 7.164   -4.732  -0.074  1.00 20.52  ? 15  ILE A CD1   1 
ATOM   80   N  N     . ILE A 1 20  ? 5.047   -0.377  -0.877  1.00 19.97  ? 16  ILE A N     1 
ATOM   81   C  CA    . ILE A 1 20  ? 3.789   -0.366  -1.603  1.00 20.01  ? 16  ILE A CA    1 
ATOM   82   C  C     . ILE A 1 20  ? 4.051   -0.856  -3.026  1.00 19.71  ? 16  ILE A C     1 
ATOM   83   O  O     . ILE A 1 20  ? 4.915   -0.322  -3.729  1.00 19.48  ? 16  ILE A O     1 
ATOM   84   C  CB    . ILE A 1 20  ? 3.080   1.017   -1.531  1.00 20.10  ? 16  ILE A CB    1 
ATOM   85   C  CG1   . ILE A 1 20  ? 1.782   1.016   -2.347  1.00 20.07  ? 16  ILE A CG1   1 
ATOM   86   C  CG2   . ILE A 1 20  ? 4.020   2.144   -1.936  1.00 20.70  ? 16  ILE A CG2   1 
ATOM   87   C  CD1   . ILE A 1 20  ? 0.787   2.104   -1.921  1.00 20.43  ? 16  ILE A CD1   1 
ATOM   88   N  N     . ILE A 1 21  ? 3.321   -1.904  -3.413  1.00 19.49  ? 17  ILE A N     1 
ATOM   89   C  CA    . ILE A 1 21  ? 3.580   -2.641  -4.648  1.00 19.22  ? 17  ILE A CA    1 
ATOM   90   C  C     . ILE A 1 21  ? 2.286   -2.957  -5.399  1.00 19.34  ? 17  ILE A C     1 
ATOM   91   O  O     . ILE A 1 21  ? 1.185   -2.875  -4.833  1.00 19.13  ? 17  ILE A O     1 
ATOM   92   C  CB    . ILE A 1 21  ? 4.380   -3.954  -4.383  1.00 19.48  ? 17  ILE A CB    1 
ATOM   93   C  CG1   . ILE A 1 21  ? 3.560   -4.935  -3.528  1.00 19.27  ? 17  ILE A CG1   1 
ATOM   94   C  CG2   . ILE A 1 21  ? 5.737   -3.638  -3.739  1.00 19.19  ? 17  ILE A CG2   1 
ATOM   95   C  CD1   . ILE A 1 21  ? 4.194   -6.304  -3.349  1.00 19.02  ? 17  ILE A CD1   1 
ATOM   96   N  N     . GLY A 1 22  ? 2.434   -3.312  -6.675  1.00 19.15  ? 18  GLY A N     1 
ATOM   97   C  CA    . GLY A 1 22  ? 1.303   -3.557  -7.561  1.00 19.29  ? 18  GLY A CA    1 
ATOM   98   C  C     . GLY A 1 22  ? 1.571   -3.047  -8.965  1.00 19.53  ? 18  GLY A C     1 
ATOM   99   O  O     . GLY A 1 22  ? 2.572   -2.363  -9.205  1.00 19.62  ? 18  GLY A O     1 
ATOM   100  N  N     . ASP A 1 23  ? 0.668   -3.381  -9.887  1.00 19.40  ? 19  ASP A N     1 
ATOM   101  C  CA    . ASP A 1 23  ? 0.775   -3.003  -11.293 1.00 19.53  ? 19  ASP A CA    1 
ATOM   102  C  C     . ASP A 1 23  ? 0.878   -1.493  -11.505 1.00 19.70  ? 19  ASP A C     1 
ATOM   103  O  O     . ASP A 1 23  ? 0.431   -0.701  -10.665 1.00 19.55  ? 19  ASP A O     1 
ATOM   104  C  CB    . ASP A 1 23  ? -0.416  -3.558  -12.083 1.00 19.52  ? 19  ASP A CB    1 
ATOM   105  C  CG    . ASP A 1 23  ? -0.270  -5.044  -12.425 1.00 19.58  ? 19  ASP A CG    1 
ATOM   106  O  OD1   . ASP A 1 23  ? 0.582   -5.748  -11.831 1.00 19.21  ? 19  ASP A OD1   1 
ATOM   107  O  OD2   . ASP A 1 23  ? -1.024  -5.504  -13.301 1.00 19.08  ? 19  ASP A OD2   1 
ATOM   108  N  N     . MET A 1 24  ? 1.479   -1.113  -12.631 1.00 19.82  ? 20  MET A N     1 
ATOM   109  C  CA    . MET A 1 24  ? 1.638   0.288   -13.022 1.00 20.30  ? 20  MET A CA    1 
ATOM   110  C  C     . MET A 1 24  ? 0.276   0.961   -13.175 1.00 20.12  ? 20  MET A C     1 
ATOM   111  O  O     . MET A 1 24  ? -0.641  0.394   -13.785 1.00 20.21  ? 20  MET A O     1 
ATOM   112  C  CB    . MET A 1 24  ? 2.412   0.393   -14.345 1.00 20.02  ? 20  MET A CB    1 
ATOM   113  C  CG    . MET A 1 24  ? 3.835   -0.184  -14.320 1.00 20.15  ? 20  MET A CG    1 
ATOM   114  S  SD    . MET A 1 24  ? 4.581   -0.322  -15.969 1.00 21.56  ? 20  MET A SD    1 
ATOM   115  C  CE    . MET A 1 24  ? 4.996   1.385   -16.317 1.00 21.70  ? 20  MET A CE    1 
ATOM   116  N  N     . GLY A 1 25  ? 0.147   2.158   -12.608 1.00 19.99  ? 21  GLY A N     1 
ATOM   117  C  CA    . GLY A 1 25  ? -1.076  2.955   -12.729 1.00 19.73  ? 21  GLY A CA    1 
ATOM   118  C  C     . GLY A 1 25  ? -2.235  2.650   -11.783 1.00 19.66  ? 21  GLY A C     1 
ATOM   119  O  O     . GLY A 1 25  ? -3.330  3.196   -11.958 1.00 19.75  ? 21  GLY A O     1 
ATOM   120  N  N     . VAL A 1 26  ? -2.016  1.793   -10.783 1.00 19.43  ? 22  VAL A N     1 
ATOM   121  C  CA    . VAL A 1 26  ? -3.091  1.445   -9.833  1.00 19.20  ? 22  VAL A CA    1 
ATOM   122  C  C     . VAL A 1 26  ? -3.347  2.539   -8.775  1.00 19.26  ? 22  VAL A C     1 
ATOM   123  O  O     . VAL A 1 26  ? -4.402  2.552   -8.122  1.00 19.05  ? 22  VAL A O     1 
ATOM   124  C  CB    . VAL A 1 26  ? -2.866  0.064   -9.134  1.00 19.23  ? 22  VAL A CB    1 
ATOM   125  C  CG1   . VAL A 1 26  ? -2.821  -1.069  -10.153 1.00 19.29  ? 22  VAL A CG1   1 
ATOM   126  C  CG2   . VAL A 1 26  ? -1.601  0.068   -8.279  1.00 18.91  ? 22  VAL A CG2   1 
ATOM   127  N  N     . GLY A 1 27  ? -2.380  3.440   -8.602  1.00 19.11  ? 23  GLY A N     1 
ATOM   128  C  CA    . GLY A 1 27  ? -2.517  4.551   -7.655  1.00 19.36  ? 23  GLY A CA    1 
ATOM   129  C  C     . GLY A 1 27  ? -1.592  4.521   -6.448  1.00 19.45  ? 23  GLY A C     1 
ATOM   130  O  O     . GLY A 1 27  ? -1.897  5.132   -5.419  1.00 18.78  ? 23  GLY A O     1 
ATOM   131  N  N     . LYS A 1 28  ? -0.455  3.830   -6.571  1.00 19.66  ? 24  LYS A N     1 
ATOM   132  C  CA    . LYS A 1 28  ? 0.503   3.707   -5.453  1.00 20.03  ? 24  LYS A CA    1 
ATOM   133  C  C     . LYS A 1 28  ? 1.089   5.064   -5.028  1.00 20.60  ? 24  LYS A C     1 
ATOM   134  O  O     . LYS A 1 28  ? 1.155   5.369   -3.838  1.00 20.60  ? 24  LYS A O     1 
ATOM   135  C  CB    . LYS A 1 28  ? 1.629   2.712   -5.780  1.00 20.00  ? 24  LYS A CB    1 
ATOM   136  C  CG    . LYS A 1 28  ? 1.158   1.328   -6.253  1.00 19.41  ? 24  LYS A CG    1 
ATOM   137  C  CD    . LYS A 1 28  ? 2.319   0.366   -6.544  1.00 19.55  ? 24  LYS A CD    1 
ATOM   138  C  CE    . LYS A 1 28  ? 3.194   0.797   -7.733  1.00 18.42  ? 24  LYS A CE    1 
ATOM   139  N  NZ    . LYS A 1 28  ? 2.483   0.727   -9.044  1.00 17.18  ? 24  LYS A NZ    1 
ATOM   140  N  N     . SER A 1 29  ? 1.500   5.876   -6.001  1.00 21.28  ? 25  SER A N     1 
ATOM   141  C  CA    . SER A 1 29  ? 2.045   7.212   -5.723  1.00 22.14  ? 25  SER A CA    1 
ATOM   142  C  C     . SER A 1 29  ? 0.998   8.139   -5.107  1.00 22.67  ? 25  SER A C     1 
ATOM   143  O  O     . SER A 1 29  ? 1.304   8.907   -4.199  1.00 22.43  ? 25  SER A O     1 
ATOM   144  C  CB    . SER A 1 29  ? 2.620   7.843   -6.994  1.00 22.10  ? 25  SER A CB    1 
ATOM   145  O  OG    . SER A 1 29  ? 3.841   7.223   -7.359  1.00 22.66  ? 25  SER A OG    1 
ATOM   146  N  N     . CYS A 1 30  ? -0.235  8.051   -5.601  1.00 23.45  ? 26  CYS A N     1 
ATOM   147  C  CA    . CYS A 1 30  ? -1.336  8.855   -5.082  1.00 24.55  ? 26  CYS A CA    1 
ATOM   148  C  C     . CYS A 1 30  ? -1.763  8.476   -3.665  1.00 24.92  ? 26  CYS A C     1 
ATOM   149  O  O     . CYS A 1 30  ? -2.047  9.354   -2.850  1.00 25.07  ? 26  CYS A O     1 
ATOM   150  C  CB    . CYS A 1 30  ? -2.524  8.833   -6.044  1.00 24.58  ? 26  CYS A CB    1 
ATOM   151  S  SG    . CYS A 1 30  ? -2.251  9.842   -7.510  1.00 26.06  ? 26  CYS A SG    1 
ATOM   152  N  N     . LEU A 1 31  ? -1.795  7.176   -3.376  1.00 25.58  ? 27  LEU A N     1 
ATOM   153  C  CA    . LEU A 1 31  ? -2.100  6.683   -2.030  1.00 26.30  ? 27  LEU A CA    1 
ATOM   154  C  C     . LEU A 1 31  ? -1.073  7.161   -1.000  1.00 26.97  ? 27  LEU A C     1 
ATOM   155  O  O     . LEU A 1 31  ? -1.439  7.595   0.093   1.00 26.72  ? 27  LEU A O     1 
ATOM   156  C  CB    . LEU A 1 31  ? -2.186  5.152   -2.015  1.00 26.02  ? 27  LEU A CB    1 
ATOM   157  C  CG    . LEU A 1 31  ? -3.478  4.479   -2.499  1.00 26.05  ? 27  LEU A CG    1 
ATOM   158  C  CD1   . LEU A 1 31  ? -3.267  2.988   -2.656  1.00 25.08  ? 27  LEU A CD1   1 
ATOM   159  C  CD2   . LEU A 1 31  ? -4.650  4.744   -1.555  1.00 25.64  ? 27  LEU A CD2   1 
ATOM   160  N  N     . LEU A 1 32  ? 0.207   7.067   -1.365  1.00 27.95  ? 28  LEU A N     1 
ATOM   161  C  CA    . LEU A 1 32  ? 1.318   7.546   -0.540  1.00 28.72  ? 28  LEU A CA    1 
ATOM   162  C  C     . LEU A 1 32  ? 1.216   9.056   -0.307  1.00 29.42  ? 28  LEU A C     1 
ATOM   163  O  O     . LEU A 1 32  ? 1.352   9.516   0.826   1.00 29.21  ? 28  LEU A O     1 
ATOM   164  C  CB    . LEU A 1 32  ? 2.665   7.138   -1.175  1.00 28.63  ? 28  LEU A CB    1 
ATOM   165  C  CG    . LEU A 1 32  ? 4.047   7.763   -0.914  1.00 28.51  ? 28  LEU A CG    1 
ATOM   166  C  CD1   . LEU A 1 32  ? 4.313   8.114   0.537   1.00 29.18  ? 28  LEU A CD1   1 
ATOM   167  C  CD2   . LEU A 1 32  ? 5.140   6.828   -1.428  1.00 28.85  ? 28  LEU A CD2   1 
ATOM   168  N  N     . HIS A 1 33  ? 0.944   9.807   -1.373  1.00 30.43  ? 29  HIS A N     1 
ATOM   169  C  CA    . HIS A 1 33  ? 0.827   11.270  -1.302  1.00 31.82  ? 29  HIS A CA    1 
ATOM   170  C  C     . HIS A 1 33  ? -0.370  11.749  -0.469  1.00 32.19  ? 29  HIS A C     1 
ATOM   171  O  O     . HIS A 1 33  ? -0.234  12.674  0.338   1.00 32.25  ? 29  HIS A O     1 
ATOM   172  C  CB    . HIS A 1 33  ? 0.772   11.884  -2.705  1.00 31.92  ? 29  HIS A CB    1 
ATOM   173  C  CG    . HIS A 1 33  ? 0.994   13.364  -2.721  1.00 33.52  ? 29  HIS A CG    1 
ATOM   174  N  ND1   . HIS A 1 33  ? 2.245   13.927  -2.861  1.00 35.11  ? 29  HIS A ND1   1 
ATOM   175  C  CD2   . HIS A 1 33  ? 0.127   14.398  -2.607  1.00 34.54  ? 29  HIS A CD2   1 
ATOM   176  C  CE1   . HIS A 1 33  ? 2.140   15.244  -2.837  1.00 35.06  ? 29  HIS A CE1   1 
ATOM   177  N  NE2   . HIS A 1 33  ? 0.865   15.555  -2.682  1.00 35.43  ? 29  HIS A NE2   1 
ATOM   178  N  N     . GLN A 1 34  ? -1.531  11.122  -0.669  1.00 32.71  ? 30  GLN A N     1 
ATOM   179  C  CA    . GLN A 1 34  ? -2.737  11.432  0.106   1.00 33.36  ? 30  GLN A CA    1 
ATOM   180  C  C     . GLN A 1 34  ? -2.505  11.263  1.611   1.00 33.96  ? 30  GLN A C     1 
ATOM   181  O  O     . GLN A 1 34  ? -2.972  12.073  2.407   1.00 33.93  ? 30  GLN A O     1 
ATOM   182  C  CB    . GLN A 1 34  ? -3.921  10.576  -0.368  1.00 33.19  ? 30  GLN A CB    1 
ATOM   183  C  CG    . GLN A 1 34  ? -5.209  10.682  0.474   1.00 33.58  ? 30  GLN A CG    1 
ATOM   184  C  CD    . GLN A 1 34  ? -5.900  12.044  0.375   1.00 34.03  ? 30  GLN A CD    1 
ATOM   185  O  OE1   . GLN A 1 34  ? -6.059  12.742  1.378   1.00 33.98  ? 30  GLN A OE1   1 
ATOM   186  N  NE2   . GLN A 1 34  ? -6.315  12.419  -0.832  1.00 33.41  ? 30  GLN A NE2   1 
ATOM   187  N  N     . PHE A 1 35  ? -1.777  10.214  1.993   1.00 34.70  ? 31  PHE A N     1 
ATOM   188  C  CA    . PHE A 1 35  ? -1.494  9.952   3.404   1.00 35.53  ? 31  PHE A CA    1 
ATOM   189  C  C     . PHE A 1 35  ? -0.475  10.916  4.026   1.00 36.28  ? 31  PHE A C     1 
ATOM   190  O  O     . PHE A 1 35  ? -0.704  11.425  5.123   1.00 36.52  ? 31  PHE A O     1 
ATOM   191  C  CB    . PHE A 1 35  ? -1.060  8.496   3.626   1.00 35.43  ? 31  PHE A CB    1 
ATOM   192  C  CG    . PHE A 1 35  ? -0.878  8.135   5.077   1.00 35.30  ? 31  PHE A CG    1 
ATOM   193  C  CD1   . PHE A 1 35  ? -1.981  8.012   5.921   1.00 34.60  ? 31  PHE A CD1   1 
ATOM   194  C  CD2   . PHE A 1 35  ? 0.394   7.931   5.604   1.00 35.12  ? 31  PHE A CD2   1 
ATOM   195  C  CE1   . PHE A 1 35  ? -1.820  7.687   7.263   1.00 34.72  ? 31  PHE A CE1   1 
ATOM   196  C  CE2   . PHE A 1 35  ? 0.565   7.604   6.950   1.00 34.78  ? 31  PHE A CE2   1 
ATOM   197  C  CZ    . PHE A 1 35  ? -0.545  7.483   7.778   1.00 34.84  ? 31  PHE A CZ    1 
ATOM   198  N  N     . THR A 1 36  ? 0.633   11.170  3.332   1.00 37.17  ? 32  THR A N     1 
ATOM   199  C  CA    . THR A 1 36  ? 1.707   12.013  3.879   1.00 38.11  ? 32  THR A CA    1 
ATOM   200  C  C     . THR A 1 36  ? 1.437   13.517  3.786   1.00 38.90  ? 32  THR A C     1 
ATOM   201  O  O     . THR A 1 36  ? 1.878   14.278  4.649   1.00 39.18  ? 32  THR A O     1 
ATOM   202  C  CB    . THR A 1 36  ? 3.079   11.725  3.222   1.00 37.99  ? 32  THR A CB    1 
ATOM   203  O  OG1   . THR A 1 36  ? 2.997   11.949  1.810   1.00 37.97  ? 32  THR A OG1   1 
ATOM   204  C  CG2   . THR A 1 36  ? 3.532   10.299  3.495   1.00 37.84  ? 32  THR A CG2   1 
ATOM   205  N  N     . GLU A 1 37  ? 0.728   13.939  2.741   1.00 39.78  ? 33  GLU A N     1 
ATOM   206  C  CA    . GLU A 1 37  ? 0.486   15.361  2.488   1.00 40.67  ? 33  GLU A CA    1 
ATOM   207  C  C     . GLU A 1 37  ? -0.994  15.769  2.582   1.00 41.33  ? 33  GLU A C     1 
ATOM   208  O  O     . GLU A 1 37  ? -1.317  16.954  2.490   1.00 41.55  ? 33  GLU A O     1 
ATOM   209  C  CB    . GLU A 1 37  ? 1.068   15.760  1.135   1.00 40.62  ? 33  GLU A CB    1 
ATOM   210  N  N     . LYS A 1 38  ? -1.873  14.780  2.757   1.00 42.07  ? 34  LYS A N     1 
ATOM   211  C  CA    . LYS A 1 38  ? -3.324  14.982  2.938   1.00 42.85  ? 34  LYS A CA    1 
ATOM   212  C  C     . LYS A 1 38  ? -4.050  15.652  1.760   1.00 43.49  ? 34  LYS A C     1 
ATOM   213  O  O     . LYS A 1 38  ? -5.112  16.260  1.937   1.00 43.55  ? 34  LYS A O     1 
ATOM   214  C  CB    . LYS A 1 38  ? -3.623  15.701  4.271   1.00 42.77  ? 34  LYS A CB    1 
ATOM   215  N  N     . LYS A 1 39  ? -3.485  15.518  0.559   1.00 44.23  ? 35  LYS A N     1 
ATOM   216  C  CA    . LYS A 1 39  ? -4.074  16.104  -0.647  1.00 45.00  ? 35  LYS A CA    1 
ATOM   217  C  C     . LYS A 1 39  ? -3.906  15.233  -1.898  1.00 45.61  ? 35  LYS A C     1 
ATOM   218  O  O     . LYS A 1 39  ? -2.929  14.491  -2.031  1.00 45.51  ? 35  LYS A O     1 
ATOM   219  C  CB    . LYS A 1 39  ? -3.504  17.504  -0.890  1.00 45.04  ? 35  LYS A CB    1 
ATOM   220  N  N     . PHE A 1 40  ? -4.886  15.324  -2.795  1.00 46.38  ? 36  PHE A N     1 
ATOM   221  C  CA    . PHE A 1 40  ? -4.802  14.743  -4.132  1.00 47.24  ? 36  PHE A CA    1 
ATOM   222  C  C     . PHE A 1 40  ? -4.516  15.873  -5.112  1.00 47.86  ? 36  PHE A C     1 
ATOM   223  O  O     . PHE A 1 40  ? -5.192  16.906  -5.089  1.00 47.84  ? 36  PHE A O     1 
ATOM   224  C  CB    . PHE A 1 40  ? -6.106  14.027  -4.502  1.00 47.18  ? 36  PHE A CB    1 
ATOM   225  C  CG    . PHE A 1 40  ? -6.065  13.315  -5.834  1.00 47.44  ? 36  PHE A CG    1 
ATOM   226  C  CD1   . PHE A 1 40  ? -5.465  12.061  -5.956  1.00 47.66  ? 36  PHE A CD1   1 
ATOM   227  C  CD2   . PHE A 1 40  ? -6.644  13.888  -6.962  1.00 47.51  ? 36  PHE A CD2   1 
ATOM   228  C  CE1   . PHE A 1 40  ? -5.437  11.394  -7.186  1.00 47.36  ? 36  PHE A CE1   1 
ATOM   229  C  CE2   . PHE A 1 40  ? -6.618  13.229  -8.196  1.00 47.52  ? 36  PHE A CE2   1 
ATOM   230  C  CZ    . PHE A 1 40  ? -6.013  11.980  -8.305  1.00 47.25  ? 36  PHE A CZ    1 
ATOM   231  N  N     . MET A 1 41  ? -3.519  15.669  -5.970  1.00 48.62  ? 37  MET A N     1 
ATOM   232  C  CA    . MET A 1 41  ? -3.007  16.739  -6.830  1.00 49.43  ? 37  MET A CA    1 
ATOM   233  C  C     . MET A 1 41  ? -4.017  17.271  -7.852  1.00 49.59  ? 37  MET A C     1 
ATOM   234  O  O     . MET A 1 41  ? -4.569  18.360  -7.662  1.00 49.79  ? 37  MET A O     1 
ATOM   235  C  CB    . MET A 1 41  ? -1.694  16.323  -7.507  1.00 49.84  ? 37  MET A CB    1 
ATOM   236  C  CG    . MET A 1 41  ? -0.466  16.426  -6.604  1.00 50.61  ? 37  MET A CG    1 
ATOM   237  S  SD    . MET A 1 41  ? -0.264  18.058  -5.847  1.00 53.17  ? 37  MET A SD    1 
ATOM   238  C  CE    . MET A 1 41  ? 1.527   18.201  -5.804  1.00 51.21  ? 37  MET A CE    1 
ATOM   239  N  N     . ALA A 1 42  ? -4.250  16.506  -8.922  1.00 49.57  ? 38  ALA A N     1 
ATOM   240  C  CA    . ALA A 1 42  ? -5.164  16.892  -10.016 1.00 49.45  ? 38  ALA A CA    1 
ATOM   241  C  C     . ALA A 1 42  ? -4.689  18.085  -10.867 1.00 49.26  ? 38  ALA A C     1 
ATOM   242  O  O     . ALA A 1 42  ? -5.123  18.249  -12.013 1.00 49.46  ? 38  ALA A O     1 
ATOM   243  C  CB    . ALA A 1 42  ? -6.594  17.124  -9.490  1.00 49.51  ? 38  ALA A CB    1 
ATOM   244  N  N     . ASP A 1 43  ? -3.806  18.910  -10.308 1.00 48.81  ? 39  ASP A N     1 
ATOM   245  C  CA    . ASP A 1 43  ? -3.227  20.037  -11.034 1.00 48.28  ? 39  ASP A CA    1 
ATOM   246  C  C     . ASP A 1 43  ? -1.786  19.755  -11.470 1.00 47.84  ? 39  ASP A C     1 
ATOM   247  O  O     . ASP A 1 43  ? -1.125  20.623  -12.053 1.00 47.96  ? 39  ASP A O     1 
ATOM   248  C  CB    . ASP A 1 43  ? -3.298  21.314  -10.191 1.00 48.43  ? 39  ASP A CB    1 
ATOM   249  N  N     . CYS A 1 44  ? -1.308  18.539  -11.195 1.00 47.02  ? 40  CYS A N     1 
ATOM   250  C  CA    . CYS A 1 44  ? 0.064   18.152  -11.534 1.00 46.37  ? 40  CYS A CA    1 
ATOM   251  C  C     . CYS A 1 44  ? 0.164   16.803  -12.254 1.00 45.44  ? 40  CYS A C     1 
ATOM   252  O  O     . CYS A 1 44  ? 0.802   15.880  -11.741 1.00 45.52  ? 40  CYS A O     1 
ATOM   253  C  CB    . CYS A 1 44  ? 0.938   18.137  -10.277 1.00 46.51  ? 40  CYS A CB    1 
ATOM   254  S  SG    . CYS A 1 44  ? 1.269   19.759  -9.590  1.00 47.83  ? 40  CYS A SG    1 
ATOM   255  N  N     . PRO A 1 45  ? -0.447  16.681  -13.450 1.00 44.52  ? 41  PRO A N     1 
ATOM   256  C  CA    . PRO A 1 45  ? -0.364  15.387  -14.129 1.00 43.72  ? 41  PRO A CA    1 
ATOM   257  C  C     . PRO A 1 45  ? 0.958   15.158  -14.877 1.00 42.90  ? 41  PRO A C     1 
ATOM   258  O  O     . PRO A 1 45  ? 1.203   14.051  -15.354 1.00 42.88  ? 41  PRO A O     1 
ATOM   259  C  CB    . PRO A 1 45  ? -1.544  15.433  -15.103 1.00 43.82  ? 41  PRO A CB    1 
ATOM   260  C  CG    . PRO A 1 45  ? -1.720  16.879  -15.416 1.00 44.00  ? 41  PRO A CG    1 
ATOM   261  C  CD    . PRO A 1 45  ? -1.226  17.666  -14.229 1.00 44.40  ? 41  PRO A CD    1 
ATOM   262  N  N     . HIS A 1 46  ? 1.800   16.188  -14.955 1.00 41.89  ? 42  HIS A N     1 
ATOM   263  C  CA    . HIS A 1 46  ? 3.036   16.153  -15.748 1.00 41.01  ? 42  HIS A CA    1 
ATOM   264  C  C     . HIS A 1 46  ? 4.246   15.540  -15.033 1.00 40.23  ? 42  HIS A C     1 
ATOM   265  O  O     . HIS A 1 46  ? 5.264   15.250  -15.671 1.00 40.16  ? 42  HIS A O     1 
ATOM   266  C  CB    . HIS A 1 46  ? 3.390   17.565  -16.226 1.00 41.12  ? 42  HIS A CB    1 
ATOM   267  C  CG    . HIS A 1 46  ? 3.565   18.548  -15.112 1.00 41.71  ? 42  HIS A CG    1 
ATOM   268  N  ND1   . HIS A 1 46  ? 2.509   19.236  -14.554 1.00 41.99  ? 42  HIS A ND1   1 
ATOM   269  C  CD2   . HIS A 1 46  ? 4.672   18.948  -14.441 1.00 41.94  ? 42  HIS A CD2   1 
ATOM   270  C  CE1   . HIS A 1 46  ? 2.958   20.023  -13.592 1.00 42.14  ? 42  HIS A CE1   1 
ATOM   271  N  NE2   . HIS A 1 46  ? 4.267   19.865  -13.501 1.00 42.30  ? 42  HIS A NE2   1 
ATOM   272  N  N     . THR A 1 47  ? 4.145   15.355  -13.718 1.00 39.19  ? 43  THR A N     1 
ATOM   273  C  CA    . THR A 1 47  ? 5.255   14.803  -12.928 1.00 38.00  ? 43  THR A CA    1 
ATOM   274  C  C     . THR A 1 47  ? 5.237   13.276  -12.903 1.00 37.20  ? 43  THR A C     1 
ATOM   275  O  O     . THR A 1 47  ? 4.203   12.656  -13.174 1.00 37.05  ? 43  THR A O     1 
ATOM   276  C  CB    . THR A 1 47  ? 5.265   15.353  -11.479 1.00 38.13  ? 43  THR A CB    1 
ATOM   277  O  OG1   . THR A 1 47  ? 3.966   15.209  -10.895 1.00 37.78  ? 43  THR A OG1   1 
ATOM   278  C  CG2   . THR A 1 47  ? 5.660   16.823  -11.468 1.00 38.17  ? 43  THR A CG2   1 
ATOM   279  N  N     . ILE A 1 48  ? 6.384   12.677  -12.580 1.00 36.14  ? 44  ILE A N     1 
ATOM   280  C  CA    . ILE A 1 48  ? 6.521   11.218  -12.537 1.00 35.31  ? 44  ILE A CA    1 
ATOM   281  C  C     . ILE A 1 48  ? 5.622   10.545  -11.487 1.00 34.50  ? 44  ILE A C     1 
ATOM   282  O  O     . ILE A 1 48  ? 5.007   9.505   -11.768 1.00 34.87  ? 44  ILE A O     1 
ATOM   283  C  CB    . ILE A 1 48  ? 8.008   10.777  -12.391 1.00 35.38  ? 44  ILE A CB    1 
ATOM   284  C  CG1   . ILE A 1 48  ? 8.711   10.885  -13.752 1.00 35.57  ? 44  ILE A CG1   1 
ATOM   285  C  CG2   . ILE A 1 48  ? 8.116   9.345   -11.833 1.00 35.32  ? 44  ILE A CG2   1 
ATOM   286  C  CD1   . ILE A 1 48  ? 10.194  10.539  -13.745 1.00 35.65  ? 44  ILE A CD1   1 
ATOM   287  N  N     . GLY A 1 49  ? 5.534   11.138  -10.298 1.00 33.23  ? 45  GLY A N     1 
ATOM   288  C  CA    . GLY A 1 49  ? 4.761   10.550  -9.202  1.00 31.65  ? 45  GLY A CA    1 
ATOM   289  C  C     . GLY A 1 49  ? 5.667   10.190  -8.038  1.00 30.58  ? 45  GLY A C     1 
ATOM   290  O  O     . GLY A 1 49  ? 6.666   9.481   -8.217  1.00 30.40  ? 45  GLY A O     1 
ATOM   291  N  N     . VAL A 1 50  ? 5.306   10.679  -6.852  1.00 29.28  ? 46  VAL A N     1 
ATOM   292  C  CA    . VAL A 1 50  ? 6.134   10.573  -5.642  1.00 28.09  ? 46  VAL A CA    1 
ATOM   293  C  C     . VAL A 1 50  ? 6.554   9.132   -5.306  1.00 27.24  ? 46  VAL A C     1 
ATOM   294  O  O     . VAL A 1 50  ? 5.736   8.210   -5.335  1.00 26.89  ? 46  VAL A O     1 
ATOM   295  C  CB    . VAL A 1 50  ? 5.462   11.290  -4.417  1.00 28.06  ? 46  VAL A CB    1 
ATOM   296  C  CG1   . VAL A 1 50  ? 4.158   10.616  -4.021  1.00 27.80  ? 46  VAL A CG1   1 
ATOM   297  C  CG2   . VAL A 1 50  ? 6.419   11.382  -3.228  1.00 27.99  ? 46  VAL A CG2   1 
ATOM   298  N  N     . GLU A 1 51  ? 7.838   8.967   -4.993  1.00 26.43  ? 47  GLU A N     1 
ATOM   299  C  CA    . GLU A 1 51  ? 8.450   7.652   -4.770  1.00 25.91  ? 47  GLU A CA    1 
ATOM   300  C  C     . GLU A 1 51  ? 8.553   7.275   -3.292  1.00 25.38  ? 47  GLU A C     1 
ATOM   301  O  O     . GLU A 1 51  ? 8.430   6.101   -2.942  1.00 25.16  ? 47  GLU A O     1 
ATOM   302  C  CB    . GLU A 1 51  ? 9.841   7.601   -5.422  1.00 25.81  ? 47  GLU A CB    1 
ATOM   303  C  CG    . GLU A 1 51  ? 10.646  6.342   -5.104  1.00 26.20  ? 47  GLU A CG    1 
ATOM   304  C  CD    . GLU A 1 51  ? 12.053  6.338   -5.697  1.00 26.05  ? 47  GLU A CD    1 
ATOM   305  O  OE1   . GLU A 1 51  ? 12.351  7.169   -6.584  1.00 25.80  ? 47  GLU A OE1   1 
ATOM   306  O  OE2   . GLU A 1 51  ? 12.862  5.484   -5.270  1.00 26.24  ? 47  GLU A OE2   1 
ATOM   307  N  N     . PHE A 1 52  ? 8.787   8.266   -2.434  1.00 24.85  ? 48  PHE A N     1 
ATOM   308  C  CA    . PHE A 1 52  ? 9.061   8.021   -1.020  1.00 24.44  ? 48  PHE A CA    1 
ATOM   309  C  C     . PHE A 1 52  ? 8.405   9.090   -0.140  1.00 24.60  ? 48  PHE A C     1 
ATOM   310  O  O     . PHE A 1 52  ? 8.148   10.201  -0.593  1.00 24.50  ? 48  PHE A O     1 
ATOM   311  C  CB    . PHE A 1 52  ? 10.579  7.966   -0.783  1.00 24.03  ? 48  PHE A CB    1 
ATOM   312  C  CG    . PHE A 1 52  ? 10.977  7.507   0.604   1.00 23.37  ? 48  PHE A CG    1 
ATOM   313  C  CD1   . PHE A 1 52  ? 10.987  6.155   0.932   1.00 22.64  ? 48  PHE A CD1   1 
ATOM   314  C  CD2   . PHE A 1 52  ? 11.366  8.429   1.570   1.00 22.66  ? 48  PHE A CD2   1 
ATOM   315  C  CE1   . PHE A 1 52  ? 11.359  5.730   2.207   1.00 22.72  ? 48  PHE A CE1   1 
ATOM   316  C  CE2   . PHE A 1 52  ? 11.741  8.015   2.853   1.00 22.15  ? 48  PHE A CE2   1 
ATOM   317  C  CZ    . PHE A 1 52  ? 11.738  6.668   3.169   1.00 22.74  ? 48  PHE A CZ    1 
ATOM   318  N  N     . GLY A 1 53  ? 8.129   8.741   1.113   1.00 24.71  ? 49  GLY A N     1 
ATOM   319  C  CA    . GLY A 1 53  ? 7.515   9.665   2.056   1.00 25.09  ? 49  GLY A CA    1 
ATOM   320  C  C     . GLY A 1 53  ? 7.519   9.150   3.479   1.00 25.39  ? 49  GLY A C     1 
ATOM   321  O  O     . GLY A 1 53  ? 7.726   7.955   3.714   1.00 25.38  ? 49  GLY A O     1 
ATOM   322  N  N     . THR A 1 54  ? 7.296   10.056  4.428   1.00 25.49  ? 50  THR A N     1 
ATOM   323  C  CA    . THR A 1 54  ? 7.238   9.703   5.851   1.00 26.02  ? 50  THR A CA    1 
ATOM   324  C  C     . THR A 1 54  ? 6.084   10.430  6.548   1.00 26.56  ? 50  THR A C     1 
ATOM   325  O  O     . THR A 1 54  ? 5.599   11.456  6.060   1.00 26.40  ? 50  THR A O     1 
ATOM   326  C  CB    . THR A 1 54  ? 8.577   10.015  6.616   1.00 25.91  ? 50  THR A CB    1 
ATOM   327  O  OG1   . THR A 1 54  ? 8.699   11.425  6.848   1.00 25.70  ? 50  THR A OG1   1 
ATOM   328  C  CG2   . THR A 1 54  ? 9.819   9.503   5.861   1.00 25.34  ? 50  THR A CG2   1 
ATOM   329  N  N     . ARG A 1 55  ? 5.652   9.889   7.685   1.00 27.24  ? 51  ARG A N     1 
ATOM   330  C  CA    . ARG A 1 55  ? 4.648   10.534  8.540   1.00 28.26  ? 51  ARG A CA    1 
ATOM   331  C  C     . ARG A 1 55  ? 4.630   9.918   9.941   1.00 28.48  ? 51  ARG A C     1 
ATOM   332  O  O     . ARG A 1 55  ? 4.792   8.703   10.100  1.00 28.57  ? 51  ARG A O     1 
ATOM   333  C  CB    . ARG A 1 55  ? 3.248   10.458  7.917   1.00 28.15  ? 51  ARG A CB    1 
ATOM   334  C  CG    . ARG A 1 55  ? 2.181   11.218  8.707   1.00 28.90  ? 51  ARG A CG    1 
ATOM   335  C  CD    . ARG A 1 55  ? 0.822   11.130  8.055   1.00 29.21  ? 51  ARG A CD    1 
ATOM   336  N  NE    . ARG A 1 55  ? -0.251  11.273  9.035   1.00 30.80  ? 51  ARG A NE    1 
ATOM   337  C  CZ    . ARG A 1 55  ? -1.549  11.262  8.745   1.00 32.25  ? 51  ARG A CZ    1 
ATOM   338  N  NH1   . ARG A 1 55  ? -1.964  11.122  7.489   1.00 32.29  ? 51  ARG A NH1   1 
ATOM   339  N  NH2   . ARG A 1 55  ? -2.441  11.395  9.718   1.00 33.54  ? 51  ARG A NH2   1 
ATOM   340  N  N     . ILE A 1 56  ? 4.432   10.766  10.945  1.00 28.90  ? 52  ILE A N     1 
ATOM   341  C  CA    . ILE A 1 56  ? 4.305   10.315  12.326  1.00 29.46  ? 52  ILE A CA    1 
ATOM   342  C  C     . ILE A 1 56  ? 2.838   10.098  12.685  1.00 29.77  ? 52  ILE A C     1 
ATOM   343  O  O     . ILE A 1 56  ? 2.009   10.997  12.537  1.00 29.86  ? 52  ILE A O     1 
ATOM   344  C  CB    . ILE A 1 56  ? 4.990   11.284  13.326  1.00 29.53  ? 52  ILE A CB    1 
ATOM   345  C  CG1   . ILE A 1 56  ? 6.511   11.249  13.129  1.00 29.66  ? 52  ILE A CG1   1 
ATOM   346  C  CG2   . ILE A 1 56  ? 4.632   10.926  14.782  1.00 29.64  ? 52  ILE A CG2   1 
ATOM   347  C  CD1   . ILE A 1 56  ? 7.232   12.462  13.679  1.00 30.75  ? 52  ILE A CD1   1 
ATOM   348  N  N     . ILE A 1 57  ? 2.536   8.889   13.148  1.00 30.10  ? 53  ILE A N     1 
ATOM   349  C  CA    . ILE A 1 57  ? 1.185   8.524   13.561  1.00 30.69  ? 53  ILE A CA    1 
ATOM   350  C  C     . ILE A 1 57  ? 1.157   8.090   15.030  1.00 30.88  ? 53  ILE A C     1 
ATOM   351  O  O     . ILE A 1 57  ? 2.194   7.747   15.602  1.00 30.95  ? 53  ILE A O     1 
ATOM   352  C  CB    . ILE A 1 57  ? 0.594   7.407   12.657  1.00 30.39  ? 53  ILE A CB    1 
ATOM   353  C  CG1   . ILE A 1 57  ? 1.450   6.137   12.723  1.00 30.70  ? 53  ILE A CG1   1 
ATOM   354  C  CG2   . ILE A 1 57  ? 0.446   7.904   11.225  1.00 30.55  ? 53  ILE A CG2   1 
ATOM   355  C  CD1   . ILE A 1 57  ? 0.806   4.916   12.078  1.00 30.91  ? 53  ILE A CD1   1 
ATOM   356  N  N     . GLU A 1 58  ? -0.030  8.118   15.633  1.00 31.24  ? 54  GLU A N     1 
ATOM   357  C  CA    . GLU A 1 58  ? -0.222  7.637   17.002  1.00 31.59  ? 54  GLU A CA    1 
ATOM   358  C  C     . GLU A 1 58  ? -0.964  6.308   16.969  1.00 31.78  ? 54  GLU A C     1 
ATOM   359  O  O     . GLU A 1 58  ? -2.062  6.216   16.418  1.00 31.72  ? 54  GLU A O     1 
ATOM   360  C  CB    . GLU A 1 58  ? -0.977  8.668   17.846  1.00 31.44  ? 54  GLU A CB    1 
ATOM   361  N  N     . VAL A 1 59  ? -0.342  5.282   17.542  1.00 32.20  ? 55  VAL A N     1 
ATOM   362  C  CA    . VAL A 1 59  ? -0.872  3.922   17.523  1.00 32.81  ? 55  VAL A CA    1 
ATOM   363  C  C     . VAL A 1 59  ? -0.831  3.366   18.934  1.00 33.08  ? 55  VAL A C     1 
ATOM   364  O  O     . VAL A 1 59  ? 0.239   3.309   19.546  1.00 33.12  ? 55  VAL A O     1 
ATOM   365  C  CB    . VAL A 1 59  ? -0.034  2.984   16.596  1.00 32.84  ? 55  VAL A CB    1 
ATOM   366  C  CG1   . VAL A 1 59  ? -0.525  1.537   16.674  1.00 32.77  ? 55  VAL A CG1   1 
ATOM   367  C  CG2   . VAL A 1 59  ? -0.059  3.471   15.160  1.00 33.17  ? 55  VAL A CG2   1 
ATOM   368  N  N     . SER A 1 60  ? -1.992  2.963   19.451  1.00 33.52  ? 56  SER A N     1 
ATOM   369  C  CA    . SER A 1 60  ? -2.078  2.307   20.760  1.00 33.73  ? 56  SER A CA    1 
ATOM   370  C  C     . SER A 1 60  ? -1.379  3.112   21.873  1.00 33.64  ? 56  SER A C     1 
ATOM   371  O  O     . SER A 1 60  ? -0.793  2.543   22.798  1.00 33.86  ? 56  SER A O     1 
ATOM   372  C  CB    . SER A 1 60  ? -1.518  0.881   20.654  1.00 33.82  ? 56  SER A CB    1 
ATOM   373  O  OG    . SER A 1 60  ? -1.329  0.291   21.926  1.00 35.40  ? 56  SER A OG    1 
ATOM   374  N  N     . GLY A 1 61  ? -1.445  4.440   21.772  1.00 33.38  ? 57  GLY A N     1 
ATOM   375  C  CA    . GLY A 1 61  ? -0.773  5.331   22.720  1.00 33.09  ? 57  GLY A CA    1 
ATOM   376  C  C     . GLY A 1 61  ? 0.707   5.589   22.459  1.00 32.88  ? 57  GLY A C     1 
ATOM   377  O  O     . GLY A 1 61  ? 1.374   6.242   23.264  1.00 32.97  ? 57  GLY A O     1 
ATOM   378  N  N     . GLN A 1 62  ? 1.223   5.082   21.341  1.00 32.35  ? 58  GLN A N     1 
ATOM   379  C  CA    . GLN A 1 62  ? 2.634   5.267   20.987  1.00 31.92  ? 58  GLN A CA    1 
ATOM   380  C  C     . GLN A 1 62  ? 2.794   6.133   19.737  1.00 31.40  ? 58  GLN A C     1 
ATOM   381  O  O     . GLN A 1 62  ? 1.987   6.052   18.812  1.00 31.42  ? 58  GLN A O     1 
ATOM   382  C  CB    . GLN A 1 62  ? 3.311   3.915   20.783  1.00 32.03  ? 58  GLN A CB    1 
ATOM   383  N  N     . LYS A 1 63  ? 3.834   6.964   19.727  1.00 30.66  ? 59  LYS A N     1 
ATOM   384  C  CA    . LYS A 1 63  ? 4.185   7.769   18.558  1.00 29.98  ? 59  LYS A CA    1 
ATOM   385  C  C     . LYS A 1 63  ? 5.140   6.981   17.649  1.00 29.56  ? 59  LYS A C     1 
ATOM   386  O  O     . LYS A 1 63  ? 6.202   6.539   18.091  1.00 29.50  ? 59  LYS A O     1 
ATOM   387  C  CB    . LYS A 1 63  ? 4.809   9.083   18.994  1.00 30.02  ? 59  LYS A CB    1 
ATOM   388  N  N     . ILE A 1 64  ? 4.748   6.797   16.388  1.00 28.84  ? 60  ILE A N     1 
ATOM   389  C  CA    . ILE A 1 64  ? 5.501   5.948   15.457  1.00 28.29  ? 60  ILE A CA    1 
ATOM   390  C  C     . ILE A 1 64  ? 5.724   6.635   14.108  1.00 27.92  ? 60  ILE A C     1 
ATOM   391  O  O     . ILE A 1 64  ? 4.788   7.174   13.521  1.00 27.57  ? 60  ILE A O     1 
ATOM   392  C  CB    . ILE A 1 64  ? 4.811   4.557   15.255  1.00 28.46  ? 60  ILE A CB    1 
ATOM   393  C  CG1   . ILE A 1 64  ? 4.636   3.838   16.607  1.00 28.19  ? 60  ILE A CG1   1 
ATOM   394  C  CG2   . ILE A 1 64  ? 5.600   3.687   14.257  1.00 28.20  ? 60  ILE A CG2   1 
ATOM   395  C  CD1   . ILE A 1 64  ? 3.734   2.625   16.576  1.00 28.04  ? 60  ILE A CD1   1 
ATOM   396  N  N     . LYS A 1 65  ? 6.974   6.615   13.637  1.00 27.46  ? 61  LYS A N     1 
ATOM   397  C  CA    . LYS A 1 65  ? 7.337   7.170   12.331  1.00 27.18  ? 61  LYS A CA    1 
ATOM   398  C  C     . LYS A 1 65  ? 7.211   6.114   11.236  1.00 26.91  ? 61  LYS A C     1 
ATOM   399  O  O     . LYS A 1 65  ? 7.846   5.058   11.303  1.00 26.85  ? 61  LYS A O     1 
ATOM   400  C  CB    . LYS A 1 65  ? 8.763   7.737   12.359  1.00 27.07  ? 61  LYS A CB    1 
ATOM   401  C  CG    . LYS A 1 65  ? 9.248   8.297   11.025  1.00 26.97  ? 61  LYS A CG    1 
ATOM   402  C  CD    . LYS A 1 65  ? 10.691  8.750   11.113  1.00 27.54  ? 61  LYS A CD    1 
ATOM   403  C  CE    . LYS A 1 65  ? 11.231  9.175   9.756   1.00 29.05  ? 61  LYS A CE    1 
ATOM   404  N  NZ    . LYS A 1 65  ? 12.631  9.697   9.855   1.00 29.94  ? 61  LYS A NZ    1 
ATOM   405  N  N     . LEU A 1 66  ? 6.384   6.399   10.234  1.00 26.69  ? 62  LEU A N     1 
ATOM   406  C  CA    . LEU A 1 66  ? 6.233   5.497   9.094   1.00 26.63  ? 62  LEU A CA    1 
ATOM   407  C  C     . LEU A 1 66  ? 7.081   5.974   7.926   1.00 26.24  ? 62  LEU A C     1 
ATOM   408  O  O     . LEU A 1 66  ? 7.041   7.150   7.573   1.00 26.11  ? 62  LEU A O     1 
ATOM   409  C  CB    . LEU A 1 66  ? 4.771   5.400   8.634   1.00 26.67  ? 62  LEU A CB    1 
ATOM   410  C  CG    . LEU A 1 66  ? 3.628   4.928   9.534   1.00 27.48  ? 62  LEU A CG    1 
ATOM   411  C  CD1   . LEU A 1 66  ? 2.400   4.661   8.676   1.00 27.38  ? 62  LEU A CD1   1 
ATOM   412  C  CD2   . LEU A 1 66  ? 3.980   3.689   10.342  1.00 28.27  ? 62  LEU A CD2   1 
ATOM   413  N  N     . GLN A 1 67  ? 7.847   5.058   7.341   1.00 25.84  ? 63  GLN A N     1 
ATOM   414  C  CA    . GLN A 1 67  ? 8.514   5.302   6.065   1.00 25.79  ? 63  GLN A CA    1 
ATOM   415  C  C     . GLN A 1 67  ? 7.778   4.499   4.997   1.00 25.36  ? 63  GLN A C     1 
ATOM   416  O  O     . GLN A 1 67  ? 7.444   3.336   5.218   1.00 25.32  ? 63  GLN A O     1 
ATOM   417  C  CB    . GLN A 1 67  ? 9.983   4.880   6.130   1.00 25.71  ? 63  GLN A CB    1 
ATOM   418  C  CG    . GLN A 1 67  ? 10.825  5.684   7.116   1.00 26.10  ? 63  GLN A CG    1 
ATOM   419  C  CD    . GLN A 1 67  ? 12.210  5.105   7.300   1.00 26.60  ? 63  GLN A CD    1 
ATOM   420  O  OE1   . GLN A 1 67  ? 12.382  3.885   7.370   1.00 28.87  ? 63  GLN A OE1   1 
ATOM   421  N  NE2   . GLN A 1 67  ? 13.211  5.973   7.379   1.00 27.30  ? 63  GLN A NE2   1 
ATOM   422  N  N     . ILE A 1 68  ? 7.513   5.123   3.851   1.00 25.05  ? 64  ILE A N     1 
ATOM   423  C  CA    . ILE A 1 68  ? 6.716   4.494   2.787   1.00 24.92  ? 64  ILE A CA    1 
ATOM   424  C  C     . ILE A 1 68  ? 7.436   4.602   1.439   1.00 24.78  ? 64  ILE A C     1 
ATOM   425  O  O     . ILE A 1 68  ? 7.810   5.696   1.025   1.00 24.54  ? 64  ILE A O     1 
ATOM   426  C  CB    . ILE A 1 68  ? 5.299   5.131   2.693   1.00 24.96  ? 64  ILE A CB    1 
ATOM   427  C  CG1   . ILE A 1 68  ? 4.665   5.241   4.085   1.00 25.30  ? 64  ILE A CG1   1 
ATOM   428  C  CG2   . ILE A 1 68  ? 4.399   4.318   1.762   1.00 24.48  ? 64  ILE A CG2   1 
ATOM   429  C  CD1   . ILE A 1 68  ? 3.901   6.534   4.325   1.00 26.67  ? 64  ILE A CD1   1 
ATOM   430  N  N     . TRP A 1 69  ? 7.627   3.469   0.764   1.00 24.85  ? 65  TRP A N     1 
ATOM   431  C  CA    . TRP A 1 69  ? 8.405   3.431   -0.481  1.00 25.16  ? 65  TRP A CA    1 
ATOM   432  C  C     . TRP A 1 69  ? 7.664   2.766   -1.650  1.00 25.45  ? 65  TRP A C     1 
ATOM   433  O  O     . TRP A 1 69  ? 7.415   1.556   -1.633  1.00 25.17  ? 65  TRP A O     1 
ATOM   434  C  CB    . TRP A 1 69  ? 9.755   2.720   -0.251  1.00 24.91  ? 65  TRP A CB    1 
ATOM   435  C  CG    . TRP A 1 69  ? 10.869  3.094   -1.224  1.00 24.97  ? 65  TRP A CG    1 
ATOM   436  C  CD1   . TRP A 1 69  ? 10.747  3.784   -2.401  1.00 24.95  ? 65  TRP A CD1   1 
ATOM   437  C  CD2   . TRP A 1 69  ? 12.263  2.759   -1.103  1.00 25.02  ? 65  TRP A CD2   1 
ATOM   438  N  NE1   . TRP A 1 69  ? 11.978  3.919   -3.008  1.00 25.15  ? 65  TRP A NE1   1 
ATOM   439  C  CE2   . TRP A 1 69  ? 12.923  3.295   -2.238  1.00 24.83  ? 65  TRP A CE2   1 
ATOM   440  C  CE3   . TRP A 1 69  ? 13.020  2.064   -0.146  1.00 25.21  ? 65  TRP A CE3   1 
ATOM   441  C  CZ2   . TRP A 1 69  ? 14.306  3.162   -2.439  1.00 24.91  ? 65  TRP A CZ2   1 
ATOM   442  C  CZ3   . TRP A 1 69  ? 14.403  1.931   -0.345  1.00 25.11  ? 65  TRP A CZ3   1 
ATOM   443  C  CH2   . TRP A 1 69  ? 15.027  2.480   -1.486  1.00 24.84  ? 65  TRP A CH2   1 
ATOM   444  N  N     . ASP A 1 70  ? 7.322   3.564   -2.661  1.00 26.00  ? 66  ASP A N     1 
ATOM   445  C  CA    . ASP A 1 70  ? 6.870   3.039   -3.946  1.00 26.89  ? 66  ASP A CA    1 
ATOM   446  C  C     . ASP A 1 70  ? 8.107   2.421   -4.590  1.00 27.74  ? 66  ASP A C     1 
ATOM   447  O  O     . ASP A 1 70  ? 8.853   3.073   -5.315  1.00 27.85  ? 66  ASP A O     1 
ATOM   448  C  CB    . ASP A 1 70  ? 6.262   4.152   -4.810  1.00 26.68  ? 66  ASP A CB    1 
ATOM   449  C  CG    . ASP A 1 70  ? 5.744   3.656   -6.159  1.00 26.70  ? 66  ASP A CG    1 
ATOM   450  O  OD1   . ASP A 1 70  ? 5.922   2.461   -6.497  1.00 27.01  ? 66  ASP A OD1   1 
ATOM   451  O  OD2   . ASP A 1 70  ? 5.152   4.479   -6.900  1.00 26.49  ? 66  ASP A OD2   1 
ATOM   452  N  N     . THR A 1 71  ? 8.308   1.144   -4.299  1.00 28.93  ? 67  THR A N     1 
ATOM   453  C  CA    . THR A 1 71  ? 9.594   0.483   -4.488  1.00 30.26  ? 67  THR A CA    1 
ATOM   454  C  C     . THR A 1 71  ? 9.944   0.218   -5.972  1.00 30.98  ? 67  THR A C     1 
ATOM   455  O  O     . THR A 1 71  ? 11.120  0.186   -6.338  1.00 31.09  ? 67  THR A O     1 
ATOM   456  C  CB    . THR A 1 71  ? 9.676   -0.773  -3.570  1.00 30.24  ? 67  THR A CB    1 
ATOM   457  O  OG1   . THR A 1 71  ? 11.028  -1.001  -3.165  1.00 31.45  ? 67  THR A OG1   1 
ATOM   458  C  CG2   . THR A 1 71  ? 9.092   -2.007  -4.229  1.00 29.93  ? 67  THR A CG2   1 
ATOM   459  N  N     . ALA A 1 72  ? 8.915   0.043   -6.804  1.00 31.94  ? 68  ALA A N     1 
ATOM   460  C  CA    . ALA A 1 72  ? 9.045   -0.069  -8.270  1.00 32.99  ? 68  ALA A CA    1 
ATOM   461  C  C     . ALA A 1 72  ? 10.042  -1.132  -8.784  1.00 33.78  ? 68  ALA A C     1 
ATOM   462  O  O     . ALA A 1 72  ? 10.647  -0.967  -9.851  1.00 33.90  ? 68  ALA A O     1 
ATOM   463  C  CB    . ALA A 1 72  ? 9.329   1.310   -8.894  1.00 32.72  ? 68  ALA A CB    1 
ATOM   464  N  N     . GLY A 1 73  ? 10.202  -2.215  -8.025  1.00 34.61  ? 69  GLY A N     1 
ATOM   465  C  CA    . GLY A 1 73  ? 11.013  -3.357  -8.457  1.00 35.77  ? 69  GLY A CA    1 
ATOM   466  C  C     . GLY A 1 73  ? 12.520  -3.164  -8.377  1.00 36.54  ? 69  GLY A C     1 
ATOM   467  O  O     . GLY A 1 73  ? 13.283  -3.974  -8.916  1.00 36.46  ? 69  GLY A O     1 
ATOM   468  N  N     . GLN A 1 74  ? 12.945  -2.104  -7.690  1.00 37.21  ? 70  GLN A N     1 
ATOM   469  C  CA    . GLN A 1 74  ? 14.363  -1.749  -7.572  1.00 37.87  ? 70  GLN A CA    1 
ATOM   470  C  C     . GLN A 1 74  ? 15.148  -2.695  -6.652  1.00 38.19  ? 70  GLN A C     1 
ATOM   471  O  O     . GLN A 1 74  ? 16.383  -2.645  -6.607  1.00 38.10  ? 70  GLN A O     1 
ATOM   472  C  CB    . GLN A 1 74  ? 14.513  -0.288  -7.124  1.00 37.76  ? 70  GLN A CB    1 
ATOM   473  C  CG    . GLN A 1 74  ? 14.137  0.729   -8.204  1.00 38.10  ? 70  GLN A CG    1 
ATOM   474  C  CD    . GLN A 1 74  ? 13.879  2.124   -7.646  1.00 38.22  ? 70  GLN A CD    1 
ATOM   475  O  OE1   . GLN A 1 74  ? 14.805  2.830   -7.246  1.00 38.70  ? 70  GLN A OE1   1 
ATOM   476  N  NE2   . GLN A 1 74  ? 12.614  2.527   -7.633  1.00 38.49  ? 70  GLN A NE2   1 
ATOM   477  N  N     . GLU A 1 75  ? 14.423  -3.563  -5.941  1.00 38.78  ? 71  GLU A N     1 
ATOM   478  C  CA    . GLU A 1 75  ? 15.016  -4.578  -5.062  1.00 39.39  ? 71  GLU A CA    1 
ATOM   479  C  C     . GLU A 1 75  ? 15.828  -5.642  -5.817  1.00 39.94  ? 71  GLU A C     1 
ATOM   480  O  O     . GLU A 1 75  ? 16.593  -6.397  -5.203  1.00 40.41  ? 71  GLU A O     1 
ATOM   481  C  CB    . GLU A 1 75  ? 13.933  -5.239  -4.216  1.00 39.42  ? 71  GLU A CB    1 
ATOM   482  N  N     . ARG A 1 76  ? 15.654  -5.703  -7.137  1.00 40.13  ? 72  ARG A N     1 
ATOM   483  C  CA    . ARG A 1 76  ? 16.384  -6.649  -7.985  1.00 40.36  ? 72  ARG A CA    1 
ATOM   484  C  C     . ARG A 1 76  ? 17.731  -6.085  -8.428  1.00 40.49  ? 72  ARG A C     1 
ATOM   485  O  O     . ARG A 1 76  ? 18.606  -6.833  -8.887  1.00 40.80  ? 72  ARG A O     1 
ATOM   486  C  CB    . ARG A 1 76  ? 15.547  -7.032  -9.206  1.00 40.34  ? 72  ARG A CB    1 
ATOM   487  N  N     . PHE A 1 77  ? 17.893  -4.769  -8.283  1.00 40.27  ? 73  PHE A N     1 
ATOM   488  C  CA    . PHE A 1 77  ? 19.075  -4.072  -8.782  1.00 39.90  ? 73  PHE A CA    1 
ATOM   489  C  C     . PHE A 1 77  ? 19.874  -3.350  -7.691  1.00 39.59  ? 73  PHE A C     1 
ATOM   490  O  O     . PHE A 1 77  ? 21.106  -3.320  -7.748  1.00 39.79  ? 73  PHE A O     1 
ATOM   491  C  CB    . PHE A 1 77  ? 18.681  -3.097  -9.900  1.00 39.93  ? 73  PHE A CB    1 
ATOM   492  N  N     . ARG A 1 78  ? 19.180  -2.777  -6.708  1.00 38.87  ? 74  ARG A N     1 
ATOM   493  C  CA    . ARG A 1 78  ? 19.822  -1.936  -5.693  1.00 38.30  ? 74  ARG A CA    1 
ATOM   494  C  C     . ARG A 1 78  ? 19.952  -2.622  -4.334  1.00 37.82  ? 74  ARG A C     1 
ATOM   495  O  O     . ARG A 1 78  ? 18.956  -3.070  -3.760  1.00 37.87  ? 74  ARG A O     1 
ATOM   496  C  CB    . ARG A 1 78  ? 19.071  -0.613  -5.552  1.00 38.47  ? 74  ARG A CB    1 
ATOM   497  N  N     . ALA A 1 79  ? 21.180  -2.679  -3.822  1.00 37.09  ? 75  ALA A N     1 
ATOM   498  C  CA    . ALA A 1 79  ? 21.473  -3.355  -2.553  1.00 36.39  ? 75  ALA A CA    1 
ATOM   499  C  C     . ALA A 1 79  ? 20.756  -2.742  -1.343  1.00 35.85  ? 75  ALA A C     1 
ATOM   500  O  O     . ALA A 1 79  ? 20.339  -3.462  -0.437  1.00 35.82  ? 75  ALA A O     1 
ATOM   501  C  CB    . ALA A 1 79  ? 22.977  -3.416  -2.310  1.00 36.42  ? 75  ALA A CB    1 
ATOM   502  N  N     . VAL A 1 80  ? 20.615  -1.418  -1.334  1.00 35.15  ? 76  VAL A N     1 
ATOM   503  C  CA    . VAL A 1 80  ? 19.926  -0.724  -0.242  1.00 34.48  ? 76  VAL A CA    1 
ATOM   504  C  C     . VAL A 1 80  ? 18.423  -0.994  -0.272  1.00 33.94  ? 76  VAL A C     1 
ATOM   505  O  O     . VAL A 1 80  ? 17.812  -1.237  0.776   1.00 33.87  ? 76  VAL A O     1 
ATOM   506  C  CB    . VAL A 1 80  ? 20.212  0.795   -0.247  1.00 34.49  ? 76  VAL A CB    1 
ATOM   507  C  CG1   . VAL A 1 80  ? 19.496  1.485   0.905   1.00 34.42  ? 76  VAL A CG1   1 
ATOM   508  C  CG2   . VAL A 1 80  ? 21.704  1.046   -0.149  1.00 34.92  ? 76  VAL A CG2   1 
ATOM   509  N  N     . THR A 1 81  ? 17.837  -0.959  -1.472  1.00 33.29  ? 77  THR A N     1 
ATOM   510  C  CA    . THR A 1 81  ? 16.423  -1.292  -1.660  1.00 32.72  ? 77  THR A CA    1 
ATOM   511  C  C     . THR A 1 81  ? 16.180  -2.741  -1.250  1.00 32.24  ? 77  THR A C     1 
ATOM   512  O  O     . THR A 1 81  ? 15.149  -3.061  -0.652  1.00 32.16  ? 77  THR A O     1 
ATOM   513  C  CB    . THR A 1 81  ? 15.957  -1.061  -3.120  1.00 32.71  ? 77  THR A CB    1 
ATOM   514  O  OG1   . THR A 1 81  ? 16.253  0.284   -3.508  1.00 32.94  ? 77  THR A OG1   1 
ATOM   515  C  CG2   . THR A 1 81  ? 14.445  -1.294  -3.266  1.00 32.70  ? 77  THR A CG2   1 
ATOM   516  N  N     . ARG A 1 82  ? 17.151  -3.598  -1.557  1.00 31.64  ? 78  ARG A N     1 
ATOM   517  C  CA    . ARG A 1 82  ? 17.093  -5.017  -1.215  1.00 31.32  ? 78  ARG A CA    1 
ATOM   518  C  C     . ARG A 1 82  ? 16.923  -5.235  0.294   1.00 30.49  ? 78  ARG A C     1 
ATOM   519  O  O     . ARG A 1 82  ? 16.104  -6.056  0.710   1.00 30.36  ? 78  ARG A O     1 
ATOM   520  C  CB    . ARG A 1 82  ? 18.340  -5.742  -1.747  1.00 31.33  ? 78  ARG A CB    1 
ATOM   521  C  CG    . ARG A 1 82  ? 18.118  -7.208  -2.080  1.00 32.00  ? 78  ARG A CG    1 
ATOM   522  C  CD    . ARG A 1 82  ? 19.310  -7.832  -2.821  1.00 32.64  ? 78  ARG A CD    1 
ATOM   523  N  NE    . ARG A 1 82  ? 19.502  -7.260  -4.154  1.00 35.87  ? 78  ARG A NE    1 
ATOM   524  C  CZ    . ARG A 1 82  ? 20.658  -6.802  -4.634  1.00 36.61  ? 78  ARG A CZ    1 
ATOM   525  N  NH1   . ARG A 1 82  ? 21.767  -6.864  -3.905  1.00 37.12  ? 78  ARG A NH1   1 
ATOM   526  N  NH2   . ARG A 1 82  ? 20.710  -6.291  -5.858  1.00 36.96  ? 78  ARG A NH2   1 
ATOM   527  N  N     . SER A 1 83  ? 17.668  -4.482  1.109   1.00 29.69  ? 79  SER A N     1 
ATOM   528  C  CA    . SER A 1 83  ? 17.619  -4.656  2.567   1.00 28.88  ? 79  SER A CA    1 
ATOM   529  C  C     . SER A 1 83  ? 16.483  -3.901  3.272   1.00 28.12  ? 79  SER A C     1 
ATOM   530  O  O     . SER A 1 83  ? 16.035  -4.333  4.334   1.00 28.06  ? 79  SER A O     1 
ATOM   531  C  CB    . SER A 1 83  ? 18.973  -4.359  3.222   1.00 29.01  ? 79  SER A CB    1 
ATOM   532  O  OG    . SER A 1 83  ? 19.272  -2.977  3.198   1.00 30.17  ? 79  SER A OG    1 
ATOM   533  N  N     . TYR A 1 84  ? 16.034  -2.785  2.694   1.00 27.01  ? 80  TYR A N     1 
ATOM   534  C  CA    . TYR A 1 84  ? 14.815  -2.099  3.153   1.00 26.29  ? 80  TYR A CA    1 
ATOM   535  C  C     . TYR A 1 84  ? 13.623  -3.064  3.042   1.00 26.10  ? 80  TYR A C     1 
ATOM   536  O  O     . TYR A 1 84  ? 12.818  -3.197  3.969   1.00 25.97  ? 80  TYR A O     1 
ATOM   537  C  CB    . TYR A 1 84  ? 14.568  -0.825  2.328   1.00 25.90  ? 80  TYR A CB    1 
ATOM   538  C  CG    . TYR A 1 84  ? 13.321  -0.021  2.687   1.00 25.11  ? 80  TYR A CG    1 
ATOM   539  C  CD1   . TYR A 1 84  ? 13.421  1.171   3.405   1.00 25.33  ? 80  TYR A CD1   1 
ATOM   540  C  CD2   . TYR A 1 84  ? 12.054  -0.433  2.279   1.00 24.32  ? 80  TYR A CD2   1 
ATOM   541  C  CE1   . TYR A 1 84  ? 12.286  1.924   3.724   1.00 24.54  ? 80  TYR A CE1   1 
ATOM   542  C  CE2   . TYR A 1 84  ? 10.920  0.307   2.589   1.00 24.26  ? 80  TYR A CE2   1 
ATOM   543  C  CZ    . TYR A 1 84  ? 11.041  1.484   3.316   1.00 24.86  ? 80  TYR A CZ    1 
ATOM   544  O  OH    . TYR A 1 84  ? 9.913   2.217   3.630   1.00 24.34  ? 80  TYR A OH    1 
ATOM   545  N  N     . TYR A 1 85  ? 13.540  -3.729  1.894   1.00 25.75  ? 81  TYR A N     1 
ATOM   546  C  CA    . TYR A 1 85  ? 12.540  -4.748  1.601   1.00 25.81  ? 81  TYR A CA    1 
ATOM   547  C  C     . TYR A 1 85  ? 12.569  -5.866  2.647   1.00 25.52  ? 81  TYR A C     1 
ATOM   548  O  O     . TYR A 1 85  ? 11.523  -6.289  3.139   1.00 25.57  ? 81  TYR A O     1 
ATOM   549  C  CB    . TYR A 1 85  ? 12.812  -5.316  0.205   1.00 26.17  ? 81  TYR A CB    1 
ATOM   550  C  CG    . TYR A 1 85  ? 11.593  -5.577  -0.649  1.00 26.42  ? 81  TYR A CG    1 
ATOM   551  C  CD1   . TYR A 1 85  ? 11.152  -4.636  -1.580  1.00 26.89  ? 81  TYR A CD1   1 
ATOM   552  C  CD2   . TYR A 1 85  ? 10.898  -6.777  -0.547  1.00 27.47  ? 81  TYR A CD2   1 
ATOM   553  C  CE1   . TYR A 1 85  ? 10.030  -4.888  -2.385  1.00 26.42  ? 81  TYR A CE1   1 
ATOM   554  C  CE2   . TYR A 1 85  ? 9.782   -7.037  -1.334  1.00 27.77  ? 81  TYR A CE2   1 
ATOM   555  C  CZ    . TYR A 1 85  ? 9.356   -6.093  -2.252  1.00 27.38  ? 81  TYR A CZ    1 
ATOM   556  O  OH    . TYR A 1 85  ? 8.248   -6.377  -3.018  1.00 27.94  ? 81  TYR A OH    1 
ATOM   557  N  N     . ARG A 1 86  ? 13.775  -6.315  2.998   1.00 25.17  ? 82  ARG A N     1 
ATOM   558  C  CA    . ARG A 1 86  ? 13.988  -7.366  4.009   1.00 24.71  ? 82  ARG A CA    1 
ATOM   559  C  C     . ARG A 1 86  ? 13.651  -6.931  5.432   1.00 24.27  ? 82  ARG A C     1 
ATOM   560  O  O     . ARG A 1 86  ? 13.472  -7.774  6.316   1.00 24.40  ? 82  ARG A O     1 
ATOM   561  C  CB    . ARG A 1 86  ? 15.437  -7.874  3.966   1.00 24.70  ? 82  ARG A CB    1 
ATOM   562  C  CG    . ARG A 1 86  ? 15.765  -8.765  2.780   1.00 25.10  ? 82  ARG A CG    1 
ATOM   563  C  CD    . ARG A 1 86  ? 15.150  -10.143 2.930   1.00 25.74  ? 82  ARG A CD    1 
ATOM   564  N  NE    . ARG A 1 86  ? 15.527  -11.036 1.835   1.00 26.49  ? 82  ARG A NE    1 
ATOM   565  C  CZ    . ARG A 1 86  ? 14.875  -12.154 1.525   1.00 26.91  ? 82  ARG A CZ    1 
ATOM   566  N  NH1   . ARG A 1 86  ? 13.805  -12.521 2.216   1.00 26.77  ? 82  ARG A NH1   1 
ATOM   567  N  NH2   . ARG A 1 86  ? 15.286  -12.903 0.513   1.00 27.62  ? 82  ARG A NH2   1 
ATOM   568  N  N     . GLY A 1 87  ? 13.574  -5.621  5.652   1.00 23.57  ? 83  GLY A N     1 
ATOM   569  C  CA    . GLY A 1 87  ? 13.219  -5.076  6.957   1.00 22.80  ? 83  GLY A CA    1 
ATOM   570  C  C     . GLY A 1 87  ? 11.824  -4.483  7.009   1.00 22.32  ? 83  GLY A C     1 
ATOM   571  O  O     . GLY A 1 87  ? 11.485  -3.764  7.956   1.00 22.10  ? 83  GLY A O     1 
ATOM   572  N  N     . ALA A 1 88  ? 11.012  -4.788  5.996   1.00 21.61  ? 84  ALA A N     1 
ATOM   573  C  CA    . ALA A 1 88  ? 9.663   -4.245  5.887   1.00 21.06  ? 84  ALA A CA    1 
ATOM   574  C  C     . ALA A 1 88  ? 8.760   -4.745  7.013   1.00 20.79  ? 84  ALA A C     1 
ATOM   575  O  O     . ALA A 1 88  ? 8.645   -5.950  7.236   1.00 20.62  ? 84  ALA A O     1 
ATOM   576  C  CB    . ALA A 1 88  ? 9.061   -4.578  4.528   1.00 21.07  ? 84  ALA A CB    1 
ATOM   577  N  N     . ALA A 1 89  ? 8.147   -3.808  7.732   1.00 20.55  ? 85  ALA A N     1 
ATOM   578  C  CA    . ALA A 1 89  ? 7.166   -4.139  8.768   1.00 20.50  ? 85  ALA A CA    1 
ATOM   579  C  C     . ALA A 1 89  ? 5.786   -4.342  8.145   1.00 20.40  ? 85  ALA A C     1 
ATOM   580  O  O     . ALA A 1 89  ? 5.007   -5.173  8.603   1.00 20.53  ? 85  ALA A O     1 
ATOM   581  C  CB    . ALA A 1 89  ? 7.119   -3.054  9.826   1.00 20.27  ? 85  ALA A CB    1 
ATOM   582  N  N     . GLY A 1 90  ? 5.496   -3.583  7.093   1.00 20.65  ? 86  GLY A N     1 
ATOM   583  C  CA    . GLY A 1 90  ? 4.216   -3.683  6.391   1.00 20.75  ? 86  GLY A CA    1 
ATOM   584  C  C     . GLY A 1 90  ? 4.302   -3.560  4.877   1.00 20.77  ? 86  GLY A C     1 
ATOM   585  O  O     . GLY A 1 90  ? 5.218   -2.930  4.340   1.00 20.61  ? 86  GLY A O     1 
ATOM   586  N  N     . ALA A 1 91  ? 3.336   -4.169  4.193   1.00 20.94  ? 87  ALA A N     1 
ATOM   587  C  CA    . ALA A 1 91  ? 3.250   -4.099  2.735   1.00 21.17  ? 87  ALA A CA    1 
ATOM   588  C  C     . ALA A 1 91  ? 1.820   -3.811  2.299   1.00 21.35  ? 87  ALA A C     1 
ATOM   589  O  O     . ALA A 1 91  ? 0.905   -4.575  2.627   1.00 21.69  ? 87  ALA A O     1 
ATOM   590  C  CB    . ALA A 1 91  ? 3.739   -5.403  2.109   1.00 21.04  ? 87  ALA A CB    1 
ATOM   591  N  N     . LEU A 1 92  ? 1.622   -2.711  1.573   1.00 21.29  ? 88  LEU A N     1 
ATOM   592  C  CA    . LEU A 1 92  ? 0.344   -2.486  0.902   1.00 21.16  ? 88  LEU A CA    1 
ATOM   593  C  C     . LEU A 1 92  ? 0.434   -3.068  -0.500  1.00 20.96  ? 88  LEU A C     1 
ATOM   594  O  O     . LEU A 1 92  ? 1.241   -2.617  -1.317  1.00 20.67  ? 88  LEU A O     1 
ATOM   595  C  CB    . LEU A 1 92  ? -0.041  -1.001  0.832   1.00 21.27  ? 88  LEU A CB    1 
ATOM   596  C  CG    . LEU A 1 92  ? 0.041   0.018   1.983   1.00 22.20  ? 88  LEU A CG    1 
ATOM   597  C  CD1   . LEU A 1 92  ? -1.078  1.033   1.809   1.00 23.32  ? 88  LEU A CD1   1 
ATOM   598  C  CD2   . LEU A 1 92  ? -0.028  -0.569  3.367   1.00 22.19  ? 88  LEU A CD2   1 
ATOM   599  N  N     . MET A 1 93  ? -0.383  -4.087  -0.755  1.00 20.83  ? 89  MET A N     1 
ATOM   600  C  CA    . MET A 1 93  ? -0.498  -4.707  -2.073  1.00 21.29  ? 89  MET A CA    1 
ATOM   601  C  C     . MET A 1 93  ? -1.748  -4.143  -2.748  1.00 20.52  ? 89  MET A C     1 
ATOM   602  O  O     . MET A 1 93  ? -2.871  -4.350  -2.278  1.00 20.41  ? 89  MET A O     1 
ATOM   603  C  CB    . MET A 1 93  ? -0.589  -6.228  -1.920  1.00 21.27  ? 89  MET A CB    1 
ATOM   604  C  CG    . MET A 1 93  ? -0.149  -7.044  -3.122  1.00 22.19  ? 89  MET A CG    1 
ATOM   605  S  SD    . MET A 1 93  ? 0.021   -8.809  -2.715  1.00 23.53  ? 89  MET A SD    1 
ATOM   606  C  CE    . MET A 1 93  ? -1.658  -9.264  -2.303  1.00 23.50  ? 89  MET A CE    1 
ATOM   607  N  N     . VAL A 1 94  ? -1.542  -3.419  -3.843  1.00 20.20  ? 90  VAL A N     1 
ATOM   608  C  CA    . VAL A 1 94  ? -2.588  -2.591  -4.444  1.00 19.79  ? 90  VAL A CA    1 
ATOM   609  C  C     . VAL A 1 94  ? -3.023  -3.090  -5.823  1.00 19.91  ? 90  VAL A C     1 
ATOM   610  O  O     . VAL A 1 94  ? -2.182  -3.446  -6.663  1.00 20.01  ? 90  VAL A O     1 
ATOM   611  C  CB    . VAL A 1 94  ? -2.135  -1.092  -4.549  1.00 20.00  ? 90  VAL A CB    1 
ATOM   612  C  CG1   . VAL A 1 94  ? -3.320  -0.166  -4.903  1.00 18.99  ? 90  VAL A CG1   1 
ATOM   613  C  CG2   . VAL A 1 94  ? -1.465  -0.626  -3.252  1.00 19.48  ? 90  VAL A CG2   1 
ATOM   614  N  N     . TYR A 1 95  ? -4.338  -3.115  -6.040  1.00 19.61  ? 91  TYR A N     1 
ATOM   615  C  CA    . TYR A 1 95  ? -4.920  -3.299  -7.370  1.00 19.58  ? 91  TYR A CA    1 
ATOM   616  C  C     . TYR A 1 95  ? -5.914  -2.165  -7.675  1.00 19.81  ? 91  TYR A C     1 
ATOM   617  O  O     . TYR A 1 95  ? -6.292  -1.389  -6.778  1.00 19.55  ? 91  TYR A O     1 
ATOM   618  C  CB    . TYR A 1 95  ? -5.583  -4.684  -7.513  1.00 19.54  ? 91  TYR A CB    1 
ATOM   619  C  CG    . TYR A 1 95  ? -6.842  -4.846  -6.689  1.00 19.26  ? 91  TYR A CG    1 
ATOM   620  C  CD1   . TYR A 1 95  ? -8.098  -4.603  -7.245  1.00 18.79  ? 91  TYR A CD1   1 
ATOM   621  C  CD2   . TYR A 1 95  ? -6.777  -5.223  -5.348  1.00 18.84  ? 91  TYR A CD2   1 
ATOM   622  C  CE1   . TYR A 1 95  ? -9.256  -4.731  -6.484  1.00 18.75  ? 91  TYR A CE1   1 
ATOM   623  C  CE2   . TYR A 1 95  ? -7.927  -5.361  -4.584  1.00 18.13  ? 91  TYR A CE2   1 
ATOM   624  C  CZ    . TYR A 1 95  ? -9.162  -5.112  -5.157  1.00 18.93  ? 91  TYR A CZ    1 
ATOM   625  O  OH    . TYR A 1 95  ? -10.306 -5.235  -4.398  1.00 19.40  ? 91  TYR A OH    1 
ATOM   626  N  N     . ASP A 1 96  ? -6.306  -2.079  -8.947  1.00 19.88  ? 92  ASP A N     1 
ATOM   627  C  CA    . ASP A 1 96  ? -7.259  -1.097  -9.460  1.00 20.12  ? 92  ASP A CA    1 
ATOM   628  C  C     . ASP A 1 96  ? -8.606  -1.802  -9.660  1.00 20.32  ? 92  ASP A C     1 
ATOM   629  O  O     . ASP A 1 96  ? -8.736  -2.686  -10.516 1.00 19.98  ? 92  ASP A O     1 
ATOM   630  C  CB    . ASP A 1 96  ? -6.722  -0.524  -10.789 1.00 20.19  ? 92  ASP A CB    1 
ATOM   631  C  CG    . ASP A 1 96  ? -7.591  0.603   -11.383 1.00 20.98  ? 92  ASP A CG    1 
ATOM   632  O  OD1   . ASP A 1 96  ? -8.763  0.812   -10.968 1.00 20.55  ? 92  ASP A OD1   1 
ATOM   633  O  OD2   . ASP A 1 96  ? -7.079  1.286   -12.301 1.00 20.86  ? 92  ASP A OD2   1 
ATOM   634  N  N     . ILE A 1 97  ? -9.603  -1.402  -8.867  1.00 20.45  ? 93  ILE A N     1 
ATOM   635  C  CA    . ILE A 1 97  ? -10.960 -1.973  -8.928  1.00 20.60  ? 93  ILE A CA    1 
ATOM   636  C  C     . ILE A 1 97  ? -11.598 -1.906  -10.327 1.00 20.44  ? 93  ILE A C     1 
ATOM   637  O  O     . ILE A 1 97  ? -12.437 -2.741  -10.675 1.00 20.39  ? 93  ILE A O     1 
ATOM   638  C  CB    . ILE A 1 97  ? -11.906 -1.304  -7.880  1.00 20.73  ? 93  ILE A CB    1 
ATOM   639  C  CG1   . ILE A 1 97  ? -11.397 -1.559  -6.457  1.00 20.24  ? 93  ILE A CG1   1 
ATOM   640  C  CG2   . ILE A 1 97  ? -13.327 -1.842  -8.004  1.00 21.00  ? 93  ILE A CG2   1 
ATOM   641  C  CD1   . ILE A 1 97  ? -12.050 -0.689  -5.397  1.00 21.02  ? 93  ILE A CD1   1 
ATOM   642  N  N     . THR A 1 98  ? -11.201 -0.914  -11.119 1.00 20.46  ? 94  THR A N     1 
ATOM   643  C  CA    . THR A 1 98  ? -11.719 -0.763  -12.479 1.00 20.49  ? 94  THR A CA    1 
ATOM   644  C  C     . THR A 1 98  ? -10.926 -1.582  -13.514 1.00 20.73  ? 94  THR A C     1 
ATOM   645  O  O     . THR A 1 98  ? -11.274 -1.570  -14.698 1.00 20.65  ? 94  THR A O     1 
ATOM   646  C  CB    . THR A 1 98  ? -11.749 0.726   -12.934 1.00 20.57  ? 94  THR A CB    1 
ATOM   647  O  OG1   . THR A 1 98  ? -10.425 1.156   -13.276 1.00 20.62  ? 94  THR A OG1   1 
ATOM   648  C  CG2   . THR A 1 98  ? -12.334 1.647   -11.850 1.00 20.06  ? 94  THR A CG2   1 
ATOM   649  N  N     . ARG A 1 99  ? -9.870  -2.277  -13.080 1.00 20.73  ? 95  ARG A N     1 
ATOM   650  C  CA    . ARG A 1 99  ? -9.016  -3.049  -14.005 1.00 21.20  ? 95  ARG A CA    1 
ATOM   651  C  C     . ARG A 1 99  ? -8.680  -4.445  -13.494 1.00 21.13  ? 95  ARG A C     1 
ATOM   652  O  O     . ARG A 1 99  ? -7.766  -4.629  -12.686 1.00 20.72  ? 95  ARG A O     1 
ATOM   653  C  CB    . ARG A 1 99  ? -7.739  -2.278  -14.361 1.00 21.57  ? 95  ARG A CB    1 
ATOM   654  C  CG    . ARG A 1 99  ? -7.957  -1.131  -15.341 1.00 22.67  ? 95  ARG A CG    1 
ATOM   655  C  CD    . ARG A 1 99  ? -6.838  -0.090  -15.282 1.00 25.54  ? 95  ARG A CD    1 
ATOM   656  N  NE    . ARG A 1 99  ? -5.538  -0.631  -15.667 1.00 27.00  ? 95  ARG A NE    1 
ATOM   657  C  CZ    . ARG A 1 99  ? -4.412  -0.484  -14.970 1.00 27.29  ? 95  ARG A CZ    1 
ATOM   658  N  NH1   . ARG A 1 99  ? -4.392  0.202   -13.833 1.00 27.86  ? 95  ARG A NH1   1 
ATOM   659  N  NH2   . ARG A 1 99  ? -3.294  -1.024  -15.424 1.00 27.12  ? 95  ARG A NH2   1 
ATOM   660  N  N     . ARG A 1 100 ? -9.422  -5.425  -14.000 1.00 21.32  ? 96  ARG A N     1 
ATOM   661  C  CA    . ARG A 1 100 ? -9.299  -6.820  -13.582 1.00 21.81  ? 96  ARG A CA    1 
ATOM   662  C  C     . ARG A 1 100 ? -7.888  -7.416  -13.711 1.00 21.73  ? 96  ARG A C     1 
ATOM   663  O  O     . ARG A 1 100 ? -7.487  -8.236  -12.886 1.00 21.63  ? 96  ARG A O     1 
ATOM   664  C  CB    . ARG A 1 100 ? -10.307 -7.681  -14.343 1.00 21.95  ? 96  ARG A CB    1 
ATOM   665  C  CG    . ARG A 1 100 ? -10.434 -9.073  -13.797 1.00 23.19  ? 96  ARG A CG    1 
ATOM   666  C  CD    . ARG A 1 100 ? -11.821 -9.643  -13.996 1.00 24.55  ? 96  ARG A CD    1 
ATOM   667  N  NE    . ARG A 1 100 ? -11.980 -10.734 -13.055 1.00 27.00  ? 96  ARG A NE    1 
ATOM   668  C  CZ    . ARG A 1 100 ? -12.732 -10.703 -11.964 1.00 27.05  ? 96  ARG A CZ    1 
ATOM   669  N  NH1   . ARG A 1 100 ? -13.480 -9.642  -11.669 1.00 27.30  ? 96  ARG A NH1   1 
ATOM   670  N  NH2   . ARG A 1 100 ? -12.753 -11.767 -11.182 1.00 27.48  ? 96  ARG A NH2   1 
ATOM   671  N  N     . SER A 1 101 ? -7.139  -7.002  -14.731 1.00 21.83  ? 97  SER A N     1 
ATOM   672  C  CA    . SER A 1 101 ? -5.786  -7.520  -14.937 1.00 21.91  ? 97  SER A CA    1 
ATOM   673  C  C     . SER A 1 101 ? -4.853  -7.232  -13.750 1.00 21.89  ? 97  SER A C     1 
ATOM   674  O  O     . SER A 1 101 ? -3.944  -8.019  -13.452 1.00 21.83  ? 97  SER A O     1 
ATOM   675  C  CB    . SER A 1 101 ? -5.190  -6.995  -16.249 1.00 22.00  ? 97  SER A CB    1 
ATOM   676  O  OG    . SER A 1 101 ? -4.823  -5.629  -16.150 1.00 23.08  ? 97  SER A OG    1 
ATOM   677  N  N     . THR A 1 102 ? -5.094  -6.109  -13.069 1.00 21.55  ? 98  THR A N     1 
ATOM   678  C  CA    . THR A 1 102 ? -4.302  -5.732  -11.901 1.00 21.15  ? 98  THR A CA    1 
ATOM   679  C  C     . THR A 1 102 ? -4.641  -6.626  -10.709 1.00 21.29  ? 98  THR A C     1 
ATOM   680  O  O     . THR A 1 102 ? -3.786  -6.896  -9.864  1.00 21.33  ? 98  THR A O     1 
ATOM   681  C  CB    . THR A 1 102 ? -4.449  -4.223  -11.546 1.00 21.14  ? 98  THR A CB    1 
ATOM   682  O  OG1   . THR A 1 102 ? -5.768  -3.946  -11.046 1.00 20.47  ? 98  THR A OG1   1 
ATOM   683  C  CG2   . THR A 1 102 ? -4.177  -3.360  -12.771 1.00 20.44  ? 98  THR A CG2   1 
ATOM   684  N  N     . TYR A 1 103 ? -5.888  -7.087  -10.662 1.00 21.42  ? 99  TYR A N     1 
ATOM   685  C  CA    . TYR A 1 103 ? -6.340  -8.060  -9.666  1.00 21.70  ? 99  TYR A CA    1 
ATOM   686  C  C     . TYR A 1 103 ? -5.768  -9.448  -9.982  1.00 21.65  ? 99  TYR A C     1 
ATOM   687  O  O     . TYR A 1 103 ? -5.309  -10.153 -9.085  1.00 21.61  ? 99  TYR A O     1 
ATOM   688  C  CB    . TYR A 1 103 ? -7.879  -8.077  -9.608  1.00 21.78  ? 99  TYR A CB    1 
ATOM   689  C  CG    . TYR A 1 103 ? -8.492  -9.155  -8.733  1.00 22.28  ? 99  TYR A CG    1 
ATOM   690  C  CD1   . TYR A 1 103 ? -8.599  -8.982  -7.348  1.00 22.54  ? 99  TYR A CD1   1 
ATOM   691  C  CD2   . TYR A 1 103 ? -8.990  -10.336 -9.289  1.00 22.27  ? 99  TYR A CD2   1 
ATOM   692  C  CE1   . TYR A 1 103 ? -9.165  -9.966  -6.538  1.00 22.02  ? 99  TYR A CE1   1 
ATOM   693  C  CE2   . TYR A 1 103 ? -9.556  -11.327 -8.488  1.00 22.68  ? 99  TYR A CE2   1 
ATOM   694  C  CZ    . TYR A 1 103 ? -9.642  -11.130 -7.110  1.00 23.02  ? 99  TYR A CZ    1 
ATOM   695  O  OH    . TYR A 1 103 ? -10.199 -12.100 -6.304  1.00 23.48  ? 99  TYR A OH    1 
ATOM   696  N  N     . ASN A 1 104 ? -5.773  -9.818  -11.262 1.00 21.66  ? 100 ASN A N     1 
ATOM   697  C  CA    . ASN A 1 104 ? -5.236  -11.111 -11.721 1.00 21.64  ? 100 ASN A CA    1 
ATOM   698  C  C     . ASN A 1 104 ? -3.737  -11.342 -11.449 1.00 21.72  ? 100 ASN A C     1 
ATOM   699  O  O     . ASN A 1 104 ? -3.288  -12.488 -11.353 1.00 21.70  ? 100 ASN A O     1 
ATOM   700  C  CB    . ASN A 1 104 ? -5.561  -11.334 -13.204 1.00 21.58  ? 100 ASN A CB    1 
ATOM   701  C  CG    . ASN A 1 104 ? -7.013  -11.727 -13.436 1.00 21.53  ? 100 ASN A CG    1 
ATOM   702  O  OD1   . ASN A 1 104 ? -7.710  -12.157 -12.516 1.00 21.40  ? 100 ASN A OD1   1 
ATOM   703  N  ND2   . ASN A 1 104 ? -7.475  -11.587 -14.677 1.00 21.35  ? 100 ASN A ND2   1 
ATOM   704  N  N     . HIS A 1 105 ? -2.977  -10.255 -11.312 1.00 21.85  ? 101 HIS A N     1 
ATOM   705  C  CA    . HIS A 1 105 ? -1.544  -10.338 -11.023 1.00 21.75  ? 101 HIS A CA    1 
ATOM   706  C  C     . HIS A 1 105 ? -1.209  -10.390 -9.529  1.00 21.56  ? 101 HIS A C     1 
ATOM   707  O  O     . HIS A 1 105 ? -0.034  -10.390 -9.163  1.00 21.50  ? 101 HIS A O     1 
ATOM   708  C  CB    . HIS A 1 105 ? -0.787  -9.168  -11.671 1.00 22.04  ? 101 HIS A CB    1 
ATOM   709  C  CG    . HIS A 1 105 ? -0.766  -9.207  -13.169 1.00 22.52  ? 101 HIS A CG    1 
ATOM   710  N  ND1   . HIS A 1 105 ? -0.527  -10.362 -13.885 1.00 23.85  ? 101 HIS A ND1   1 
ATOM   711  C  CD2   . HIS A 1 105 ? -0.925  -8.224  -14.085 1.00 22.82  ? 101 HIS A CD2   1 
ATOM   712  C  CE1   . HIS A 1 105 ? -0.561  -10.089 -15.178 1.00 24.33  ? 101 HIS A CE1   1 
ATOM   713  N  NE2   . HIS A 1 105 ? -0.800  -8.799  -15.326 1.00 24.01  ? 101 HIS A NE2   1 
ATOM   714  N  N     . LEU A 1 106 ? -2.227  -10.438 -8.671  1.00 21.51  ? 102 LEU A N     1 
ATOM   715  C  CA    . LEU A 1 106 ? -2.010  -10.412 -7.219  1.00 21.15  ? 102 LEU A CA    1 
ATOM   716  C  C     . LEU A 1 106 ? -1.190  -11.581 -6.663  1.00 21.51  ? 102 LEU A C     1 
ATOM   717  O  O     . LEU A 1 106 ? -0.410  -11.396 -5.722  1.00 21.29  ? 102 LEU A O     1 
ATOM   718  C  CB    . LEU A 1 106 ? -3.336  -10.279 -6.460  1.00 21.07  ? 102 LEU A CB    1 
ATOM   719  C  CG    . LEU A 1 106 ? -4.032  -8.910  -6.477  1.00 20.40  ? 102 LEU A CG    1 
ATOM   720  C  CD1   . LEU A 1 106 ? -5.343  -8.994  -5.710  1.00 20.09  ? 102 LEU A CD1   1 
ATOM   721  C  CD2   . LEU A 1 106 ? -3.150  -7.780  -5.934  1.00 18.90  ? 102 LEU A CD2   1 
ATOM   722  N  N     . SER A 1 107 ? -1.355  -12.776 -7.228  1.00 21.73  ? 103 SER A N     1 
ATOM   723  C  CA    . SER A 1 107 ? -0.578  -13.923 -6.749  1.00 22.35  ? 103 SER A CA    1 
ATOM   724  C  C     . SER A 1 107 ? 0.925   -13.733 -6.994  1.00 22.27  ? 103 SER A C     1 
ATOM   725  O  O     . SER A 1 107 ? 1.741   -14.155 -6.166  1.00 22.20  ? 103 SER A O     1 
ATOM   726  C  CB    . SER A 1 107 ? -1.083  -15.252 -7.324  1.00 22.33  ? 103 SER A CB    1 
ATOM   727  O  OG    . SER A 1 107 ? -0.927  -15.301 -8.728  1.00 24.18  ? 103 SER A OG    1 
ATOM   728  N  N     . SER A 1 108 ? 1.276   -13.085 -8.109  1.00 22.37  ? 104 SER A N     1 
ATOM   729  C  CA    . SER A 1 108 ? 2.666   -12.711 -8.411  1.00 22.54  ? 104 SER A CA    1 
ATOM   730  C  C     . SER A 1 108 ? 3.227   -11.690 -7.421  1.00 22.63  ? 104 SER A C     1 
ATOM   731  O  O     . SER A 1 108 ? 4.368   -11.821 -6.978  1.00 22.30  ? 104 SER A O     1 
ATOM   732  C  CB    . SER A 1 108 ? 2.795   -12.177 -9.847  1.00 22.62  ? 104 SER A CB    1 
ATOM   733  N  N     . TRP A 1 109 ? 2.429   -10.674 -7.089  1.00 22.92  ? 105 TRP A N     1 
ATOM   734  C  CA    . TRP A 1 109 ? 2.851   -9.648  -6.128  1.00 23.35  ? 105 TRP A CA    1 
ATOM   735  C  C     . TRP A 1 109 ? 2.975   -10.209 -4.716  1.00 23.84  ? 105 TRP A C     1 
ATOM   736  O  O     . TRP A 1 109 ? 3.907   -9.861  -3.987  1.00 24.01  ? 105 TRP A O     1 
ATOM   737  C  CB    . TRP A 1 109 ? 1.921   -8.425  -6.156  1.00 22.90  ? 105 TRP A CB    1 
ATOM   738  C  CG    . TRP A 1 109 ? 2.011   -7.659  -7.433  1.00 22.32  ? 105 TRP A CG    1 
ATOM   739  C  CD1   . TRP A 1 109 ? 1.031   -7.512  -8.370  1.00 21.84  ? 105 TRP A CD1   1 
ATOM   740  C  CD2   . TRP A 1 109 ? 3.156   -6.953  -7.934  1.00 22.32  ? 105 TRP A CD2   1 
ATOM   741  N  NE1   . TRP A 1 109 ? 1.490   -6.754  -9.420  1.00 22.14  ? 105 TRP A NE1   1 
ATOM   742  C  CE2   . TRP A 1 109 ? 2.791   -6.398  -9.179  1.00 21.99  ? 105 TRP A CE2   1 
ATOM   743  C  CE3   . TRP A 1 109 ? 4.455   -6.733  -7.449  1.00 21.84  ? 105 TRP A CE3   1 
ATOM   744  C  CZ2   . TRP A 1 109 ? 3.677   -5.636  -9.949  1.00 22.35  ? 105 TRP A CZ2   1 
ATOM   745  C  CZ3   . TRP A 1 109 ? 5.335   -5.975  -8.214  1.00 22.11  ? 105 TRP A CZ3   1 
ATOM   746  C  CH2   . TRP A 1 109 ? 4.940   -5.436  -9.452  1.00 22.36  ? 105 TRP A CH2   1 
ATOM   747  N  N     . LEU A 1 110 ? 2.046   -11.087 -4.346  1.00 24.66  ? 106 LEU A N     1 
ATOM   748  C  CA    . LEU A 1 110 ? 2.077   -11.766 -3.046  1.00 25.57  ? 106 LEU A CA    1 
ATOM   749  C  C     . LEU A 1 110 ? 3.309   -12.666 -2.891  1.00 26.43  ? 106 LEU A C     1 
ATOM   750  O  O     . LEU A 1 110 ? 3.908   -12.721 -1.812  1.00 26.38  ? 106 LEU A O     1 
ATOM   751  C  CB    . LEU A 1 110 ? 0.784   -12.559 -2.817  1.00 25.45  ? 106 LEU A CB    1 
ATOM   752  C  CG    . LEU A 1 110 ? 0.481   -13.149 -1.432  1.00 25.66  ? 106 LEU A CG    1 
ATOM   753  C  CD1   . LEU A 1 110 ? 0.585   -12.099 -0.315  1.00 25.78  ? 106 LEU A CD1   1 
ATOM   754  C  CD2   . LEU A 1 110 ? -0.891  -13.807 -1.428  1.00 25.07  ? 106 LEU A CD2   1 
ATOM   755  N  N     . THR A 1 111 ? 3.681   -13.357 -3.972  1.00 27.49  ? 107 THR A N     1 
ATOM   756  C  CA    . THR A 1 111 ? 4.894   -14.184 -4.003  1.00 28.38  ? 107 THR A CA    1 
ATOM   757  C  C     . THR A 1 111 ? 6.147   -13.338 -3.765  1.00 29.38  ? 107 THR A C     1 
ATOM   758  O  O     . THR A 1 111 ? 6.940   -13.660 -2.881  1.00 29.59  ? 107 THR A O     1 
ATOM   759  C  CB    . THR A 1 111 ? 5.016   -14.979 -5.325  1.00 28.34  ? 107 THR A CB    1 
ATOM   760  O  OG1   . THR A 1 111 ? 4.000   -15.991 -5.371  1.00 28.24  ? 107 THR A OG1   1 
ATOM   761  C  CG2   . THR A 1 111 ? 6.388   -15.645 -5.446  1.00 28.03  ? 107 THR A CG2   1 
ATOM   762  N  N     . ASP A 1 112 ? 6.316   -12.262 -4.539  1.00 30.50  ? 108 ASP A N     1 
ATOM   763  C  CA    . ASP A 1 112 ? 7.416   -11.311 -4.331  1.00 31.63  ? 108 ASP A CA    1 
ATOM   764  C  C     . ASP A 1 112 ? 7.453   -10.817 -2.893  1.00 32.11  ? 108 ASP A C     1 
ATOM   765  O  O     . ASP A 1 112 ? 8.487   -10.897 -2.226  1.00 32.47  ? 108 ASP A O     1 
ATOM   766  C  CB    . ASP A 1 112 ? 7.299   -10.107 -5.270  1.00 31.81  ? 108 ASP A CB    1 
ATOM   767  C  CG    . ASP A 1 112 ? 7.477   -10.477 -6.721  1.00 33.34  ? 108 ASP A CG    1 
ATOM   768  O  OD1   . ASP A 1 112 ? 7.962   -11.595 -7.001  1.00 35.34  ? 108 ASP A OD1   1 
ATOM   769  O  OD2   . ASP A 1 112 ? 7.133   -9.648  -7.591  1.00 34.98  ? 108 ASP A OD2   1 
ATOM   770  N  N     . ALA A 1 113 ? 6.313   -10.316 -2.420  1.00 32.70  ? 109 ALA A N     1 
ATOM   771  C  CA    . ALA A 1 113 ? 6.192   -9.812  -1.060  1.00 33.15  ? 109 ALA A CA    1 
ATOM   772  C  C     . ALA A 1 113 ? 6.790   -10.805 -0.068  1.00 33.56  ? 109 ALA A C     1 
ATOM   773  O  O     . ALA A 1 113 ? 7.805   -10.512 0.568   1.00 33.99  ? 109 ALA A O     1 
ATOM   774  C  CB    . ALA A 1 113 ? 4.733   -9.512  -0.723  1.00 33.16  ? 109 ALA A CB    1 
ATOM   775  N  N     . ARG A 1 114 ? 6.174   -11.981 0.041   1.00 33.66  ? 110 ARG A N     1 
ATOM   776  C  CA    . ARG A 1 114 ? 6.595   -13.005 1.003   1.00 33.64  ? 110 ARG A CA    1 
ATOM   777  C  C     . ARG A 1 114 ? 8.039   -13.464 0.802   1.00 33.30  ? 110 ARG A C     1 
ATOM   778  O  O     . ARG A 1 114 ? 8.804   -13.516 1.761   1.00 33.53  ? 110 ARG A O     1 
ATOM   779  C  CB    . ARG A 1 114 ? 5.625   -14.193 0.981   1.00 33.83  ? 110 ARG A CB    1 
ATOM   780  C  CG    . ARG A 1 114 ? 4.245   -13.867 1.556   1.00 34.57  ? 110 ARG A CG    1 
ATOM   781  C  CD    . ARG A 1 114 ? 4.170   -14.207 3.033   1.00 35.89  ? 110 ARG A CD    1 
ATOM   782  N  NE    . ARG A 1 114 ? 3.343   -13.272 3.796   1.00 37.51  ? 110 ARG A NE    1 
ATOM   783  C  CZ    . ARG A 1 114 ? 2.028   -13.380 3.984   1.00 38.32  ? 110 ARG A CZ    1 
ATOM   784  N  NH1   . ARG A 1 114 ? 1.341   -14.386 3.449   1.00 38.79  ? 110 ARG A NH1   1 
ATOM   785  N  NH2   . ARG A 1 114 ? 1.395   -12.468 4.712   1.00 39.14  ? 110 ARG A NH2   1 
ATOM   786  N  N     . ASN A 1 115 ? 8.401   -13.766 -0.446  1.00 32.84  ? 111 ASN A N     1 
ATOM   787  C  CA    . ASN A 1 115 ? 9.761   -14.194 -0.829  1.00 32.33  ? 111 ASN A CA    1 
ATOM   788  C  C     . ASN A 1 115 ? 10.874  -13.201 -0.461  1.00 31.66  ? 111 ASN A C     1 
ATOM   789  O  O     . ASN A 1 115 ? 12.002  -13.608 -0.179  1.00 31.66  ? 111 ASN A O     1 
ATOM   790  C  CB    . ASN A 1 115 ? 9.808   -14.480 -2.342  1.00 32.57  ? 111 ASN A CB    1 
ATOM   791  C  CG    . ASN A 1 115 ? 11.167  -14.982 -2.822  1.00 33.54  ? 111 ASN A CG    1 
ATOM   792  O  OD1   . ASN A 1 115 ? 11.629  -16.056 -2.428  1.00 34.59  ? 111 ASN A OD1   1 
ATOM   793  N  ND2   . ASN A 1 115 ? 11.802  -14.209 -3.699  1.00 34.31  ? 111 ASN A ND2   1 
ATOM   794  N  N     . LEU A 1 116 ? 10.560  -11.906 -0.456  1.00 30.55  ? 112 LEU A N     1 
ATOM   795  C  CA    . LEU A 1 116 ? 11.606  -10.887 -0.355  1.00 29.56  ? 112 LEU A CA    1 
ATOM   796  C  C     . LEU A 1 116 ? 11.593  -10.025 0.910   1.00 28.74  ? 112 LEU A C     1 
ATOM   797  O  O     . LEU A 1 116 ? 12.445  -9.144  1.067   1.00 28.45  ? 112 LEU A O     1 
ATOM   798  C  CB    . LEU A 1 116 ? 11.619  -10.006 -1.614  1.00 29.65  ? 112 LEU A CB    1 
ATOM   799  C  CG    . LEU A 1 116 ? 12.043  -10.655 -2.938  1.00 30.16  ? 112 LEU A CG    1 
ATOM   800  C  CD1   . LEU A 1 116 ? 11.637  -9.786  -4.117  1.00 30.03  ? 112 LEU A CD1   1 
ATOM   801  C  CD2   . LEU A 1 116 ? 13.548  -10.941 -2.970  1.00 30.83  ? 112 LEU A CD2   1 
ATOM   802  N  N     . THR A 1 117 ? 10.645  -10.270 1.811   1.00 27.77  ? 113 THR A N     1 
ATOM   803  C  CA    . THR A 1 117 ? 10.598  -9.518  3.066   1.00 27.09  ? 113 THR A CA    1 
ATOM   804  C  C     . THR A 1 117 ? 11.093  -10.384 4.230   1.00 26.77  ? 113 THR A C     1 
ATOM   805  O  O     . THR A 1 117 ? 12.085  -11.102 4.083   1.00 26.53  ? 113 THR A O     1 
ATOM   806  C  CB    . THR A 1 117 ? 9.193   -8.901  3.336   1.00 27.13  ? 113 THR A CB    1 
ATOM   807  O  OG1   . THR A 1 117 ? 8.212   -9.941  3.435   1.00 27.24  ? 113 THR A OG1   1 
ATOM   808  C  CG2   . THR A 1 117 ? 8.797   -7.925  2.225   1.00 26.39  ? 113 THR A CG2   1 
ATOM   809  N  N     . ASN A 1 118 ? 10.423  -10.304 5.379   1.00 26.27  ? 114 ASN A N     1 
ATOM   810  C  CA    . ASN A 1 118 ? 10.723  -11.173 6.519   1.00 25.96  ? 114 ASN A CA    1 
ATOM   811  C  C     . ASN A 1 118 ? 9.443   -11.824 7.076   1.00 26.06  ? 114 ASN A C     1 
ATOM   812  O  O     . ASN A 1 118 ? 8.342   -11.386 6.741   1.00 26.00  ? 114 ASN A O     1 
ATOM   813  C  CB    . ASN A 1 118 ? 11.498  -10.406 7.599   1.00 25.82  ? 114 ASN A CB    1 
ATOM   814  C  CG    . ASN A 1 118 ? 10.663  -9.340  8.272   1.00 25.30  ? 114 ASN A CG    1 
ATOM   815  O  OD1   . ASN A 1 118 ? 9.768   -9.641  9.058   1.00 25.03  ? 114 ASN A OD1   1 
ATOM   816  N  ND2   . ASN A 1 118 ? 10.965  -8.083  7.980   1.00 24.62  ? 114 ASN A ND2   1 
ATOM   817  N  N     . PRO A 1 119 ? 9.578   -12.870 7.922   1.00 26.03  ? 115 PRO A N     1 
ATOM   818  C  CA    . PRO A 1 119 ? 8.388   -13.606 8.369   1.00 25.93  ? 115 PRO A CA    1 
ATOM   819  C  C     . PRO A 1 119 ? 7.358   -12.796 9.178   1.00 25.81  ? 115 PRO A C     1 
ATOM   820  O  O     . PRO A 1 119 ? 6.207   -13.217 9.274   1.00 25.75  ? 115 PRO A O     1 
ATOM   821  C  CB    . PRO A 1 119 ? 8.976   -14.743 9.218   1.00 26.02  ? 115 PRO A CB    1 
ATOM   822  C  CG    . PRO A 1 119 ? 10.405  -14.863 8.766   1.00 25.90  ? 115 PRO A CG    1 
ATOM   823  C  CD    . PRO A 1 119 ? 10.811  -13.453 8.485   1.00 26.09  ? 115 PRO A CD    1 
ATOM   824  N  N     . ASN A 1 120 ? 7.756   -11.650 9.733   1.00 25.50  ? 116 ASN A N     1 
ATOM   825  C  CA    . ASN A 1 120 ? 6.816   -10.779 10.456  1.00 25.28  ? 116 ASN A CA    1 
ATOM   826  C  C     . ASN A 1 120 ? 5.982   -9.840  9.575   1.00 24.86  ? 116 ASN A C     1 
ATOM   827  O  O     . ASN A 1 120 ? 4.923   -9.379  9.996   1.00 25.08  ? 116 ASN A O     1 
ATOM   828  C  CB    . ASN A 1 120 ? 7.538   -9.949  11.528  1.00 25.43  ? 116 ASN A CB    1 
ATOM   829  C  CG    . ASN A 1 120 ? 7.595   -10.641 12.887  1.00 26.03  ? 116 ASN A CG    1 
ATOM   830  O  OD1   . ASN A 1 120 ? 6.907   -11.633 13.141  1.00 26.44  ? 116 ASN A OD1   1 
ATOM   831  N  ND2   . ASN A 1 120 ? 8.422   -10.106 13.771  1.00 26.68  ? 116 ASN A ND2   1 
ATOM   832  N  N     . THR A 1 121 ? 6.461   -9.560  8.364   1.00 24.15  ? 117 THR A N     1 
ATOM   833  C  CA    . THR A 1 121 ? 5.851   -8.548  7.496   1.00 23.63  ? 117 THR A CA    1 
ATOM   834  C  C     . THR A 1 121 ? 4.330   -8.692  7.406   1.00 23.40  ? 117 THR A C     1 
ATOM   835  O  O     . THR A 1 121 ? 3.819   -9.747  7.023   1.00 23.37  ? 117 THR A O     1 
ATOM   836  C  CB    . THR A 1 121 ? 6.470   -8.569  6.084   1.00 23.56  ? 117 THR A CB    1 
ATOM   837  O  OG1   . THR A 1 121 ? 7.897   -8.536  6.194   1.00 23.52  ? 117 THR A OG1   1 
ATOM   838  C  CG2   . THR A 1 121 ? 6.006   -7.373  5.268   1.00 23.44  ? 117 THR A CG2   1 
ATOM   839  N  N     . VAL A 1 122 ? 3.627   -7.624  7.778   1.00 22.94  ? 118 VAL A N     1 
ATOM   840  C  CA    . VAL A 1 122 ? 2.166   -7.582  7.764   1.00 22.53  ? 118 VAL A CA    1 
ATOM   841  C  C     . VAL A 1 122 ? 1.685   -7.032  6.419   1.00 22.33  ? 118 VAL A C     1 
ATOM   842  O  O     . VAL A 1 122 ? 2.063   -5.932  6.017   1.00 22.10  ? 118 VAL A O     1 
ATOM   843  C  CB    . VAL A 1 122 ? 1.616   -6.716  8.936   1.00 22.69  ? 118 VAL A CB    1 
ATOM   844  C  CG1   . VAL A 1 122 ? 0.121   -6.463  8.781   1.00 22.66  ? 118 VAL A CG1   1 
ATOM   845  C  CG2   . VAL A 1 122 ? 1.917   -7.366  10.291  1.00 22.36  ? 118 VAL A CG2   1 
ATOM   846  N  N     . ILE A 1 123 ? 0.845   -7.798  5.730   1.00 22.20  ? 119 ILE A N     1 
ATOM   847  C  CA    . ILE A 1 123 ? 0.418   -7.434  4.377   1.00 22.02  ? 119 ILE A CA    1 
ATOM   848  C  C     . ILE A 1 123 ? -1.062  -7.053  4.338   1.00 22.02  ? 119 ILE A C     1 
ATOM   849  O  O     . ILE A 1 123 ? -1.912  -7.793  4.840   1.00 22.32  ? 119 ILE A O     1 
ATOM   850  C  CB    . ILE A 1 123 ? 0.750   -8.560  3.342   1.00 21.98  ? 119 ILE A CB    1 
ATOM   851  C  CG1   . ILE A 1 123 ? 2.255   -8.855  3.340   1.00 21.55  ? 119 ILE A CG1   1 
ATOM   852  C  CG2   . ILE A 1 123 ? 0.278   -8.178  1.930   1.00 21.32  ? 119 ILE A CG2   1 
ATOM   853  C  CD1   . ILE A 1 123 ? 2.659   -10.092 2.554   1.00 22.02  ? 119 ILE A CD1   1 
ATOM   854  N  N     . ILE A 1 124 ? -1.355  -5.892  3.753   1.00 21.79  ? 120 ILE A N     1 
ATOM   855  C  CA    . ILE A 1 124 ? -2.737  -5.441  3.546   1.00 21.63  ? 120 ILE A CA    1 
ATOM   856  C  C     . ILE A 1 124 ? -3.080  -5.247  2.060   1.00 21.43  ? 120 ILE A C     1 
ATOM   857  O  O     . ILE A 1 124 ? -2.326  -4.631  1.306   1.00 21.44  ? 120 ILE A O     1 
ATOM   858  C  CB    . ILE A 1 124 ? -3.070  -4.161  4.369   1.00 21.53  ? 120 ILE A CB    1 
ATOM   859  C  CG1   . ILE A 1 124 ? -4.526  -3.722  4.146   1.00 21.96  ? 120 ILE A CG1   1 
ATOM   860  C  CG2   . ILE A 1 124 ? -2.111  -3.033  4.038   1.00 21.98  ? 120 ILE A CG2   1 
ATOM   861  C  CD1   . ILE A 1 124 ? -5.021  -2.641  5.103   1.00 21.55  ? 120 ILE A CD1   1 
ATOM   862  N  N     . LEU A 1 125 ? -4.220  -5.795  1.655   1.00 21.21  ? 121 LEU A N     1 
ATOM   863  C  CA    . LEU A 1 125 ? -4.721  -5.646  0.296   1.00 21.03  ? 121 LEU A CA    1 
ATOM   864  C  C     . LEU A 1 125 ? -5.568  -4.382  0.172   1.00 20.99  ? 121 LEU A C     1 
ATOM   865  O  O     . LEU A 1 125 ? -6.525  -4.188  0.926   1.00 21.29  ? 121 LEU A O     1 
ATOM   866  C  CB    . LEU A 1 125 ? -5.544  -6.882  -0.098  1.00 20.87  ? 121 LEU A CB    1 
ATOM   867  C  CG    . LEU A 1 125 ? -6.172  -6.951  -1.495  1.00 21.00  ? 121 LEU A CG    1 
ATOM   868  C  CD1   . LEU A 1 125 ? -5.102  -7.075  -2.580  1.00 21.73  ? 121 LEU A CD1   1 
ATOM   869  C  CD2   . LEU A 1 125 ? -7.150  -8.107  -1.580  1.00 20.83  ? 121 LEU A CD2   1 
ATOM   870  N  N     . ILE A 1 126 ? -5.213  -3.527  -0.780  1.00 20.85  ? 122 ILE A N     1 
ATOM   871  C  CA    . ILE A 1 126 ? -5.986  -2.325  -1.064  1.00 20.63  ? 122 ILE A CA    1 
ATOM   872  C  C     . ILE A 1 126 ? -6.540  -2.364  -2.492  1.00 20.57  ? 122 ILE A C     1 
ATOM   873  O  O     . ILE A 1 126 ? -5.788  -2.516  -3.462  1.00 20.11  ? 122 ILE A O     1 
ATOM   874  C  CB    . ILE A 1 126 ? -5.148  -1.016  -0.866  1.00 20.71  ? 122 ILE A CB    1 
ATOM   875  C  CG1   . ILE A 1 126 ? -4.434  -0.979  0.501   1.00 20.75  ? 122 ILE A CG1   1 
ATOM   876  C  CG2   . ILE A 1 126 ? -6.006  0.234   -1.110  1.00 20.48  ? 122 ILE A CG2   1 
ATOM   877  C  CD1   . ILE A 1 126 ? -5.360  -0.995  1.730   1.00 22.03  ? 122 ILE A CD1   1 
ATOM   878  N  N     . GLY A 1 127 ? -7.861  -2.249  -2.602  1.00 20.47  ? 123 GLY A N     1 
ATOM   879  C  CA    . GLY A 1 127 ? -8.516  -1.996  -3.881  1.00 20.69  ? 123 GLY A CA    1 
ATOM   880  C  C     . GLY A 1 127 ? -8.730  -0.501  -4.011  1.00 20.77  ? 123 GLY A C     1 
ATOM   881  O  O     . GLY A 1 127 ? -9.553  0.078   -3.296  1.00 20.86  ? 123 GLY A O     1 
ATOM   882  N  N     . ASN A 1 128 ? -7.971  0.124   -4.908  1.00 20.72  ? 124 ASN A N     1 
ATOM   883  C  CA    . ASN A 1 128 ? -7.992  1.570   -5.081  1.00 20.71  ? 124 ASN A CA    1 
ATOM   884  C  C     . ASN A 1 128 ? -8.946  2.031   -6.190  1.00 20.90  ? 124 ASN A C     1 
ATOM   885  O  O     . ASN A 1 128 ? -9.456  1.215   -6.962  1.00 20.93  ? 124 ASN A O     1 
ATOM   886  C  CB    . ASN A 1 128 ? -6.571  2.088   -5.336  1.00 20.78  ? 124 ASN A CB    1 
ATOM   887  C  CG    . ASN A 1 128 ? -6.458  3.594   -5.160  1.00 20.78  ? 124 ASN A CG    1 
ATOM   888  O  OD1   . ASN A 1 128 ? -7.004  4.163   -4.211  1.00 20.62  ? 124 ASN A OD1   1 
ATOM   889  N  ND2   . ASN A 1 128 ? -5.752  4.247   -6.081  1.00 19.42  ? 124 ASN A ND2   1 
ATOM   890  N  N     . LYS A 1 129 ? -9.175  3.345   -6.255  1.00 21.12  ? 125 LYS A N     1 
ATOM   891  C  CA    . LYS A 1 129 ? -10.113 3.976   -7.200  1.00 21.32  ? 125 LYS A CA    1 
ATOM   892  C  C     . LYS A 1 129 ? -11.573 3.573   -6.947  1.00 21.45  ? 125 LYS A C     1 
ATOM   893  O  O     . LYS A 1 129 ? -12.351 3.398   -7.888  1.00 21.38  ? 125 LYS A O     1 
ATOM   894  C  CB    . LYS A 1 129 ? -9.701  3.736   -8.671  1.00 21.49  ? 125 LYS A CB    1 
ATOM   895  C  CG    . LYS A 1 129 ? -8.232  4.054   -8.979  1.00 21.23  ? 125 LYS A CG    1 
ATOM   896  C  CD    . LYS A 1 129 ? -7.937  4.079   -10.478 1.00 21.54  ? 125 LYS A CD    1 
ATOM   897  C  CE    . LYS A 1 129 ? -6.432  4.196   -10.741 1.00 21.07  ? 125 LYS A CE    1 
ATOM   898  N  NZ    . LYS A 1 129 ? -6.127  4.582   -12.143 1.00 21.37  ? 125 LYS A NZ    1 
ATOM   899  N  N     . ALA A 1 130 ? -11.940 3.454   -5.667  1.00 21.64  ? 126 ALA A N     1 
ATOM   900  C  CA    . ALA A 1 130 ? -13.323 3.144   -5.257  1.00 21.99  ? 126 ALA A CA    1 
ATOM   901  C  C     . ALA A 1 130 ? -14.318 4.246   -5.618  1.00 22.38  ? 126 ALA A C     1 
ATOM   902  O  O     . ALA A 1 130 ? -15.526 4.014   -5.643  1.00 22.60  ? 126 ALA A O     1 
ATOM   903  C  CB    . ALA A 1 130 ? -13.391 2.834   -3.755  1.00 21.87  ? 126 ALA A CB    1 
ATOM   904  N  N     . ASP A 1 131 ? -13.807 5.439   -5.907  1.00 22.77  ? 127 ASP A N     1 
ATOM   905  C  CA    . ASP A 1 131 ? -14.641 6.575   -6.316  1.00 23.15  ? 127 ASP A CA    1 
ATOM   906  C  C     . ASP A 1 131 ? -15.272 6.381   -7.700  1.00 23.56  ? 127 ASP A C     1 
ATOM   907  O  O     . ASP A 1 131 ? -16.318 6.963   -8.001  1.00 23.29  ? 127 ASP A O     1 
ATOM   908  C  CB    . ASP A 1 131 ? -13.835 7.886   -6.273  1.00 22.92  ? 127 ASP A CB    1 
ATOM   909  C  CG    . ASP A 1 131 ? -12.570 7.832   -7.122  1.00 22.99  ? 127 ASP A CG    1 
ATOM   910  O  OD1   . ASP A 1 131 ? -12.500 8.573   -8.126  1.00 23.00  ? 127 ASP A OD1   1 
ATOM   911  O  OD2   . ASP A 1 131 ? -11.646 7.053   -6.787  1.00 22.28  ? 127 ASP A OD2   1 
ATOM   912  N  N     . LEU A 1 132 ? -14.634 5.559   -8.532  1.00 24.07  ? 128 LEU A N     1 
ATOM   913  C  CA    . LEU A 1 132 ? -15.113 5.300   -9.889  1.00 24.71  ? 128 LEU A CA    1 
ATOM   914  C  C     . LEU A 1 132 ? -16.105 4.135   -9.904  1.00 25.21  ? 128 LEU A C     1 
ATOM   915  O  O     . LEU A 1 132 ? -15.876 3.112   -10.560 1.00 25.23  ? 128 LEU A O     1 
ATOM   916  C  CB    . LEU A 1 132 ? -13.936 5.029   -10.836 1.00 24.78  ? 128 LEU A CB    1 
ATOM   917  C  CG    . LEU A 1 132 ? -12.789 6.045   -10.897 1.00 24.94  ? 128 LEU A CG    1 
ATOM   918  C  CD1   . LEU A 1 132 ? -11.628 5.476   -11.706 1.00 24.21  ? 128 LEU A CD1   1 
ATOM   919  C  CD2   . LEU A 1 132 ? -13.257 7.389   -11.468 1.00 24.60  ? 128 LEU A CD2   1 
ATOM   920  N  N     . GLU A 1 133 ? -17.210 4.320   -9.181  1.00 25.82  ? 129 GLU A N     1 
ATOM   921  C  CA    . GLU A 1 133 ? -18.239 3.294   -8.974  1.00 26.73  ? 129 GLU A CA    1 
ATOM   922  C  C     . GLU A 1 133 ? -18.801 2.698   -10.265 1.00 26.38  ? 129 GLU A C     1 
ATOM   923  O  O     . GLU A 1 133 ? -18.919 1.475   -10.391 1.00 26.51  ? 129 GLU A O     1 
ATOM   924  C  CB    . GLU A 1 133 ? -19.390 3.859   -8.129  1.00 26.60  ? 129 GLU A CB    1 
ATOM   925  C  CG    . GLU A 1 133 ? -19.012 4.194   -6.693  1.00 27.91  ? 129 GLU A CG    1 
ATOM   926  C  CD    . GLU A 1 133 ? -20.110 4.937   -5.947  1.00 28.63  ? 129 GLU A CD    1 
ATOM   927  O  OE1   . GLU A 1 133 ? -21.304 4.700   -6.240  1.00 31.79  ? 129 GLU A OE1   1 
ATOM   928  O  OE2   . GLU A 1 133 ? -19.777 5.756   -5.061  1.00 31.25  ? 129 GLU A OE2   1 
ATOM   929  N  N     . ALA A 1 134 ? -19.142 3.566   -11.214 1.00 26.22  ? 130 ALA A N     1 
ATOM   930  C  CA    . ALA A 1 134 ? -19.760 3.144   -12.467 1.00 26.29  ? 130 ALA A CA    1 
ATOM   931  C  C     . ALA A 1 134 ? -18.859 2.220   -13.293 1.00 26.07  ? 130 ALA A C     1 
ATOM   932  O  O     . ALA A 1 134 ? -19.346 1.461   -14.129 1.00 26.17  ? 130 ALA A O     1 
ATOM   933  C  CB    . ALA A 1 134 ? -20.185 4.363   -13.288 1.00 26.45  ? 130 ALA A CB    1 
ATOM   934  N  N     . GLN A 1 135 ? -17.554 2.273   -13.031 1.00 25.69  ? 131 GLN A N     1 
ATOM   935  C  CA    . GLN A 1 135 ? -16.568 1.528   -13.810 1.00 25.61  ? 131 GLN A CA    1 
ATOM   936  C  C     . GLN A 1 135 ? -15.968 0.321   -13.083 1.00 25.00  ? 131 GLN A C     1 
ATOM   937  O  O     . GLN A 1 135 ? -14.985 -0.269  -13.554 1.00 24.95  ? 131 GLN A O     1 
ATOM   938  C  CB    . GLN A 1 135 ? -15.464 2.473   -14.288 1.00 25.85  ? 131 GLN A CB    1 
ATOM   939  C  CG    . GLN A 1 135 ? -15.913 3.390   -15.413 1.00 27.65  ? 131 GLN A CG    1 
ATOM   940  C  CD    . GLN A 1 135 ? -14.968 4.546   -15.644 1.00 29.69  ? 131 GLN A CD    1 
ATOM   941  O  OE1   . GLN A 1 135 ? -14.448 5.137   -14.698 1.00 30.63  ? 131 GLN A OE1   1 
ATOM   942  N  NE2   . GLN A 1 135 ? -14.750 4.888   -16.913 1.00 29.79  ? 131 GLN A NE2   1 
ATOM   943  N  N     . ARG A 1 136 ? -16.568 -0.044  -11.948 1.00 24.19  ? 132 ARG A N     1 
ATOM   944  C  CA    . ARG A 1 136 ? -16.161 -1.224  -11.179 1.00 23.63  ? 132 ARG A CA    1 
ATOM   945  C  C     . ARG A 1 136 ? -16.059 -2.473  -12.059 1.00 23.59  ? 132 ARG A C     1 
ATOM   946  O  O     . ARG A 1 136 ? -16.997 -2.805  -12.784 1.00 23.56  ? 132 ARG A O     1 
ATOM   947  C  CB    . ARG A 1 136 ? -17.139 -1.478  -10.028 1.00 23.41  ? 132 ARG A CB    1 
ATOM   948  C  CG    . ARG A 1 136 ? -16.860 -2.740  -9.246  1.00 22.93  ? 132 ARG A CG    1 
ATOM   949  C  CD    . ARG A 1 136 ? -17.870 -2.955  -8.123  1.00 23.26  ? 132 ARG A CD    1 
ATOM   950  N  NE    . ARG A 1 136 ? -17.647 -2.053  -6.992  1.00 22.15  ? 132 ARG A NE    1 
ATOM   951  C  CZ    . ARG A 1 136 ? -16.763 -2.261  -6.016  1.00 22.04  ? 132 ARG A CZ    1 
ATOM   952  N  NH1   . ARG A 1 136 ? -15.995 -3.347  -6.013  1.00 21.05  ? 132 ARG A NH1   1 
ATOM   953  N  NH2   . ARG A 1 136 ? -16.641 -1.372  -5.032  1.00 21.26  ? 132 ARG A NH2   1 
ATOM   954  N  N     . ASP A 1 137 ? -14.917 -3.155  -11.978 1.00 23.42  ? 133 ASP A N     1 
ATOM   955  C  CA    . ASP A 1 137 ? -14.651 -4.351  -12.783 1.00 23.26  ? 133 ASP A CA    1 
ATOM   956  C  C     . ASP A 1 137 ? -14.425 -5.571  -11.889 1.00 23.25  ? 133 ASP A C     1 
ATOM   957  O  O     . ASP A 1 137 ? -14.493 -6.708  -12.354 1.00 23.41  ? 133 ASP A O     1 
ATOM   958  C  CB    . ASP A 1 137 ? -13.433 -4.101  -13.682 1.00 23.19  ? 133 ASP A CB    1 
ATOM   959  C  CG    . ASP A 1 137 ? -13.288 -5.126  -14.809 1.00 23.06  ? 133 ASP A CG    1 
ATOM   960  O  OD1   . ASP A 1 137 ? -14.297 -5.697  -15.279 1.00 21.21  ? 133 ASP A OD1   1 
ATOM   961  O  OD2   . ASP A 1 137 ? -12.135 -5.344  -15.238 1.00 22.96  ? 133 ASP A OD2   1 
ATOM   962  N  N     . VAL A 1 138 ? -14.153 -5.321  -10.608 1.00 23.46  ? 134 VAL A N     1 
ATOM   963  C  CA    . VAL A 1 138 ? -13.895 -6.368  -9.614  1.00 23.49  ? 134 VAL A CA    1 
ATOM   964  C  C     . VAL A 1 138 ? -14.828 -6.163  -8.411  1.00 23.63  ? 134 VAL A C     1 
ATOM   965  O  O     . VAL A 1 138 ? -14.955 -5.045  -7.906  1.00 23.50  ? 134 VAL A O     1 
ATOM   966  C  CB    . VAL A 1 138 ? -12.414 -6.348  -9.130  1.00 23.60  ? 134 VAL A CB    1 
ATOM   967  C  CG1   . VAL A 1 138 ? -12.134 -7.483  -8.136  1.00 23.43  ? 134 VAL A CG1   1 
ATOM   968  C  CG2   . VAL A 1 138 ? -11.437 -6.433  -10.309 1.00 24.01  ? 134 VAL A CG2   1 
ATOM   969  N  N     . THR A 1 139 ? -15.469 -7.238  -7.954  1.00 23.79  ? 135 THR A N     1 
ATOM   970  C  CA    . THR A 1 139 ? -16.377 -7.165  -6.800  1.00 24.08  ? 135 THR A CA    1 
ATOM   971  C  C     . THR A 1 139 ? -15.629 -7.118  -5.467  1.00 24.39  ? 135 THR A C     1 
ATOM   972  O  O     . THR A 1 139 ? -14.522 -7.655  -5.343  1.00 23.99  ? 135 THR A O     1 
ATOM   973  C  CB    . THR A 1 139 ? -17.395 -8.347  -6.749  1.00 24.00  ? 135 THR A CB    1 
ATOM   974  O  OG1   . THR A 1 139 ? -16.740 -9.540  -6.303  1.00 23.70  ? 135 THR A OG1   1 
ATOM   975  C  CG2   . THR A 1 139 ? -18.059 -8.581  -8.104  1.00 23.57  ? 135 THR A CG2   1 
ATOM   976  N  N     . TYR A 1 140 ? -16.249 -6.476  -4.478  1.00 24.68  ? 136 TYR A N     1 
ATOM   977  C  CA    . TYR A 1 140 ? -15.748 -6.476  -3.105  1.00 25.09  ? 136 TYR A CA    1 
ATOM   978  C  C     . TYR A 1 140 ? -15.624 -7.917  -2.606  1.00 25.28  ? 136 TYR A C     1 
ATOM   979  O  O     . TYR A 1 140 ? -14.628 -8.285  -1.977  1.00 25.10  ? 136 TYR A O     1 
ATOM   980  C  CB    . TYR A 1 140 ? -16.688 -5.674  -2.185  1.00 25.48  ? 136 TYR A CB    1 
ATOM   981  C  CG    . TYR A 1 140 ? -16.279 -5.686  -0.723  1.00 25.77  ? 136 TYR A CG    1 
ATOM   982  C  CD1   . TYR A 1 140 ? -15.479 -4.677  -0.198  1.00 26.02  ? 136 TYR A CD1   1 
ATOM   983  C  CD2   . TYR A 1 140 ? -16.684 -6.715  0.130   1.00 26.39  ? 136 TYR A CD2   1 
ATOM   984  C  CE1   . TYR A 1 140 ? -15.092 -4.685  1.140   1.00 26.30  ? 136 TYR A CE1   1 
ATOM   985  C  CE2   . TYR A 1 140 ? -16.298 -6.735  1.473   1.00 26.83  ? 136 TYR A CE2   1 
ATOM   986  C  CZ    . TYR A 1 140 ? -15.503 -5.714  1.965   1.00 26.29  ? 136 TYR A CZ    1 
ATOM   987  O  OH    . TYR A 1 140 ? -15.117 -5.722  3.283   1.00 26.89  ? 136 TYR A OH    1 
ATOM   988  N  N     . GLU A 1 141 ? -16.644 -8.719  -2.917  1.00 25.46  ? 137 GLU A N     1 
ATOM   989  C  CA    . GLU A 1 141 ? -16.768 -10.091 -2.433  1.00 25.83  ? 137 GLU A CA    1 
ATOM   990  C  C     . GLU A 1 141 ? -15.624 -11.027 -2.840  1.00 25.55  ? 137 GLU A C     1 
ATOM   991  O  O     . GLU A 1 141 ? -15.087 -11.750 -1.991  1.00 25.53  ? 137 GLU A O     1 
ATOM   992  C  CB    . GLU A 1 141 ? -18.118 -10.685 -2.861  1.00 26.19  ? 137 GLU A CB    1 
ATOM   993  C  CG    . GLU A 1 141 ? -19.324 -10.144 -2.077  1.00 28.05  ? 137 GLU A CG    1 
ATOM   994  C  CD    . GLU A 1 141 ? -19.799 -8.760  -2.531  1.00 30.24  ? 137 GLU A CD    1 
ATOM   995  O  OE1   . GLU A 1 141 ? -19.205 -8.162  -3.458  1.00 30.53  ? 137 GLU A OE1   1 
ATOM   996  O  OE2   . GLU A 1 141 ? -20.791 -8.268  -1.952  1.00 32.13  ? 137 GLU A OE2   1 
ATOM   997  N  N     . GLU A 1 142 ? -15.252 -11.022 -4.121  1.00 25.06  ? 138 GLU A N     1 
ATOM   998  C  CA    . GLU A 1 142 ? -14.181 -11.913 -4.595  1.00 24.57  ? 138 GLU A CA    1 
ATOM   999  C  C     . GLU A 1 142 ? -12.816 -11.543 -4.008  1.00 24.65  ? 138 GLU A C     1 
ATOM   1000 O  O     . GLU A 1 142 ? -12.026 -12.422 -3.648  1.00 24.79  ? 138 GLU A O     1 
ATOM   1001 C  CB    . GLU A 1 142 ? -14.131 -11.988 -6.128  1.00 24.64  ? 138 GLU A CB    1 
ATOM   1002 C  CG    . GLU A 1 142 ? -13.880 -10.657 -6.844  1.00 24.11  ? 138 GLU A CG    1 
ATOM   1003 C  CD    . GLU A 1 142 ? -13.964 -10.783 -8.352  1.00 24.09  ? 138 GLU A CD    1 
ATOM   1004 O  OE1   . GLU A 1 142 ? -14.518 -9.869  -8.997  1.00 23.22  ? 138 GLU A OE1   1 
ATOM   1005 O  OE2   . GLU A 1 142 ? -13.484 -11.803 -8.889  1.00 22.27  ? 138 GLU A OE2   1 
ATOM   1006 N  N     . ALA A 1 143 ? -12.558 -10.240 -3.899  1.00 24.53  ? 139 ALA A N     1 
ATOM   1007 C  CA    . ALA A 1 143 ? -11.320 -9.741  -3.307  1.00 24.62  ? 139 ALA A CA    1 
ATOM   1008 C  C     . ALA A 1 143 ? -11.250 -10.030 -1.809  1.00 24.66  ? 139 ALA A C     1 
ATOM   1009 O  O     . ALA A 1 143 ? -10.171 -10.299 -1.277  1.00 24.78  ? 139 ALA A O     1 
ATOM   1010 C  CB    . ALA A 1 143 ? -11.165 -8.250  -3.574  1.00 24.53  ? 139 ALA A CB    1 
ATOM   1011 N  N     . LYS A 1 144 ? -12.400 -9.972  -1.136  1.00 24.73  ? 140 LYS A N     1 
ATOM   1012 C  CA    . LYS A 1 144 ? -12.483 -10.294 0.290   1.00 24.70  ? 140 LYS A CA    1 
ATOM   1013 C  C     . LYS A 1 144 ? -12.142 -11.764 0.558   1.00 24.61  ? 140 LYS A C     1 
ATOM   1014 O  O     . LYS A 1 144 ? -11.501 -12.087 1.558   1.00 24.90  ? 140 LYS A O     1 
ATOM   1015 C  CB    . LYS A 1 144 ? -13.867 -9.951  0.843   1.00 24.75  ? 140 LYS A CB    1 
ATOM   1016 N  N     . GLN A 1 145 ? -12.566 -12.645 -0.344  1.00 24.49  ? 141 GLN A N     1 
ATOM   1017 C  CA    . GLN A 1 145 ? -12.269 -14.068 -0.235  1.00 24.10  ? 141 GLN A CA    1 
ATOM   1018 C  C     . GLN A 1 145 ? -10.798 -14.377 -0.515  1.00 23.96  ? 141 GLN A C     1 
ATOM   1019 O  O     . GLN A 1 145 ? -10.221 -15.245 0.138   1.00 24.14  ? 141 GLN A O     1 
ATOM   1020 C  CB    . GLN A 1 145 ? -13.182 -14.880 -1.150  1.00 24.31  ? 141 GLN A CB    1 
ATOM   1021 N  N     . PHE A 1 146 ? -10.194 -13.679 -1.481  1.00 23.67  ? 142 PHE A N     1 
ATOM   1022 C  CA    . PHE A 1 146 ? -8.747  -13.794 -1.728  1.00 23.24  ? 142 PHE A CA    1 
ATOM   1023 C  C     . PHE A 1 146 ? -7.968  -13.377 -0.482  1.00 23.25  ? 142 PHE A C     1 
ATOM   1024 O  O     . PHE A 1 146 ? -7.039  -14.072 -0.059  1.00 22.88  ? 142 PHE A O     1 
ATOM   1025 C  CB    . PHE A 1 146 ? -8.318  -12.947 -2.937  1.00 23.04  ? 142 PHE A CB    1 
ATOM   1026 C  CG    . PHE A 1 146 ? -6.844  -13.061 -3.284  1.00 23.07  ? 142 PHE A CG    1 
ATOM   1027 C  CD1   . PHE A 1 146 ? -6.371  -14.125 -4.056  1.00 22.31  ? 142 PHE A CD1   1 
ATOM   1028 C  CD2   . PHE A 1 146 ? -5.931  -12.088 -2.857  1.00 22.80  ? 142 PHE A CD2   1 
ATOM   1029 C  CE1   . PHE A 1 146 ? -5.009  -14.225 -4.387  1.00 22.27  ? 142 PHE A CE1   1 
ATOM   1030 C  CE2   . PHE A 1 146 ? -4.564  -12.181 -3.176  1.00 22.13  ? 142 PHE A CE2   1 
ATOM   1031 C  CZ    . PHE A 1 146 ? -4.104  -13.246 -3.945  1.00 22.11  ? 142 PHE A CZ    1 
ATOM   1032 N  N     . ALA A 1 147 ? -8.370  -12.248 0.106   1.00 23.31  ? 143 ALA A N     1 
ATOM   1033 C  CA    . ALA A 1 147 ? -7.732  -11.721 1.314   1.00 23.86  ? 143 ALA A CA    1 
ATOM   1034 C  C     . ALA A 1 147 ? -7.861  -12.673 2.502   1.00 24.11  ? 143 ALA A C     1 
ATOM   1035 O  O     . ALA A 1 147 ? -6.895  -12.890 3.229   1.00 24.21  ? 143 ALA A O     1 
ATOM   1036 C  CB    . ALA A 1 147 ? -8.298  -10.350 1.664   1.00 23.83  ? 143 ALA A CB    1 
ATOM   1037 N  N     . GLU A 1 148 ? -9.054  -13.240 2.683   1.00 24.73  ? 144 GLU A N     1 
ATOM   1038 C  CA    . GLU A 1 148 ? -9.327  -14.160 3.791   1.00 25.07  ? 144 GLU A CA    1 
ATOM   1039 C  C     . GLU A 1 148 ? -8.523  -15.449 3.655   1.00 25.46  ? 144 GLU A C     1 
ATOM   1040 O  O     . GLU A 1 148 ? -7.943  -15.918 4.631   1.00 25.53  ? 144 GLU A O     1 
ATOM   1041 C  CB    . GLU A 1 148 ? -10.825 -14.452 3.896   1.00 25.18  ? 144 GLU A CB    1 
ATOM   1042 N  N     . GLU A 1 149 ? -8.476  -16.001 2.439   1.00 25.80  ? 145 GLU A N     1 
ATOM   1043 C  CA    . GLU A 1 149 ? -7.657  -17.183 2.123   1.00 26.13  ? 145 GLU A CA    1 
ATOM   1044 C  C     . GLU A 1 149 ? -6.188  -17.011 2.499   1.00 26.12  ? 145 GLU A C     1 
ATOM   1045 O  O     . GLU A 1 149 ? -5.541  -17.953 2.964   1.00 26.16  ? 145 GLU A O     1 
ATOM   1046 C  CB    . GLU A 1 149 ? -7.723  -17.497 0.624   1.00 26.11  ? 145 GLU A CB    1 
ATOM   1047 C  CG    . GLU A 1 149 ? -8.592  -18.678 0.244   1.00 26.49  ? 145 GLU A CG    1 
ATOM   1048 C  CD    . GLU A 1 149 ? -8.322  -19.182 -1.169  1.00 26.50  ? 145 GLU A CD    1 
ATOM   1049 O  OE1   . GLU A 1 149 ? -7.278  -18.833 -1.767  1.00 26.13  ? 145 GLU A OE1   1 
ATOM   1050 O  OE2   . GLU A 1 149 ? -9.167  -19.933 -1.686  1.00 27.51  ? 145 GLU A OE2   1 
ATOM   1051 N  N     . ASN A 1 150 ? -5.667  -15.808 2.269   1.00 26.26  ? 146 ASN A N     1 
ATOM   1052 C  CA    . ASN A 1 150 ? -4.239  -15.535 2.392   1.00 26.20  ? 146 ASN A CA    1 
ATOM   1053 C  C     . ASN A 1 150 ? -3.878  -14.810 3.693   1.00 26.21  ? 146 ASN A C     1 
ATOM   1054 O  O     . ASN A 1 150 ? -2.720  -14.431 3.907   1.00 26.01  ? 146 ASN A O     1 
ATOM   1055 C  CB    . ASN A 1 150 ? -3.762  -14.750 1.165   1.00 26.32  ? 146 ASN A CB    1 
ATOM   1056 C  CG    . ASN A 1 150 ? -3.824  -15.574 -0.115  1.00 26.89  ? 146 ASN A CG    1 
ATOM   1057 O  OD1   . ASN A 1 150 ? -2.987  -16.450 -0.337  1.00 27.73  ? 146 ASN A OD1   1 
ATOM   1058 N  ND2   . ASN A 1 150 ? -4.810  -15.290 -0.966  1.00 26.24  ? 146 ASN A ND2   1 
ATOM   1059 N  N     . GLY A 1 151 ? -4.881  -14.628 4.552   1.00 26.27  ? 147 GLY A N     1 
ATOM   1060 C  CA    . GLY A 1 151 ? -4.708  -13.991 5.857   1.00 26.48  ? 147 GLY A CA    1 
ATOM   1061 C  C     . GLY A 1 151 ? -4.295  -12.532 5.782   1.00 26.65  ? 147 GLY A C     1 
ATOM   1062 O  O     . GLY A 1 151 ? -3.491  -12.071 6.592   1.00 26.95  ? 147 GLY A O     1 
ATOM   1063 N  N     . LEU A 1 152 ? -4.845  -11.807 4.809   1.00 26.50  ? 148 LEU A N     1 
ATOM   1064 C  CA    . LEU A 1 152 ? -4.509  -10.403 4.612   1.00 26.27  ? 148 LEU A CA    1 
ATOM   1065 C  C     . LEU A 1 152 ? -5.630  -9.521  5.140   1.00 26.57  ? 148 LEU A C     1 
ATOM   1066 O  O     . LEU A 1 152 ? -6.784  -9.946  5.215   1.00 26.36  ? 148 LEU A O     1 
ATOM   1067 C  CB    . LEU A 1 152 ? -4.276  -10.100 3.124   1.00 26.05  ? 148 LEU A CB    1 
ATOM   1068 C  CG    . LEU A 1 152 ? -3.492  -11.091 2.248   1.00 25.54  ? 148 LEU A CG    1 
ATOM   1069 C  CD1   . LEU A 1 152 ? -3.566  -10.683 0.783   1.00 25.01  ? 148 LEU A CD1   1 
ATOM   1070 C  CD2   . LEU A 1 152 ? -2.039  -11.238 2.693   1.00 24.63  ? 148 LEU A CD2   1 
ATOM   1071 N  N     . LEU A 1 153 ? -5.283  -8.293  5.510   1.00 26.70  ? 149 LEU A N     1 
ATOM   1072 C  CA    . LEU A 1 153 ? -6.291  -7.271  5.751   1.00 27.50  ? 149 LEU A CA    1 
ATOM   1073 C  C     . LEU A 1 153 ? -6.768  -6.757  4.400   1.00 26.53  ? 149 LEU A C     1 
ATOM   1074 O  O     . LEU A 1 153 ? -6.039  -6.847  3.412   1.00 26.46  ? 149 LEU A O     1 
ATOM   1075 C  CB    . LEU A 1 153 ? -5.736  -6.178  6.665   1.00 27.25  ? 149 LEU A CB    1 
ATOM   1076 C  CG    . LEU A 1 153 ? -5.274  -6.626  8.053   1.00 28.34  ? 149 LEU A CG    1 
ATOM   1077 C  CD1   . LEU A 1 153 ? -4.749  -5.445  8.852   1.00 20.00  ? 149 LEU A CD1   1 
ATOM   1078 C  CD2   . LEU A 1 153 ? -6.405  -7.317  8.799   1.00 20.00  ? 149 LEU A CD2   1 
ATOM   1079 N  N     . PHE A 1 154 ? -7.990  -6.229  4.359   1.00 25.82  ? 150 PHE A N     1 
ATOM   1080 C  CA    . PHE A 1 154 ? -8.586  -5.765  3.111   1.00 25.20  ? 150 PHE A CA    1 
ATOM   1081 C  C     . PHE A 1 154 ? -9.462  -4.524  3.280   1.00 24.86  ? 150 PHE A C     1 
ATOM   1082 O  O     . PHE A 1 154 ? -10.391 -4.498  4.096   1.00 24.73  ? 150 PHE A O     1 
ATOM   1083 C  CB    . PHE A 1 154 ? -9.367  -6.899  2.423   1.00 25.01  ? 150 PHE A CB    1 
ATOM   1084 C  CG    . PHE A 1 154 ? -10.141 -6.459  1.201   1.00 24.95  ? 150 PHE A CG    1 
ATOM   1085 C  CD1   . PHE A 1 154 ? -9.504  -5.820  0.139   1.00 24.14  ? 150 PHE A CD1   1 
ATOM   1086 C  CD2   . PHE A 1 154 ? -11.508 -6.691  1.113   1.00 25.00  ? 150 PHE A CD2   1 
ATOM   1087 C  CE1   . PHE A 1 154 ? -10.217 -5.410  -0.975  1.00 24.12  ? 150 PHE A CE1   1 
ATOM   1088 C  CE2   . PHE A 1 154 ? -12.230 -6.288  -0.006  1.00 24.61  ? 150 PHE A CE2   1 
ATOM   1089 C  CZ    . PHE A 1 154 ? -11.582 -5.648  -1.050  1.00 24.43  ? 150 PHE A CZ    1 
ATOM   1090 N  N     . LEU A 1 155 ? -9.145  -3.498  2.493   1.00 24.45  ? 151 LEU A N     1 
ATOM   1091 C  CA    . LEU A 1 155 ? -9.971  -2.296  2.377   1.00 24.09  ? 151 LEU A CA    1 
ATOM   1092 C  C     . LEU A 1 155 ? -10.091 -1.845  0.925   1.00 23.76  ? 151 LEU A C     1 
ATOM   1093 O  O     . LEU A 1 155 ? -9.133  -1.928  0.150   1.00 23.34  ? 151 LEU A O     1 
ATOM   1094 C  CB    . LEU A 1 155 ? -9.404  -1.150  3.231   1.00 24.10  ? 151 LEU A CB    1 
ATOM   1095 C  CG    . LEU A 1 155 ? -9.567  -1.269  4.752   1.00 24.21  ? 151 LEU A CG    1 
ATOM   1096 C  CD1   . LEU A 1 155 ? -8.653  -0.307  5.482   1.00 24.10  ? 151 LEU A CD1   1 
ATOM   1097 C  CD2   . LEU A 1 155 ? -11.029 -1.080  5.193   1.00 24.94  ? 151 LEU A CD2   1 
ATOM   1098 N  N     . GLU A 1 156 ? -11.284 -1.392  0.559   1.00 23.55  ? 152 GLU A N     1 
ATOM   1099 C  CA    . GLU A 1 156 ? -11.466 -0.646  -0.676  1.00 23.45  ? 152 GLU A CA    1 
ATOM   1100 C  C     . GLU A 1 156 ? -11.313 0.827   -0.335  1.00 23.57  ? 152 GLU A C     1 
ATOM   1101 O  O     . GLU A 1 156 ? -11.891 1.311   0.642   1.00 23.36  ? 152 GLU A O     1 
ATOM   1102 C  CB    . GLU A 1 156 ? -12.826 -0.931  -1.320  1.00 23.40  ? 152 GLU A CB    1 
ATOM   1103 C  CG    . GLU A 1 156 ? -12.907 -2.286  -2.038  1.00 23.17  ? 152 GLU A CG    1 
ATOM   1104 C  CD    . GLU A 1 156 ? -14.132 -2.423  -2.942  1.00 23.28  ? 152 GLU A CD    1 
ATOM   1105 O  OE1   . GLU A 1 156 ? -15.006 -1.528  -2.923  1.00 22.33  ? 152 GLU A OE1   1 
ATOM   1106 O  OE2   . GLU A 1 156 ? -14.219 -3.432  -3.680  1.00 22.38  ? 152 GLU A OE2   1 
ATOM   1107 N  N     . ALA A 1 157 ? -10.514 1.526   -1.132  1.00 23.75  ? 153 ALA A N     1 
ATOM   1108 C  CA    . ALA A 1 157 ? -10.126 2.893   -0.821  1.00 24.21  ? 153 ALA A CA    1 
ATOM   1109 C  C     . ALA A 1 157 ? -10.123 3.799   -2.054  1.00 24.60  ? 153 ALA A C     1 
ATOM   1110 O  O     . ALA A 1 157 ? -10.281 3.333   -3.191  1.00 24.41  ? 153 ALA A O     1 
ATOM   1111 C  CB    . ALA A 1 157 ? -8.757  2.906   -0.137  1.00 24.08  ? 153 ALA A CB    1 
ATOM   1112 N  N     . SER A 1 158 ? -9.954  5.097   -1.810  1.00 25.03  ? 154 SER A N     1 
ATOM   1113 C  CA    . SER A 1 158 ? -9.849  6.081   -2.876  1.00 25.76  ? 154 SER A CA    1 
ATOM   1114 C  C     . SER A 1 158 ? -8.794  7.129   -2.537  1.00 26.28  ? 154 SER A C     1 
ATOM   1115 O  O     . SER A 1 158 ? -9.017  7.996   -1.679  1.00 26.33  ? 154 SER A O     1 
ATOM   1116 C  CB    . SER A 1 158 ? -11.207 6.751   -3.132  1.00 25.64  ? 154 SER A CB    1 
ATOM   1117 O  OG    . SER A 1 158 ? -11.072 7.881   -3.981  1.00 25.27  ? 154 SER A OG    1 
ATOM   1118 N  N     . ALA A 1 159 ? -7.653  7.047   -3.220  1.00 26.73  ? 155 ALA A N     1 
ATOM   1119 C  CA    . ALA A 1 159 ? -6.577  8.027   -3.073  1.00 27.26  ? 155 ALA A CA    1 
ATOM   1120 C  C     . ALA A 1 159 ? -7.036  9.426   -3.464  1.00 27.68  ? 155 ALA A C     1 
ATOM   1121 O  O     . ALA A 1 159 ? -6.504  10.419  -2.963  1.00 27.81  ? 155 ALA A O     1 
ATOM   1122 C  CB    . ALA A 1 159 ? -5.375  7.628   -3.901  1.00 27.15  ? 155 ALA A CB    1 
ATOM   1123 N  N     . LYS A 1 160 ? -8.021  9.490   -4.358  1.00 28.12  ? 156 LYS A N     1 
ATOM   1124 C  CA    . LYS A 1 160 ? -8.548  10.757  -4.854  1.00 28.52  ? 156 LYS A CA    1 
ATOM   1125 C  C     . LYS A 1 160 ? -9.371  11.499  -3.803  1.00 28.66  ? 156 LYS A C     1 
ATOM   1126 O  O     . LYS A 1 160 ? -9.154  12.689  -3.561  1.00 28.88  ? 156 LYS A O     1 
ATOM   1127 C  CB    . LYS A 1 160 ? -9.381  10.540  -6.117  1.00 28.53  ? 156 LYS A CB    1 
ATOM   1128 C  CG    . LYS A 1 160 ? -9.727  11.829  -6.838  1.00 29.51  ? 156 LYS A CG    1 
ATOM   1129 C  CD    . LYS A 1 160 ? -10.757 11.619  -7.933  1.00 30.85  ? 156 LYS A CD    1 
ATOM   1130 C  CE    . LYS A 1 160 ? -11.023 12.927  -8.657  1.00 32.23  ? 156 LYS A CE    1 
ATOM   1131 N  NZ    . LYS A 1 160 ? -12.285 12.874  -9.437  1.00 34.04  ? 156 LYS A NZ    1 
ATOM   1132 N  N     . THR A 1 161 ? -10.311 10.794  -3.183  1.00 28.84  ? 157 THR A N     1 
ATOM   1133 C  CA    . THR A 1 161 ? -11.224 11.410  -2.220  1.00 28.83  ? 157 THR A CA    1 
ATOM   1134 C  C     . THR A 1 161 ? -10.696 11.335  -0.791  1.00 29.15  ? 157 THR A C     1 
ATOM   1135 O  O     . THR A 1 161 ? -11.060 12.155  0.055   1.00 29.26  ? 157 THR A O     1 
ATOM   1136 C  CB    . THR A 1 161 ? -12.634 10.786  -2.285  1.00 28.68  ? 157 THR A CB    1 
ATOM   1137 O  OG1   . THR A 1 161 ? -12.592 9.442   -1.789  1.00 27.71  ? 157 THR A OG1   1 
ATOM   1138 C  CG2   . THR A 1 161 ? -13.166 10.797  -3.724  1.00 28.49  ? 157 THR A CG2   1 
ATOM   1139 N  N     . GLY A 1 162 ? -9.842  10.348  -0.531  1.00 29.49  ? 158 GLY A N     1 
ATOM   1140 C  CA    . GLY A 1 162 ? -9.273  10.132  0.797   1.00 29.79  ? 158 GLY A CA    1 
ATOM   1141 C  C     . GLY A 1 162 ? -9.994  9.055   1.585   1.00 30.22  ? 158 GLY A C     1 
ATOM   1142 O  O     . GLY A 1 162 ? -9.608  8.746   2.714   1.00 30.35  ? 158 GLY A O     1 
ATOM   1143 N  N     . GLU A 1 163 ? -11.043 8.488   0.992   1.00 30.60  ? 159 GLU A N     1 
ATOM   1144 C  CA    . GLU A 1 163 ? -11.845 7.442   1.628   1.00 31.21  ? 159 GLU A CA    1 
ATOM   1145 C  C     . GLU A 1 163 ? -11.078 6.164   1.971   1.00 31.19  ? 159 GLU A C     1 
ATOM   1146 O  O     . GLU A 1 163 ? -10.559 5.478   1.085   1.00 30.97  ? 159 GLU A O     1 
ATOM   1147 C  CB    . GLU A 1 163 ? -13.058 7.078   0.753   1.00 31.25  ? 159 GLU A CB    1 
ATOM   1148 C  CG    . GLU A 1 163 ? -13.914 5.929   1.275   1.00 31.75  ? 159 GLU A CG    1 
ATOM   1149 C  CD    . GLU A 1 163 ? -14.966 5.445   0.277   1.00 32.36  ? 159 GLU A CD    1 
ATOM   1150 O  OE1   . GLU A 1 163 ? -14.823 5.753   -0.920  1.00 33.94  ? 159 GLU A OE1   1 
ATOM   1151 O  OE2   . GLU A 1 163 ? -15.914 4.751   0.713   1.00 33.67  ? 159 GLU A OE2   1 
ATOM   1152 N  N     . ASN A 1 164 ? -11.024 5.878   3.265   1.00 31.14  ? 160 ASN A N     1 
ATOM   1153 C  CA    . ASN A 1 164 ? -10.339 4.723   3.852   1.00 31.32  ? 160 ASN A CA    1 
ATOM   1154 C  C     . ASN A 1 164 ? -8.791  4.722   3.724   1.00 31.28  ? 160 ASN A C     1 
ATOM   1155 O  O     . ASN A 1 164 ? -8.147  3.717   4.018   1.00 31.29  ? 160 ASN A O     1 
ATOM   1156 C  CB    . ASN A 1 164 ? -11.005 3.453   3.313   1.00 31.48  ? 160 ASN A CB    1 
ATOM   1157 C  CG    . ASN A 1 164 ? -12.373 3.277   3.968   1.00 32.05  ? 160 ASN A CG    1 
ATOM   1158 O  OD1   . ASN A 1 164 ? -12.623 3.775   5.069   1.00 32.14  ? 160 ASN A OD1   1 
ATOM   1159 N  ND2   . ASN A 1 164 ? -13.264 2.561   3.295   1.00 20.00  ? 160 ASN A ND2   1 
ATOM   1160 N  N     . VAL A 1 165 ? -8.185  5.861   3.298   1.00 31.26  ? 161 VAL A N     1 
ATOM   1161 C  CA    . VAL A 1 165 ? -6.703  5.947   3.103   1.00 31.41  ? 161 VAL A CA    1 
ATOM   1162 C  C     . VAL A 1 165 ? -5.968  6.000   4.448   1.00 31.58  ? 161 VAL A C     1 
ATOM   1163 O  O     . VAL A 1 165 ? -4.970  5.300   4.643   1.00 31.50  ? 161 VAL A O     1 
ATOM   1164 C  CB    . VAL A 1 165 ? -6.280  7.129   2.190   1.00 31.35  ? 161 VAL A CB    1 
ATOM   1165 C  CG1   . VAL A 1 165 ? -4.759  7.223   2.108   1.00 31.20  ? 161 VAL A CG1   1 
ATOM   1166 C  CG2   . VAL A 1 165 ? -6.878  6.969   0.794   1.00 30.97  ? 161 VAL A CG2   1 
ATOM   1167 N  N     . GLU A 1 166 ? -6.495  6.787   5.365   1.00 31.75  ? 162 GLU A N     1 
ATOM   1168 C  CA    . GLU A 1 166 ? -5.951  6.878   6.731   1.00 32.05  ? 162 GLU A CA    1 
ATOM   1169 C  C     . GLU A 1 166 ? -6.034  5.495   7.373   1.00 31.66  ? 162 GLU A C     1 
ATOM   1170 O  O     . GLU A 1 166 ? -5.069  4.993   7.955   1.00 31.57  ? 162 GLU A O     1 
ATOM   1171 C  CB    . GLU A 1 166 ? -6.722  7.905   7.567   1.00 32.42  ? 162 GLU A CB    1 
ATOM   1172 C  CG    . GLU A 1 166 ? -6.088  8.244   8.913   1.00 34.17  ? 162 GLU A CG    1 
ATOM   1173 C  CD    . GLU A 1 166 ? -5.034  9.335   8.818   1.00 36.66  ? 162 GLU A CD    1 
ATOM   1174 O  OE1   . GLU A 1 166 ? -5.189  10.263  7.991   1.00 38.34  ? 162 GLU A OE1   1 
ATOM   1175 O  OE2   . GLU A 1 166 ? -4.050  9.269   9.585   1.00 37.97  ? 162 GLU A OE2   1 
ATOM   1176 N  N     . ASP A 1 167 ? -7.208  4.867   7.279   1.00 31.38  ? 163 ASP A N     1 
ATOM   1177 C  CA    . ASP A 1 167 ? -7.439  3.523   7.819   1.00 31.30  ? 163 ASP A CA    1 
ATOM   1178 C  C     . ASP A 1 167 ? -6.501  2.475   7.224   1.00 31.08  ? 163 ASP A C     1 
ATOM   1179 O  O     . ASP A 1 167 ? -6.006  1.613   7.944   1.00 31.06  ? 163 ASP A O     1 
ATOM   1180 C  CB    . ASP A 1 167 ? -8.888  3.078   7.597   1.00 31.51  ? 163 ASP A CB    1 
ATOM   1181 C  CG    . ASP A 1 167 ? -9.896  4.036   8.199   1.00 32.13  ? 163 ASP A CG    1 
ATOM   1182 O  OD1   . ASP A 1 167 ? -10.014 5.173   7.697   1.00 33.06  ? 163 ASP A OD1   1 
ATOM   1183 O  OD2   . ASP A 1 167 ? -10.586 3.644   9.158   1.00 32.49  ? 163 ASP A OD2   1 
ATOM   1184 N  N     . ALA A 1 168 ? -6.268  2.550   5.915   1.00 30.88  ? 164 ALA A N     1 
ATOM   1185 C  CA    . ALA A 1 168 ? -5.360  1.627   5.236   1.00 30.73  ? 164 ALA A CA    1 
ATOM   1186 C  C     . ALA A 1 168 ? -4.026  1.512   5.981   1.00 30.69  ? 164 ALA A C     1 
ATOM   1187 O  O     . ALA A 1 168 ? -3.633  0.414   6.391   1.00 30.68  ? 164 ALA A O     1 
ATOM   1188 C  CB    . ALA A 1 168 ? -5.141  2.054   3.787   1.00 30.68  ? 164 ALA A CB    1 
ATOM   1189 N  N     . PHE A 1 169 ? -3.362  2.650   6.180   1.00 30.42  ? 165 PHE A N     1 
ATOM   1190 C  CA    . PHE A 1 169 ? -2.064  2.700   6.858   1.00 30.30  ? 165 PHE A CA    1 
ATOM   1191 C  C     . PHE A 1 169 ? -2.150  2.428   8.364   1.00 30.33  ? 165 PHE A C     1 
ATOM   1192 O  O     . PHE A 1 169 ? -1.271  1.766   8.922   1.00 30.33  ? 165 PHE A O     1 
ATOM   1193 C  CB    . PHE A 1 169 ? -1.377  4.046   6.601   1.00 30.26  ? 165 PHE A CB    1 
ATOM   1194 C  CG    . PHE A 1 169 ? -0.879  4.218   5.188   1.00 30.17  ? 165 PHE A CG    1 
ATOM   1195 C  CD1   . PHE A 1 169 ? -1.717  4.721   4.196   1.00 30.01  ? 165 PHE A CD1   1 
ATOM   1196 C  CD2   . PHE A 1 169 ? 0.432   3.880   4.853   1.00 29.86  ? 165 PHE A CD2   1 
ATOM   1197 C  CE1   . PHE A 1 169 ? -1.259  4.881   2.888   1.00 30.15  ? 165 PHE A CE1   1 
ATOM   1198 C  CE2   . PHE A 1 169 ? 0.901   4.038   3.551   1.00 29.67  ? 165 PHE A CE2   1 
ATOM   1199 C  CZ    . PHE A 1 169 ? 0.056   4.541   2.567   1.00 29.96  ? 165 PHE A CZ    1 
ATOM   1200 N  N     . LEU A 1 170 ? -3.206  2.927   9.008   1.00 30.25  ? 166 LEU A N     1 
ATOM   1201 C  CA    . LEU A 1 170 ? -3.371  2.807   10.462  1.00 30.43  ? 166 LEU A CA    1 
ATOM   1202 C  C     . LEU A 1 170 ? -3.742  1.403   10.930  1.00 30.58  ? 166 LEU A C     1 
ATOM   1203 O  O     . LEU A 1 170 ? -3.256  0.950   11.967  1.00 30.45  ? 166 LEU A O     1 
ATOM   1204 C  CB    . LEU A 1 170 ? -4.386  3.825   10.977  1.00 30.45  ? 166 LEU A CB    1 
ATOM   1205 N  N     . GLU A 1 171 ? -4.604  0.723   10.178  1.00 30.92  ? 167 GLU A N     1 
ATOM   1206 C  CA    . GLU A 1 171 ? -5.009  -0.647  10.513  1.00 31.53  ? 167 GLU A CA    1 
ATOM   1207 C  C     . GLU A 1 171 ? -3.840  -1.620  10.421  1.00 31.40  ? 167 GLU A C     1 
ATOM   1208 O  O     . GLU A 1 171 ? -3.696  -2.513  11.265  1.00 31.25  ? 167 GLU A O     1 
ATOM   1209 C  CB    . GLU A 1 171 ? -6.154  -1.121  9.612   1.00 31.79  ? 167 GLU A CB    1 
ATOM   1210 C  CG    . GLU A 1 171 ? -7.513  -0.518  9.950   1.00 33.60  ? 167 GLU A CG    1 
ATOM   1211 C  CD    . GLU A 1 171 ? -7.977  -0.863  11.353  1.00 36.06  ? 167 GLU A CD    1 
ATOM   1212 O  OE1   . GLU A 1 171 ? -7.792  -2.023  11.788  1.00 37.14  ? 167 GLU A OE1   1 
ATOM   1213 O  OE2   . GLU A 1 171 ? -8.529  0.035   12.024  1.00 37.58  ? 167 GLU A OE2   1 
ATOM   1214 N  N     . ALA A 1 172 ? -3.014  -1.439  9.392   1.00 31.33  ? 168 ALA A N     1 
ATOM   1215 C  CA    . ALA A 1 172 ? -1.777  -2.199  9.242   1.00 31.42  ? 168 ALA A CA    1 
ATOM   1216 C  C     . ALA A 1 172 ? -0.858  -2.006  10.452  1.00 31.52  ? 168 ALA A C     1 
ATOM   1217 O  O     . ALA A 1 172 ? -0.356  -2.983  11.018  1.00 31.42  ? 168 ALA A O     1 
ATOM   1218 C  CB    . ALA A 1 172 ? -1.065  -1.810  7.954   1.00 31.37  ? 168 ALA A CB    1 
ATOM   1219 N  N     . ALA A 1 173 ? -0.669  -0.749  10.853  1.00 31.59  ? 169 ALA A N     1 
ATOM   1220 C  CA    . ALA A 1 173 ? 0.210   -0.397  11.972  1.00 31.94  ? 169 ALA A CA    1 
ATOM   1221 C  C     . ALA A 1 173 ? -0.237  -0.988  13.313  1.00 32.23  ? 169 ALA A C     1 
ATOM   1222 O  O     . ALA A 1 173 ? 0.598   -1.431  14.106  1.00 32.10  ? 169 ALA A O     1 
ATOM   1223 C  CB    . ALA A 1 173 ? 0.358   1.115   12.078  1.00 31.80  ? 169 ALA A CB    1 
ATOM   1224 N  N     . LYS A 1 174 ? -1.545  -0.996  13.558  1.00 32.57  ? 170 LYS A N     1 
ATOM   1225 C  CA    . LYS A 1 174 ? -2.085  -1.538  14.806  1.00 33.20  ? 170 LYS A CA    1 
ATOM   1226 C  C     . LYS A 1 174 ? -1.865  -3.048  14.896  1.00 33.64  ? 170 LYS A C     1 
ATOM   1227 O  O     . LYS A 1 174 ? -1.584  -3.569  15.974  1.00 33.76  ? 170 LYS A O     1 
ATOM   1228 C  CB    . LYS A 1 174 ? -3.565  -1.178  14.972  1.00 33.01  ? 170 LYS A CB    1 
ATOM   1229 N  N     . LYS A 1 175 ? -1.972  -3.737  13.757  1.00 34.13  ? 171 LYS A N     1 
ATOM   1230 C  CA    . LYS A 1 175 ? -1.684  -5.172  13.681  1.00 34.62  ? 171 LYS A CA    1 
ATOM   1231 C  C     . LYS A 1 175 ? -0.194  -5.474  13.896  1.00 35.00  ? 171 LYS A C     1 
ATOM   1232 O  O     . LYS A 1 175 ? 0.157   -6.499  14.495  1.00 35.04  ? 171 LYS A O     1 
ATOM   1233 C  CB    . LYS A 1 175 ? -2.178  -5.755  12.354  1.00 34.55  ? 171 LYS A CB    1 
ATOM   1234 N  N     . ILE A 1 176 ? 0.672   -4.578  13.414  1.00 35.34  ? 172 ILE A N     1 
ATOM   1235 C  CA    . ILE A 1 176 ? 2.118   -4.643  13.689  1.00 35.74  ? 172 ILE A CA    1 
ATOM   1236 C  C     . ILE A 1 176 ? 2.398   -4.484  15.194  1.00 36.19  ? 172 ILE A C     1 
ATOM   1237 O  O     . ILE A 1 176 ? 3.451   -4.902  15.682  1.00 36.29  ? 172 ILE A O     1 
ATOM   1238 C  CB    . ILE A 1 176 ? 2.926   -3.589  12.860  1.00 35.59  ? 172 ILE A CB    1 
ATOM   1239 C  CG1   . ILE A 1 176 ? 2.736   -3.817  11.357  1.00 35.64  ? 172 ILE A CG1   1 
ATOM   1240 C  CG2   . ILE A 1 176 ? 4.420   -3.650  13.196  1.00 35.24  ? 172 ILE A CG2   1 
ATOM   1241 C  CD1   . ILE A 1 176 ? 3.243   -2.682  10.474  1.00 35.64  ? 172 ILE A CD1   1 
ATOM   1242 N  N     . TYR A 1 177 ? 1.431   -3.901  15.908  1.00 36.71  ? 173 TYR A N     1 
ATOM   1243 C  CA    . TYR A 1 177 ? 1.468   -3.691  17.366  1.00 36.97  ? 173 TYR A CA    1 
ATOM   1244 C  C     . TYR A 1 177 ? 2.507   -2.662  17.768  1.00 37.16  ? 173 TYR A C     1 
ATOM   1245 O  O     . TYR A 1 177 ? 2.241   -1.461  17.709  1.00 37.56  ? 173 TYR A O     1 
ATOM   1246 C  CB    . TYR A 1 177 ? 1.667   -5.007  18.128  1.00 36.85  ? 173 TYR A CB    1 
HETATM 1247 MG MG    . MG  B 2 .   ? 4.410   5.388   -8.943  1.00 9.53   ? 201 MG  A MG    1 
HETATM 1248 P  PB    . GDP C 3 .   ? 1.218   4.211   -9.736  1.00 20.41  ? 200 GDP A PB    1 
HETATM 1249 O  O1B   . GDP C 3 .   ? 0.738   2.916   -9.130  1.00 20.62  ? 200 GDP A O1B   1 
HETATM 1250 O  O2B   . GDP C 3 .   ? 2.117   4.919   -8.750  1.00 20.16  ? 200 GDP A O2B   1 
HETATM 1251 O  O3B   . GDP C 3 .   ? 1.993   3.891   -11.004 1.00 21.12  ? 200 GDP A O3B   1 
HETATM 1252 O  O3A   . GDP C 3 .   ? -0.067  5.104   -10.112 1.00 21.88  ? 200 GDP A O3A   1 
HETATM 1253 P  PA    . GDP C 3 .   ? -0.267  6.680   -9.815  1.00 22.31  ? 200 GDP A PA    1 
HETATM 1254 O  O1A   . GDP C 3 .   ? -0.330  6.952   -8.335  1.00 23.26  ? 200 GDP A O1A   1 
HETATM 1255 O  O2A   . GDP C 3 .   ? 0.801   7.505   -10.481 1.00 23.45  ? 200 GDP A O2A   1 
HETATM 1256 O  "O5'" . GDP C 3 .   ? -1.695  6.972   -10.498 1.00 23.27  ? 200 GDP A "O5'" 1 
HETATM 1257 C  "C5'" . GDP C 3 .   ? -1.938  6.654   -11.874 1.00 22.69  ? 200 GDP A "C5'" 1 
HETATM 1258 C  "C4'" . GDP C 3 .   ? -3.138  7.452   -12.375 1.00 23.04  ? 200 GDP A "C4'" 1 
HETATM 1259 O  "O4'" . GDP C 3 .   ? -4.314  7.074   -11.643 1.00 23.67  ? 200 GDP A "O4'" 1 
HETATM 1260 C  "C3'" . GDP C 3 .   ? -2.966  8.950   -12.175 1.00 23.07  ? 200 GDP A "C3'" 1 
HETATM 1261 O  "O3'" . GDP C 3 .   ? -3.453  9.623   -13.341 1.00 23.90  ? 200 GDP A "O3'" 1 
HETATM 1262 C  "C2'" . GDP C 3 .   ? -3.838  9.275   -10.972 1.00 23.61  ? 200 GDP A "C2'" 1 
HETATM 1263 O  "O2'" . GDP C 3 .   ? -4.375  10.599  -11.035 1.00 23.59  ? 200 GDP A "O2'" 1 
HETATM 1264 C  "C1'" . GDP C 3 .   ? -4.927  8.213   -11.030 1.00 23.31  ? 200 GDP A "C1'" 1 
HETATM 1265 N  N9    . GDP C 3 .   ? -5.448  7.812   -9.697  1.00 23.48  ? 200 GDP A N9    1 
HETATM 1266 C  C8    . GDP C 3 .   ? -4.713  7.384   -8.651  1.00 23.36  ? 200 GDP A C8    1 
HETATM 1267 N  N7    . GDP C 3 .   ? -5.497  7.081   -7.587  1.00 23.03  ? 200 GDP A N7    1 
HETATM 1268 C  C5    . GDP C 3 .   ? -6.773  7.307   -7.956  1.00 23.25  ? 200 GDP A C5    1 
HETATM 1269 C  C6    . GDP C 3 .   ? -8.105  7.194   -7.318  1.00 22.84  ? 200 GDP A C6    1 
HETATM 1270 O  O6    . GDP C 3 .   ? -8.220  6.792   -6.147  1.00 23.16  ? 200 GDP A O6    1 
HETATM 1271 N  N1    . GDP C 3 .   ? -9.186  7.524   -8.035  1.00 23.64  ? 200 GDP A N1    1 
HETATM 1272 C  C2    . GDP C 3 .   ? -9.101  7.958   -9.312  1.00 23.41  ? 200 GDP A C2    1 
HETATM 1273 N  N2    . GDP C 3 .   ? -10.249 8.275   -9.958  1.00 23.37  ? 200 GDP A N2    1 
HETATM 1274 N  N3    . GDP C 3 .   ? -7.914  8.089   -9.966  1.00 23.17  ? 200 GDP A N3    1 
HETATM 1275 C  C4    . GDP C 3 .   ? -6.738  7.786   -9.349  1.00 23.33  ? 200 GDP A C4    1 
HETATM 1276 O  O     . HOH D 4 .   ? -0.683  -1.808  -15.388 1.00 12.93  ? 202 HOH A O     1 
HETATM 1277 O  O     . HOH D 4 .   ? -13.682 -1.406  2.406   1.00 21.42  ? 203 HOH A O     1 
HETATM 1278 O  O     . HOH D 4 .   ? -0.237  -13.570 -10.606 1.00 27.54  ? 204 HOH A O     1 
HETATM 1279 O  O     . HOH D 4 .   ? 3.712   7.040   -10.473 1.00 17.89  ? 205 HOH A O     1 
HETATM 1280 O  O     . HOH D 4 .   ? 8.123   -3.446  -6.650  1.00 35.46  ? 206 HOH A O     1 
HETATM 1281 O  O     . HOH D 4 .   ? 4.552   0.487   -10.812 1.00 21.81  ? 207 HOH A O     1 
HETATM 1282 O  O     . HOH D 4 .   ? 5.637   -2.549  -7.487  1.00 16.32  ? 208 HOH A O     1 
HETATM 1283 O  O     . HOH D 4 .   ? -11.907 -13.806 -7.930  1.00 26.19  ? 209 HOH A O     1 
HETATM 1284 O  O     . HOH D 4 .   ? -12.864 -5.075  -5.237  1.00 15.09  ? 210 HOH A O     1 
HETATM 1285 O  O     . HOH D 4 .   ? 6.194   -0.299  -6.317  1.00 14.61  ? 211 HOH A O     1 
HETATM 1286 O  O     . HOH D 4 .   ? 7.324   12.874  3.076   1.00 32.37  ? 212 HOH A O     1 
HETATM 1287 O  O     . HOH D 4 .   ? -18.190 -11.854 -6.787  1.00 23.03  ? 213 HOH A O     1 
HETATM 1288 O  O     . HOH D 4 .   ? 2.220   11.647  -6.779  1.00 33.91  ? 214 HOH A O     1 
HETATM 1289 O  O     . HOH D 4 .   ? -10.393 -12.970 -12.316 1.00 25.72  ? 215 HOH A O     1 
HETATM 1290 O  O     . HOH D 4 .   ? -8.316  -5.317  -16.823 1.00 24.22  ? 216 HOH A O     1 
HETATM 1291 O  O     . HOH D 4 .   ? 0.444   -10.586 6.500   1.00 33.19  ? 217 HOH A O     1 
HETATM 1292 O  O     . HOH D 4 .   ? 4.563   -2.174  -11.028 1.00 24.66  ? 218 HOH A O     1 
HETATM 1293 O  O     . HOH D 4 .   ? 6.084   12.351  0.554   1.00 32.07  ? 219 HOH A O     1 
HETATM 1294 O  O     . HOH D 4 .   ? -1.695  -4.876  -8.938  1.00 17.62  ? 220 HOH A O     1 
HETATM 1295 O  O     . HOH D 4 .   ? -10.743 -15.169 -9.912  1.00 27.45  ? 221 HOH A O     1 
HETATM 1296 O  O     . HOH D 4 .   ? -13.695 -15.925 -7.221  1.00 36.25  ? 222 HOH A O     1 
HETATM 1297 O  O     . HOH D 4 .   ? 5.834   -9.970  2.368   1.00 49.47  ? 223 HOH A O     1 
HETATM 1298 O  O     . HOH D 4 .   ? 2.423   -7.301  -13.013 1.00 22.09  ? 224 HOH A O     1 
HETATM 1299 O  O     . HOH D 4 .   ? 5.998   -6.479  10.887  1.00 23.63  ? 225 HOH A O     1 
HETATM 1300 O  O     . HOH D 4 .   ? 14.796  -8.330  -0.534  1.00 27.19  ? 226 HOH A O     1 
HETATM 1301 O  O     . HOH D 4 .   ? 10.433  -1.719  9.808   1.00 24.35  ? 227 HOH A O     1 
HETATM 1302 O  O     . HOH D 4 .   ? -2.512  -4.776  -15.523 1.00 23.11  ? 228 HOH A O     1 
HETATM 1303 O  O     . HOH D 4 .   ? -13.686 -9.492  4.026   1.00 58.68  ? 229 HOH A O     1 
HETATM 1304 O  O     . HOH D 4 .   ? -5.404  1.552   15.000  1.00 63.85  ? 230 HOH A O     1 
HETATM 1305 O  O     . HOH D 4 .   ? 7.302   1.972   20.174  1.00 51.95  ? 231 HOH A O     1 
HETATM 1306 O  O     . HOH D 4 .   ? -3.062  6.523   11.470  1.00 71.02  ? 232 HOH A O     1 
HETATM 1307 O  O     . HOH D 4 .   ? 2.673   11.570  19.117  1.00 77.32  ? 233 HOH A O     1 
HETATM 1308 O  O     . HOH D 4 .   ? 5.700   -7.054  14.182  1.00 38.29  ? 234 HOH A O     1 
HETATM 1309 O  O     . HOH D 4 .   ? -14.140 1.359   -8.210  1.00 57.62  ? 235 HOH A O     1 
HETATM 1310 O  O     . HOH D 4 .   ? 7.671   12.301  9.532   1.00 26.96  ? 236 HOH A O     1 
HETATM 1311 O  O     . HOH D 4 .   ? 4.536   13.984  10.450  1.00 25.32  ? 237 HOH A O     1 
HETATM 1312 O  O     . HOH D 4 .   ? 8.577   -17.265 -2.172  1.00 36.70  ? 238 HOH A O     1 
HETATM 1313 O  O     . HOH D 4 .   ? 2.139   -16.630 -7.268  1.00 22.99  ? 239 HOH A O     1 
HETATM 1314 O  O     . HOH D 4 .   ? 6.383   6.445   -9.034  1.00 29.42  ? 240 HOH A O     1 
HETATM 1315 O  O     . HOH D 4 .   ? -14.440 -8.359  -15.279 1.00 27.80  ? 241 HOH A O     1 
HETATM 1316 O  O     . HOH D 4 .   ? 16.699  -5.013  6.774   1.00 33.80  ? 242 HOH A O     1 
HETATM 1317 O  O     . HOH D 4 .   ? -11.205 -20.717 -2.277  1.00 37.36  ? 243 HOH A O     1 
HETATM 1318 O  O     . HOH D 4 .   ? 3.921   -15.945 -9.210  1.00 27.46  ? 244 HOH A O     1 
HETATM 1319 O  O     . HOH D 4 .   ? -7.552  2.690   11.739  1.00 43.41  ? 245 HOH A O     1 
HETATM 1320 O  O     . HOH D 4 .   ? 12.488  9.313   20.630  1.00 23.64  ? 246 HOH A O     1 
HETATM 1321 O  O     . HOH D 4 .   ? 5.335   4.902   -11.264 1.00 31.13  ? 247 HOH A O     1 
HETATM 1322 O  O     . HOH D 4 .   ? 4.307   3.406   23.710  1.00 39.84  ? 248 HOH A O     1 
HETATM 1323 O  O     . HOH D 4 .   ? -15.536 -10.416 -17.048 1.00 32.26  ? 249 HOH A O     1 
HETATM 1324 O  O     . HOH D 4 .   ? 6.965   -2.549  -9.954  1.00 43.21  ? 250 HOH A O     1 
HETATM 1325 O  O     . HOH D 4 .   ? -2.202  9.190   13.972  1.00 38.93  ? 251 HOH A O     1 
HETATM 1326 O  O     . HOH D 4 .   ? -2.501  12.343  -10.223 1.00 32.65  ? 252 HOH A O     1 
HETATM 1327 O  O     . HOH D 4 .   ? -2.116  11.920  -13.838 1.00 43.65  ? 253 HOH A O     1 
HETATM 1328 O  O     . HOH D 4 .   ? -2.803  11.898  -3.610  1.00 32.76  ? 254 HOH A O     1 
HETATM 1329 O  O     . HOH D 4 .   ? 8.546   -4.593  -10.492 1.00 37.86  ? 255 HOH A O     1 
HETATM 1330 O  O     . HOH D 4 .   ? -10.868 -5.885  -17.331 1.00 47.83  ? 256 HOH A O     1 
HETATM 1331 O  O     . HOH D 4 .   ? 5.531   2.846   -9.701  1.00 33.40  ? 257 HOH A O     1 
HETATM 1332 O  O     . HOH D 4 .   ? -5.751  -3.655  -18.116 1.00 34.55  ? 258 HOH A O     1 
HETATM 1333 O  O     . HOH D 4 .   ? -14.117 10.715  -9.288  1.00 32.37  ? 259 HOH A O     1 
HETATM 1334 O  O     . HOH D 4 .   ? -9.617  6.862   6.320   1.00 33.54  ? 260 HOH A O     1 
HETATM 1335 O  O     . HOH D 4 .   ? 3.345   -0.229  19.553  1.00 50.25  ? 261 HOH A O     1 
HETATM 1336 O  O     . HOH D 4 .   ? 12.679  -6.169  -10.752 1.00 47.85  ? 262 HOH A O     1 
HETATM 1337 O  O     . HOH D 4 .   ? -1.980  13.386  -5.751  1.00 48.14  ? 263 HOH A O     1 
HETATM 1338 O  O     . HOH D 4 .   ? -8.427  9.014   5.158   1.00 31.73  ? 264 HOH A O     1 
HETATM 1339 O  O     . HOH D 4 .   ? 4.735   -9.107  -10.331 1.00 42.10  ? 265 HOH A O     1 
HETATM 1340 O  O     . HOH D 4 .   ? 3.065   -0.869  21.876  1.00 35.10  ? 266 HOH A O     1 
HETATM 1341 O  O     . HOH D 4 .   ? 5.911   7.168   21.963  1.00 37.07  ? 267 HOH A O     1 
HETATM 1342 O  O     . HOH D 4 .   ? 2.132   5.262   -13.264 1.00 38.32  ? 268 HOH A O     1 
HETATM 1343 O  O     . HOH D 4 .   ? -16.833 -6.358  -14.791 1.00 34.69  ? 269 HOH A O     1 
HETATM 1344 O  O     . HOH D 4 .   ? 21.023  -5.504  1.088   1.00 73.38  ? 270 HOH A O     1 
HETATM 1345 O  O     . HOH D 4 .   ? 20.998  1.190   -7.373  1.00 36.93  ? 271 HOH A O     1 
HETATM 1346 O  O     . HOH D 4 .   ? 4.308   -11.981 5.934   1.00 35.20  ? 272 HOH A O     1 
HETATM 1347 O  O     . HOH D 4 .   ? 11.021  8.472   -8.520  1.00 38.12  ? 273 HOH A O     1 
HETATM 1348 O  O     . HOH D 4 .   ? -18.619 -1.674  -14.646 1.00 33.19  ? 274 HOH A O     1 
HETATM 1349 O  O     . HOH D 4 .   ? 13.589  8.850   6.897   1.00 40.08  ? 275 HOH A O     1 
HETATM 1350 O  O     . HOH D 4 .   ? -3.780  -14.012 -8.940  1.00 37.24  ? 276 HOH A O     1 
HETATM 1351 O  O     . HOH D 4 .   ? 18.008  -0.610  3.690   1.00 37.15  ? 277 HOH A O     1 
HETATM 1352 O  O     . HOH D 4 .   ? -16.456 -12.782 0.313   1.00 34.19  ? 278 HOH A O     1 
HETATM 1353 O  O     . HOH D 4 .   ? 10.665  -5.148  10.225  1.00 34.93  ? 279 HOH A O     1 
HETATM 1354 O  O     . HOH D 4 .   ? -3.393  5.891   20.615  1.00 39.85  ? 280 HOH A O     1 
HETATM 1355 O  O     . HOH D 4 .   ? 19.398  -7.497  1.413   1.00 52.52  ? 281 HOH A O     1 
HETATM 1356 O  O     . HOH D 4 .   ? 2.977   16.265  -8.246  1.00 144.76 ? 282 HOH A O     1 
HETATM 1357 O  O     . HOH D 4 .   ? -18.340 -10.780 1.070   1.00 43.28  ? 283 HOH A O     1 
HETATM 1358 O  O     . HOH D 4 .   ? -16.832 1.638   -6.495  1.00 46.74  ? 284 HOH A O     1 
HETATM 1359 O  O     . HOH D 4 .   ? 13.934  5.699   -8.217  1.00 35.78  ? 285 HOH A O     1 
HETATM 1360 O  O     . HOH D 4 .   ? 8.386   3.538   24.357  1.00 51.09  ? 286 HOH A O     1 
HETATM 1361 O  O     . HOH D 4 .   ? -15.959 1.104   -1.922  1.00 39.94  ? 287 HOH A O     1 
HETATM 1362 O  O     . HOH D 4 .   ? 11.597  -14.756 2.676   1.00 53.17  ? 288 HOH A O     1 
HETATM 1363 O  O     . HOH D 4 .   ? 22.804  0.442   -5.912  1.00 36.46  ? 289 HOH A O     1 
# 
